data_6XKD
#
_entry.id   6XKD
#
_cell.length_a   102.350
_cell.length_b   102.350
_cell.length_c   172.891
_cell.angle_alpha   90.000
_cell.angle_beta   90.000
_cell.angle_gamma   120.000
#
_symmetry.space_group_name_H-M   'P 31'
#
loop_
_entity.id
_entity.type
_entity.pdbx_description
1 polymer 'Ectonucleotide pyrophosphatase/phosphodiesterase family member 1'
2 branched alpha-D-mannopyranose-(1-3)-beta-D-mannopyranose-(1-4)-2-acetamido-2-deoxy-beta-D-glucopyranose-(1-4)-2-acetamido-2-deoxy-beta-D-glucopyranose
3 non-polymer 2-acetamido-2-deoxy-beta-D-glucopyranose
4 non-polymer 'ZINC ION'
5 non-polymer 'CALCIUM ION'
6 non-polymer 'CHLORIDE ION'
7 non-polymer '{2-[1-(6,7-dimethoxyquinazolin-4-yl)piperidin-4-yl]ethyl}phosphonic acid'
8 water water
#
_entity_poly.entity_id   1
_entity_poly.type   'polypeptide(L)'
_entity_poly.pdbx_seq_one_letter_code
;WTNTSGSCRGRCFERTFSNCRCDAACVSLGNCCLDFQETCVEPTHIWTCNKFRCGEKRLSRFVCSCADDCKTHNDCCINY
SSVCQDKKSWVEETCESIDTPECPAEFESPPTLLFSLDGFRAEYLHTWGGLLPVISKLKNCGTYTKNMRPMYPTKTFPNH
YSIVTGLYPESHGIIDNKMYDPKMNASFSLKSKEKFNPLWYKGQPIWVTANHQEVKSGTYFWPGSDVEIDGILPDIYKVY
NGSVPFEERILAVLEWLQLPSHERPHFYTLYLEEPDSSGHSHGPVSSEVIKALQKVDRLVGMLMDGLKDLGLDKCLNLIL
ISDHGMEQGSCKKYVYLNKYLGDVNNVKVVYGPAARLRPTDVPETYYSFNYEALAKNLSCREPNQHFRPYLKPFLPKRLH
FAKSDRIEPLTFYLDPQWQLALNPSERKYCGSGFHGSDNLFSNMQALFIGYGPAFKHGAEVDSFENIEVYNLMCDLLGLI
PAPNNGSHGSLNHLLKKPIYNPSHPKEEGFLSQCPIKSTSNDLGCTCDPWIVPIKDFEKQLNLTTEDDDIYHMTVPYGRP
RILLKQHRVCLLQQQQFLTGYSLDLLMPLWASYTFLSNDQFSRDDFSNCLYQDLRIPLSPVHKCSYYKSNSKLSYGFLTP
PRLNRVSNHIYSEALLTSNIVPMYQSFQVIWHYLHDTLLQRYAHERNGINVVSGPVFDFDYDGRYDSLEILKQNSRVIRS
QEILIPTHFFIVLTSCKQLSETPLECSALESSAYILPHRPDNIESCTHGKRESSWVEELLTLHRARVTDVELITGLSFYQ
DRQESVSELLRLKTHLPIFSQED
;
_entity_poly.pdbx_strand_id   A,B
#
loop_
_chem_comp.id
_chem_comp.type
_chem_comp.name
_chem_comp.formula
BMA D-saccharide, beta linking beta-D-mannopyranose 'C6 H12 O6'
CA non-polymer 'CALCIUM ION' 'Ca 2'
CL non-polymer 'CHLORIDE ION' 'Cl -1'
IJE non-polymer '{2-[1-(6,7-dimethoxyquinazolin-4-yl)piperidin-4-yl]ethyl}phosphonic acid' 'C17 H24 N3 O5 P'
MAN D-saccharide, alpha linking alpha-D-mannopyranose 'C6 H12 O6'
NAG D-saccharide, beta linking 2-acetamido-2-deoxy-beta-D-glucopyranose 'C8 H15 N O6'
ZN non-polymer 'ZINC ION' 'Zn 2'
#
# COMPACT_ATOMS: atom_id res chain seq x y z
N LYS A 88 33.67 -13.66 17.49
CA LYS A 88 33.24 -12.42 16.75
C LYS A 88 32.03 -11.71 17.41
N SER A 89 32.18 -10.42 17.66
CA SER A 89 31.12 -9.58 18.25
C SER A 89 29.95 -9.37 17.29
N TRP A 90 28.80 -8.99 17.85
CA TRP A 90 27.56 -8.76 17.11
C TRP A 90 27.69 -7.65 16.08
N VAL A 91 28.43 -6.59 16.42
CA VAL A 91 28.65 -5.45 15.50
C VAL A 91 29.47 -5.86 14.27
N GLU A 92 30.32 -6.87 14.44
CA GLU A 92 31.27 -7.32 13.43
C GLU A 92 30.64 -8.12 12.28
N GLU A 93 29.47 -8.72 12.53
CA GLU A 93 28.79 -9.61 11.58
C GLU A 93 27.96 -8.88 10.52
N THR A 94 27.62 -9.60 9.46
CA THR A 94 26.69 -9.11 8.43
C THR A 94 25.23 -9.25 8.93
N CYS A 95 24.26 -8.78 8.13
CA CYS A 95 22.83 -8.87 8.50
C CYS A 95 22.27 -10.29 8.34
N GLU A 96 21.90 -10.88 9.48
CA GLU A 96 21.12 -12.11 9.50
C GLU A 96 19.64 -11.77 9.51
N SER A 97 18.86 -12.53 8.72
CA SER A 97 17.40 -12.44 8.76
C SER A 97 16.85 -13.23 9.95
N ILE A 98 15.69 -12.81 10.44
CA ILE A 98 15.04 -13.44 11.59
C ILE A 98 13.55 -13.65 11.27
N ASP A 99 13.30 -14.51 10.28
CA ASP A 99 11.95 -14.89 9.81
C ASP A 99 11.07 -15.49 10.90
N THR A 100 11.67 -16.37 11.71
CA THR A 100 11.06 -16.98 12.90
C THR A 100 11.93 -16.63 14.10
N PRO A 101 11.33 -16.37 15.28
CA PRO A 101 12.19 -16.17 16.44
C PRO A 101 13.01 -17.43 16.75
N GLU A 102 14.32 -17.25 16.83
CA GLU A 102 15.25 -18.32 17.20
C GLU A 102 15.59 -18.18 18.69
N CYS A 103 14.62 -18.56 19.53
CA CYS A 103 14.72 -18.44 20.99
C CYS A 103 15.15 -19.75 21.63
N PRO A 104 15.88 -19.69 22.77
CA PRO A 104 16.18 -20.94 23.45
C PRO A 104 14.96 -21.41 24.26
N ALA A 105 15.02 -22.65 24.76
CA ALA A 105 13.97 -23.18 25.63
C ALA A 105 14.00 -22.43 26.97
N GLU A 106 12.79 -22.18 27.48
CA GLU A 106 12.47 -21.24 28.59
C GLU A 106 11.85 -19.95 28.05
N PHE A 107 11.91 -19.76 26.72
CA PHE A 107 11.32 -18.60 26.04
C PHE A 107 10.17 -19.00 25.11
N GLU A 108 8.93 -18.79 25.59
CA GLU A 108 7.71 -19.10 24.82
C GLU A 108 7.47 -18.11 23.70
N SER A 109 7.99 -16.89 23.86
CA SER A 109 7.88 -15.82 22.87
C SER A 109 9.04 -14.83 23.04
N PRO A 110 9.31 -13.98 22.01
CA PRO A 110 10.31 -12.93 22.19
C PRO A 110 9.92 -11.92 23.29
N PRO A 111 10.87 -11.58 24.18
CA PRO A 111 10.67 -10.42 25.06
C PRO A 111 11.04 -9.12 24.35
N THR A 112 10.40 -8.03 24.75
CA THR A 112 10.54 -6.76 24.06
C THR A 112 11.23 -5.74 24.94
N LEU A 113 12.32 -5.15 24.43
CA LEU A 113 13.06 -4.11 25.14
C LEU A 113 12.91 -2.71 24.52
N LEU A 114 12.46 -1.76 25.34
CA LEU A 114 12.32 -0.34 24.95
C LEU A 114 13.47 0.51 25.51
N PHE A 115 14.61 0.40 24.86
CA PHE A 115 15.83 1.15 25.15
C PHE A 115 15.64 2.62 24.75
N SER A 116 15.78 3.53 25.72
CA SER A 116 15.77 4.98 25.44
C SER A 116 17.15 5.67 25.61
N LEU A 117 17.49 6.53 24.64
CA LEU A 117 18.70 7.38 24.71
C LEU A 117 18.30 8.84 24.62
N ASP A 118 18.31 9.54 25.76
CA ASP A 118 17.73 10.88 25.85
C ASP A 118 18.36 11.90 24.90
N GLY A 119 17.48 12.64 24.21
CA GLY A 119 17.87 13.74 23.31
C GLY A 119 18.73 13.34 22.13
N PHE A 120 18.48 12.14 21.61
CA PHE A 120 19.12 11.68 20.38
C PHE A 120 18.32 12.27 19.24
N ARG A 121 18.76 13.46 18.82
CA ARG A 121 18.26 14.15 17.65
C ARG A 121 18.34 13.21 16.45
N ALA A 122 17.23 13.11 15.71
CA ALA A 122 17.14 12.23 14.54
C ALA A 122 18.26 12.51 13.55
N GLU A 123 18.62 13.80 13.44
CA GLU A 123 19.71 14.30 12.62
C GLU A 123 21.06 13.66 12.95
N TYR A 124 21.33 13.41 14.24
CA TYR A 124 22.61 12.84 14.70
C TYR A 124 23.02 11.62 13.90
N LEU A 125 22.02 10.83 13.50
CA LEU A 125 22.22 9.62 12.69
C LEU A 125 22.41 9.94 11.21
N HIS A 126 21.65 10.92 10.70
CA HIS A 126 21.77 11.39 9.31
C HIS A 126 23.18 11.81 8.93
N THR A 127 23.90 12.42 9.86
CA THR A 127 25.29 12.82 9.65
C THR A 127 26.32 11.81 10.16
N TRP A 128 26.29 11.53 11.46
CA TRP A 128 27.38 10.83 12.16
C TRP A 128 27.23 9.30 12.21
N GLY A 129 26.29 8.77 11.41
CA GLY A 129 26.11 7.33 11.25
C GLY A 129 27.39 6.57 10.99
N GLY A 130 28.24 7.12 10.12
CA GLY A 130 29.54 6.51 9.81
C GLY A 130 30.50 6.42 10.97
N LEU A 131 30.21 7.20 12.02
CA LEU A 131 30.96 7.13 13.29
C LEU A 131 30.30 6.20 14.32
N LEU A 132 29.08 5.76 14.02
CA LEU A 132 28.32 4.92 14.96
C LEU A 132 27.96 3.55 14.35
N PRO A 133 28.93 2.60 14.30
CA PRO A 133 28.72 1.29 13.64
C PRO A 133 27.53 0.46 14.16
N VAL A 134 27.33 0.45 15.47
CA VAL A 134 26.28 -0.37 16.11
C VAL A 134 24.86 0.06 15.71
N ILE A 135 24.55 1.35 15.90
CA ILE A 135 23.24 1.92 15.57
C ILE A 135 22.99 1.79 14.07
N SER A 136 24.05 1.95 13.27
CA SER A 136 24.01 1.77 11.81
C SER A 136 23.63 0.37 11.39
N LYS A 137 24.23 -0.64 12.03
CA LYS A 137 23.84 -2.03 11.79
C LYS A 137 22.38 -2.25 12.21
N LEU A 138 21.98 -1.67 13.34
CA LEU A 138 20.59 -1.73 13.78
C LEU A 138 19.66 -1.11 12.74
N LYS A 139 20.03 0.07 12.25
CA LYS A 139 19.32 0.76 11.15
C LYS A 139 19.19 -0.15 9.92
N ASN A 140 20.30 -0.80 9.55
CA ASN A 140 20.38 -1.56 8.30
C ASN A 140 19.74 -2.92 8.34
N CYS A 141 19.85 -3.64 9.46
CA CYS A 141 19.20 -4.94 9.58
C CYS A 141 17.80 -4.81 10.23
N GLY A 142 17.38 -3.57 10.48
CA GLY A 142 16.10 -3.30 11.14
C GLY A 142 15.15 -2.37 10.41
N THR A 143 14.05 -2.06 11.09
CA THR A 143 13.05 -1.12 10.60
C THR A 143 13.36 0.22 11.22
N TYR A 144 13.68 1.17 10.35
CA TYR A 144 14.14 2.50 10.74
C TYR A 144 13.21 3.56 10.16
N THR A 145 13.28 4.76 10.72
CA THR A 145 12.64 5.94 10.15
C THR A 145 13.56 7.15 10.30
N LYS A 146 13.70 7.93 9.21
CA LYS A 146 14.54 9.13 9.21
C LYS A 146 14.15 10.13 10.31
N ASN A 147 12.84 10.29 10.55
CA ASN A 147 12.32 11.18 11.61
C ASN A 147 11.18 10.56 12.40
N MET A 148 11.30 10.58 13.73
CA MET A 148 10.15 10.28 14.59
C MET A 148 9.70 11.55 15.30
N ARG A 149 8.45 11.93 15.06
CA ARG A 149 7.91 13.19 15.55
C ARG A 149 7.49 13.07 17.01
N PRO A 150 8.17 13.81 17.91
CA PRO A 150 7.78 13.84 19.32
C PRO A 150 6.52 14.66 19.58
N MET A 151 6.17 14.83 20.85
CA MET A 151 5.00 15.61 21.26
C MET A 151 5.36 16.99 21.76
N TYR A 152 4.39 17.90 21.70
CA TYR A 152 4.54 19.20 22.32
C TYR A 152 4.11 19.14 23.80
N PRO A 153 4.94 19.63 24.73
CA PRO A 153 6.24 20.26 24.43
C PRO A 153 7.37 19.26 24.41
N THR A 154 8.40 19.53 23.60
CA THR A 154 9.46 18.57 23.29
C THR A 154 10.49 18.36 24.42
N LYS A 155 9.96 18.08 25.62
CA LYS A 155 10.73 17.83 26.84
C LYS A 155 10.73 16.32 27.18
N THR A 156 11.70 15.90 28.02
CA THR A 156 11.84 14.49 28.47
C THR A 156 10.57 13.84 29.01
N PHE A 157 10.07 14.39 30.12
CA PHE A 157 9.01 13.77 30.88
C PHE A 157 7.71 13.59 30.09
N PRO A 158 7.24 14.66 29.40
CA PRO A 158 6.02 14.49 28.59
C PRO A 158 6.15 13.44 27.48
N ASN A 159 7.35 13.31 26.93
CA ASN A 159 7.56 12.46 25.76
C ASN A 159 7.71 10.98 26.09
N HIS A 160 8.50 10.66 27.12
CA HIS A 160 8.65 9.28 27.59
C HIS A 160 7.33 8.73 28.08
N TYR A 161 6.57 9.58 28.79
CA TYR A 161 5.27 9.17 29.28
C TYR A 161 4.24 9.07 28.15
N SER A 162 4.41 9.88 27.10
CA SER A 162 3.62 9.75 25.87
C SER A 162 3.93 8.44 25.16
N ILE A 163 5.22 8.15 25.00
CA ILE A 163 5.69 6.89 24.41
C ILE A 163 4.97 5.70 25.03
N VAL A 164 4.93 5.66 26.37
CA VAL A 164 4.41 4.49 27.09
C VAL A 164 2.92 4.52 27.38
N THR A 165 2.22 5.61 27.06
CA THR A 165 0.75 5.61 27.19
C THR A 165 0.00 5.69 25.86
N GLY A 166 0.70 6.15 24.82
CA GLY A 166 0.08 6.43 23.52
C GLY A 166 -0.86 7.63 23.59
N LEU A 167 -0.66 8.46 24.62
CA LEU A 167 -1.45 9.67 24.84
C LEU A 167 -0.66 10.95 24.64
N TYR A 168 -1.35 11.97 24.14
CA TYR A 168 -0.85 13.33 24.13
C TYR A 168 -0.57 13.81 25.57
N PRO A 169 0.46 14.67 25.78
CA PRO A 169 0.69 15.26 27.10
C PRO A 169 -0.55 15.89 27.71
N GLU A 170 -1.30 16.68 26.93
CA GLU A 170 -2.57 17.25 27.38
C GLU A 170 -3.56 16.24 28.00
N SER A 171 -3.45 14.96 27.63
CA SER A 171 -4.35 13.93 28.14
C SER A 171 -3.73 13.04 29.21
N HIS A 172 -2.40 12.89 29.19
CA HIS A 172 -1.74 12.00 30.15
C HIS A 172 -1.26 12.68 31.44
N GLY A 173 -1.32 14.01 31.47
CA GLY A 173 -1.03 14.79 32.68
C GLY A 173 0.33 15.45 32.74
N ILE A 174 1.38 14.70 32.40
CA ILE A 174 2.76 15.22 32.47
C ILE A 174 3.03 16.20 31.32
N ILE A 175 2.73 17.46 31.58
CA ILE A 175 2.82 18.55 30.61
C ILE A 175 4.25 19.06 30.41
N ASP A 176 5.04 19.04 31.48
CA ASP A 176 6.43 19.51 31.44
C ASP A 176 7.15 18.97 32.67
N ASN A 177 8.48 18.92 32.58
CA ASN A 177 9.34 18.61 33.73
C ASN A 177 8.97 19.47 34.96
N LYS A 178 8.66 20.75 34.71
CA LYS A 178 8.11 21.69 35.71
C LYS A 178 6.68 22.14 35.33
N MET A 179 5.70 21.82 36.18
CA MET A 179 4.30 22.24 35.95
C MET A 179 3.55 22.54 37.26
N TYR A 180 2.38 23.18 37.13
CA TYR A 180 1.54 23.53 38.28
C TYR A 180 0.07 23.28 38.00
N ASP A 181 -0.58 22.52 38.89
CA ASP A 181 -2.03 22.24 38.81
C ASP A 181 -2.81 23.10 39.81
N PRO A 182 -3.68 24.01 39.31
CA PRO A 182 -4.44 24.88 40.22
C PRO A 182 -5.57 24.18 40.99
N LYS A 183 -6.15 23.12 40.40
CA LYS A 183 -7.18 22.30 41.07
C LYS A 183 -6.64 21.57 42.31
N MET A 184 -5.41 21.07 42.20
CA MET A 184 -4.69 20.43 43.30
C MET A 184 -3.98 21.42 44.23
N ASN A 185 -3.81 22.66 43.76
CA ASN A 185 -2.93 23.69 44.37
C ASN A 185 -1.44 23.24 44.53
N ALA A 186 -1.03 22.22 43.77
CA ALA A 186 0.32 21.64 43.89
C ALA A 186 1.25 21.96 42.72
N SER A 187 2.55 22.02 43.02
CA SER A 187 3.61 22.13 42.02
C SER A 187 4.22 20.77 41.70
N PHE A 188 5.06 20.72 40.67
CA PHE A 188 5.68 19.47 40.22
C PHE A 188 7.12 19.76 39.78
N SER A 189 8.07 19.19 40.52
CA SER A 189 9.48 19.18 40.12
C SER A 189 9.97 17.74 40.10
N LEU A 190 10.99 17.48 39.28
CA LEU A 190 11.70 16.20 39.32
C LEU A 190 12.52 16.11 40.61
N LYS A 191 13.02 17.27 41.03
CA LYS A 191 13.63 17.46 42.35
C LYS A 191 12.56 17.94 43.34
N SER A 192 11.66 17.01 43.70
CA SER A 192 10.53 17.27 44.61
C SER A 192 9.95 15.96 45.17
N LYS A 193 9.23 16.07 46.28
CA LYS A 193 8.44 14.97 46.84
C LYS A 193 7.25 14.64 45.93
N GLU A 194 6.61 15.68 45.41
CA GLU A 194 5.48 15.57 44.47
C GLU A 194 5.79 14.71 43.25
N LYS A 195 7.09 14.55 42.96
CA LYS A 195 7.59 13.74 41.83
C LYS A 195 7.05 12.31 41.84
N PHE A 196 6.72 11.80 43.01
CA PHE A 196 6.20 10.44 43.13
C PHE A 196 4.69 10.36 43.41
N ASN A 197 3.99 11.50 43.33
CA ASN A 197 2.55 11.56 43.60
C ASN A 197 1.72 11.01 42.42
N PRO A 198 0.91 9.95 42.67
CA PRO A 198 0.08 9.27 41.64
C PRO A 198 -1.05 10.11 41.00
N LEU A 199 -1.36 11.27 41.57
CA LEU A 199 -2.40 12.16 41.04
C LEU A 199 -2.03 12.80 39.69
N TRP A 200 -0.72 13.05 39.51
CA TRP A 200 -0.20 13.65 38.28
C TRP A 200 -0.39 12.76 37.04
N TYR A 201 0.17 11.55 37.12
CA TYR A 201 0.25 10.61 36.00
C TYR A 201 -1.11 10.02 35.67
N LYS A 202 -1.68 10.45 34.55
CA LYS A 202 -2.97 9.95 34.07
C LYS A 202 -2.74 8.86 33.03
N GLY A 203 -3.83 8.28 32.55
CA GLY A 203 -3.78 7.25 31.53
C GLY A 203 -3.30 5.93 32.09
N GLN A 204 -2.61 5.16 31.25
CA GLN A 204 -2.17 3.81 31.58
C GLN A 204 -0.92 3.46 30.78
N PRO A 205 0.23 3.44 31.46
CA PRO A 205 1.47 3.00 30.81
C PRO A 205 1.43 1.55 30.40
N ILE A 206 2.26 1.21 29.40
CA ILE A 206 2.40 -0.15 28.88
C ILE A 206 2.58 -1.24 29.96
N TRP A 207 3.38 -0.95 31.01
CA TRP A 207 3.62 -1.91 32.10
C TRP A 207 2.37 -2.14 32.96
N VAL A 208 1.59 -1.08 33.20
CA VAL A 208 0.28 -1.20 33.84
C VAL A 208 -0.62 -2.07 32.95
N THR A 209 -0.67 -1.74 31.65
CA THR A 209 -1.39 -2.51 30.64
C THR A 209 -0.97 -3.98 30.60
N ALA A 210 0.34 -4.23 30.75
CA ALA A 210 0.90 -5.59 30.80
C ALA A 210 0.53 -6.31 32.10
N ASN A 211 0.55 -5.57 33.21
CA ASN A 211 0.22 -6.08 34.54
C ASN A 211 -1.26 -6.49 34.61
N HIS A 212 -2.15 -5.59 34.20
CA HIS A 212 -3.59 -5.85 34.08
C HIS A 212 -3.95 -7.06 33.22
N GLN A 213 -2.96 -7.62 32.52
CA GLN A 213 -3.16 -8.74 31.61
C GLN A 213 -2.13 -9.85 31.83
N GLU A 214 -1.68 -10.00 33.07
CA GLU A 214 -0.71 -11.02 33.49
C GLU A 214 0.51 -11.14 32.57
N VAL A 215 1.25 -10.04 32.45
CA VAL A 215 2.54 -9.98 31.73
C VAL A 215 3.54 -9.22 32.60
N LYS A 216 4.62 -9.91 32.98
CA LYS A 216 5.66 -9.36 33.88
C LYS A 216 6.48 -8.30 33.12
N SER A 217 6.90 -7.25 33.83
CA SER A 217 7.54 -6.07 33.21
C SER A 217 8.62 -5.44 34.08
N GLY A 218 9.84 -5.32 33.53
CA GLY A 218 10.99 -4.82 34.28
C GLY A 218 11.67 -3.58 33.70
N THR A 219 11.52 -2.45 34.37
CA THR A 219 12.12 -1.16 33.95
C THR A 219 13.50 -0.94 34.57
N TYR A 220 14.35 -0.20 33.87
CA TYR A 220 15.53 0.39 34.49
C TYR A 220 15.58 1.90 34.26
N PHE A 221 14.89 2.63 35.16
CA PHE A 221 14.59 4.07 35.01
C PHE A 221 13.67 4.33 33.81
N TRP A 222 12.48 4.84 34.09
CA TRP A 222 11.60 5.36 33.05
C TRP A 222 10.59 6.29 33.69
N PRO A 223 10.42 7.52 33.16
CA PRO A 223 9.51 8.49 33.78
C PRO A 223 8.13 7.90 34.09
N GLY A 224 7.84 7.77 35.39
CA GLY A 224 6.60 7.15 35.88
C GLY A 224 6.70 5.71 36.35
N SER A 225 7.84 5.05 36.07
CA SER A 225 8.07 3.64 36.44
C SER A 225 8.16 3.38 37.95
N ASP A 226 8.69 4.35 38.70
CA ASP A 226 8.78 4.25 40.15
C ASP A 226 7.63 5.01 40.85
N VAL A 227 6.44 4.95 40.25
CA VAL A 227 5.30 5.72 40.73
C VAL A 227 4.06 4.82 40.76
N GLU A 228 3.31 4.92 41.85
CA GLU A 228 2.12 4.10 42.10
C GLU A 228 0.96 4.42 41.13
N ILE A 229 1.17 4.14 39.84
CA ILE A 229 0.17 4.45 38.83
C ILE A 229 -0.86 3.33 38.84
N ASP A 230 -2.11 3.69 39.17
CA ASP A 230 -3.23 2.73 39.33
C ASP A 230 -2.94 1.66 40.39
N GLY A 231 -2.03 1.98 41.31
CA GLY A 231 -1.54 1.03 42.30
C GLY A 231 -0.56 0.01 41.75
N ILE A 232 -0.19 0.15 40.48
CA ILE A 232 0.69 -0.79 39.80
C ILE A 232 2.11 -0.24 39.68
N LEU A 233 3.06 -1.03 40.16
CA LEU A 233 4.47 -0.83 39.85
C LEU A 233 4.88 -1.89 38.81
N PRO A 234 6.10 -1.76 38.23
CA PRO A 234 6.55 -2.86 37.37
C PRO A 234 7.10 -3.99 38.24
N ASP A 235 7.12 -5.19 37.67
CA ASP A 235 7.54 -6.38 38.40
C ASP A 235 9.04 -6.41 38.78
N ILE A 236 9.83 -5.62 38.06
CA ILE A 236 11.13 -5.16 38.50
C ILE A 236 11.18 -3.66 38.15
N TYR A 237 11.73 -2.84 39.05
CA TYR A 237 11.93 -1.43 38.77
C TYR A 237 13.17 -0.88 39.47
N LYS A 238 13.51 0.37 39.14
CA LYS A 238 14.58 1.08 39.81
C LYS A 238 14.15 2.52 40.03
N VAL A 239 14.22 2.96 41.28
CA VAL A 239 14.03 4.37 41.65
C VAL A 239 15.18 5.18 41.04
N TYR A 240 14.86 6.34 40.48
CA TYR A 240 15.83 7.09 39.69
C TYR A 240 17.03 7.64 40.46
N ASN A 241 18.17 6.96 40.27
CA ASN A 241 19.48 7.37 40.79
C ASN A 241 20.37 7.63 39.56
N GLY A 242 20.46 8.89 39.17
CA GLY A 242 21.17 9.30 37.96
C GLY A 242 22.65 8.97 37.85
N SER A 243 23.29 8.70 38.99
CA SER A 243 24.74 8.47 39.04
C SER A 243 25.16 7.01 38.86
N VAL A 244 24.17 6.12 38.70
CA VAL A 244 24.42 4.71 38.38
C VAL A 244 25.16 4.62 37.05
N PRO A 245 26.36 3.99 37.04
CA PRO A 245 27.08 3.73 35.78
C PRO A 245 26.20 3.13 34.66
N PHE A 246 26.47 3.55 33.41
CA PHE A 246 25.72 3.10 32.23
C PHE A 246 25.91 1.61 31.98
N GLU A 247 27.17 1.17 31.99
CA GLU A 247 27.56 -0.22 31.78
C GLU A 247 26.88 -1.17 32.78
N GLU A 248 26.54 -0.65 33.96
CA GLU A 248 25.77 -1.37 34.98
C GLU A 248 24.30 -1.57 34.61
N ARG A 249 23.68 -0.53 34.03
CA ARG A 249 22.28 -0.58 33.60
C ARG A 249 22.08 -1.60 32.47
N ILE A 250 23.09 -1.73 31.61
CA ILE A 250 23.08 -2.68 30.51
C ILE A 250 23.20 -4.12 31.07
N LEU A 251 24.11 -4.30 32.04
CA LEU A 251 24.34 -5.61 32.70
C LEU A 251 23.14 -6.13 33.48
N ALA A 252 22.51 -5.26 34.28
CA ALA A 252 21.39 -5.63 35.14
C ALA A 252 20.15 -6.07 34.35
N VAL A 253 19.92 -5.43 33.20
CA VAL A 253 18.86 -5.81 32.28
C VAL A 253 19.21 -7.16 31.65
N LEU A 254 20.48 -7.34 31.31
CA LEU A 254 20.98 -8.62 30.80
C LEU A 254 20.86 -9.74 31.82
N GLU A 255 20.83 -9.37 33.10
CA GLU A 255 20.63 -10.32 34.21
C GLU A 255 19.18 -10.78 34.30
N TRP A 256 18.23 -9.85 34.28
CA TRP A 256 16.79 -10.18 34.39
C TRP A 256 16.29 -11.08 33.26
N LEU A 257 16.97 -11.07 32.12
CA LEU A 257 16.70 -12.03 31.04
C LEU A 257 17.16 -13.45 31.40
N GLN A 258 18.11 -13.55 32.32
CA GLN A 258 18.58 -14.85 32.83
C GLN A 258 17.60 -15.45 33.87
N LEU A 259 16.79 -14.60 34.50
CA LEU A 259 15.78 -14.98 35.51
C LEU A 259 14.89 -16.15 35.11
N PRO A 260 14.45 -16.97 36.11
CA PRO A 260 13.55 -18.12 35.87
C PRO A 260 12.25 -17.74 35.16
N SER A 261 11.80 -18.63 34.29
CA SER A 261 10.62 -18.46 33.42
C SER A 261 9.32 -18.01 34.12
N HIS A 262 9.29 -18.08 35.45
CA HIS A 262 8.11 -17.71 36.23
C HIS A 262 8.13 -16.27 36.77
N GLU A 263 9.33 -15.73 37.05
CA GLU A 263 9.48 -14.36 37.60
C GLU A 263 10.31 -13.44 36.69
N ARG A 264 10.44 -13.81 35.42
CA ARG A 264 11.15 -13.02 34.41
C ARG A 264 10.18 -12.08 33.69
N PRO A 265 10.58 -10.80 33.48
CA PRO A 265 9.72 -9.91 32.69
C PRO A 265 9.66 -10.31 31.22
N HIS A 266 8.54 -9.97 30.58
CA HIS A 266 8.38 -10.11 29.12
C HIS A 266 8.61 -8.77 28.40
N PHE A 267 8.51 -7.67 29.16
CA PHE A 267 8.76 -6.31 28.65
C PHE A 267 9.77 -5.50 29.48
N TYR A 268 10.81 -5.03 28.82
CA TYR A 268 11.92 -4.32 29.48
C TYR A 268 12.04 -2.89 29.02
N THR A 269 12.59 -2.03 29.88
CA THR A 269 13.01 -0.69 29.48
C THR A 269 14.40 -0.38 30.01
N LEU A 270 15.21 0.22 29.14
CA LEU A 270 16.47 0.86 29.53
C LEU A 270 16.32 2.37 29.43
N TYR A 271 17.28 3.09 30.02
CA TYR A 271 17.38 4.55 29.87
C TYR A 271 18.83 5.03 30.02
N LEU A 272 19.23 5.94 29.14
CA LEU A 272 20.52 6.64 29.25
C LEU A 272 20.28 8.14 29.19
N GLU A 273 21.08 8.90 29.95
CA GLU A 273 20.99 10.37 29.94
C GLU A 273 21.66 11.00 28.71
N GLU A 274 22.54 10.25 28.05
CA GLU A 274 23.22 10.73 26.85
C GLU A 274 22.39 10.42 25.59
N PRO A 275 22.51 11.21 24.51
CA PRO A 275 23.41 12.37 24.41
C PRO A 275 22.82 13.70 24.91
N ASP A 276 21.75 13.65 25.70
CA ASP A 276 21.07 14.85 26.20
C ASP A 276 21.94 15.72 27.13
N SER A 277 22.75 15.10 27.98
CA SER A 277 23.66 15.83 28.90
C SER A 277 24.61 16.74 28.11
N SER A 278 25.37 16.12 27.19
CA SER A 278 26.28 16.81 26.29
C SER A 278 25.55 17.74 25.32
N GLY A 279 24.35 17.32 24.92
CA GLY A 279 23.47 18.15 24.09
C GLY A 279 23.22 19.50 24.73
N HIS A 280 22.96 19.50 26.04
CA HIS A 280 22.72 20.71 26.81
C HIS A 280 24.02 21.47 27.10
N SER A 281 24.98 20.78 27.72
CA SER A 281 26.25 21.36 28.18
C SER A 281 27.16 21.95 27.09
N HIS A 282 27.23 21.30 25.93
CA HIS A 282 28.13 21.73 24.84
C HIS A 282 27.46 22.04 23.51
N GLY A 283 26.13 21.91 23.45
CA GLY A 283 25.37 22.17 22.22
C GLY A 283 25.34 20.98 21.28
N PRO A 284 24.28 20.89 20.42
CA PRO A 284 24.09 19.72 19.56
C PRO A 284 25.21 19.44 18.56
N VAL A 285 26.02 20.44 18.22
CA VAL A 285 27.17 20.23 17.35
C VAL A 285 28.44 20.52 18.14
N SER A 286 29.14 19.45 18.51
CA SER A 286 30.31 19.52 19.38
C SER A 286 30.99 18.17 19.44
N SER A 287 32.32 18.17 19.60
CA SER A 287 33.07 16.93 19.81
C SER A 287 32.59 16.19 21.07
N GLU A 288 31.93 16.93 21.97
CA GLU A 288 31.27 16.31 23.14
C GLU A 288 30.12 15.38 22.75
N VAL A 289 29.14 15.88 21.99
CA VAL A 289 28.03 15.00 21.55
C VAL A 289 28.50 13.83 20.69
N ILE A 290 29.58 14.02 19.93
CA ILE A 290 30.17 12.93 19.14
C ILE A 290 30.68 11.86 20.10
N LYS A 291 31.38 12.29 21.15
CA LYS A 291 31.84 11.40 22.23
C LYS A 291 30.66 10.69 22.92
N ALA A 292 29.69 11.49 23.38
CA ALA A 292 28.46 10.98 23.96
C ALA A 292 27.84 9.91 23.04
N LEU A 293 27.68 10.24 21.76
CA LEU A 293 27.07 9.33 20.77
C LEU A 293 27.84 8.03 20.65
N GLN A 294 29.18 8.10 20.68
CA GLN A 294 30.04 6.92 20.53
C GLN A 294 30.08 6.02 21.79
N LYS A 295 29.82 6.60 22.96
CA LYS A 295 29.60 5.82 24.19
C LYS A 295 28.28 5.09 24.04
N VAL A 296 27.21 5.86 23.92
CA VAL A 296 25.86 5.40 23.59
C VAL A 296 25.89 4.26 22.56
N ASP A 297 26.70 4.46 21.50
CA ASP A 297 26.91 3.47 20.46
C ASP A 297 27.47 2.17 21.04
N ARG A 298 28.59 2.30 21.75
CA ARG A 298 29.34 1.15 22.28
C ARG A 298 28.56 0.39 23.35
N LEU A 299 27.73 1.10 24.11
CA LEU A 299 26.89 0.49 25.15
C LEU A 299 25.71 -0.28 24.58
N VAL A 300 25.21 0.16 23.44
CA VAL A 300 24.20 -0.57 22.69
C VAL A 300 24.87 -1.83 22.13
N GLY A 301 26.10 -1.68 21.64
CA GLY A 301 26.93 -2.80 21.18
C GLY A 301 27.12 -3.86 22.24
N MET A 302 27.39 -3.42 23.47
CA MET A 302 27.50 -4.28 24.65
C MET A 302 26.26 -5.14 24.84
N LEU A 303 25.09 -4.51 24.97
CA LEU A 303 23.79 -5.20 25.12
C LEU A 303 23.58 -6.23 24.02
N MET A 304 23.87 -5.81 22.79
CA MET A 304 23.81 -6.68 21.62
C MET A 304 24.79 -7.84 21.69
N ASP A 305 25.98 -7.60 22.22
CA ASP A 305 26.96 -8.67 22.47
C ASP A 305 26.56 -9.58 23.63
N GLY A 306 25.90 -8.98 24.63
CA GLY A 306 25.36 -9.70 25.78
C GLY A 306 24.19 -10.60 25.42
N LEU A 307 23.27 -10.08 24.62
CA LEU A 307 22.17 -10.86 24.05
C LEU A 307 22.71 -12.02 23.20
N LYS A 308 23.83 -11.76 22.49
CA LYS A 308 24.54 -12.78 21.71
C LYS A 308 25.06 -13.85 22.66
N ASP A 309 25.69 -13.41 23.75
CA ASP A 309 26.27 -14.30 24.74
C ASP A 309 25.22 -14.79 25.77
N LEU A 310 23.96 -14.81 25.33
CA LEU A 310 22.85 -15.39 26.08
C LEU A 310 21.94 -16.23 25.16
N GLY A 311 22.37 -16.34 23.89
CA GLY A 311 21.58 -17.02 22.83
C GLY A 311 20.27 -16.32 22.55
N LEU A 312 20.32 -15.04 22.25
CA LEU A 312 19.11 -14.22 22.11
C LEU A 312 19.16 -13.16 20.99
N ASP A 313 20.29 -13.07 20.27
CA ASP A 313 20.45 -12.07 19.18
C ASP A 313 19.42 -12.20 18.06
N LYS A 314 18.86 -13.41 17.95
CA LYS A 314 17.74 -13.70 17.07
C LYS A 314 16.47 -14.03 17.88
N CYS A 315 16.27 -13.33 19.00
CA CYS A 315 15.10 -13.59 19.86
C CYS A 315 14.48 -12.35 20.52
N LEU A 316 15.31 -11.39 20.93
CA LEU A 316 14.78 -10.14 21.52
C LEU A 316 14.29 -9.19 20.42
N ASN A 317 13.13 -8.57 20.67
CA ASN A 317 12.67 -7.43 19.89
C ASN A 317 13.14 -6.14 20.55
N LEU A 318 14.17 -5.52 19.97
CA LEU A 318 14.66 -4.21 20.44
C LEU A 318 13.96 -3.03 19.77
N ILE A 319 13.67 -2.00 20.57
CA ILE A 319 13.30 -0.70 20.04
C ILE A 319 14.27 0.31 20.63
N LEU A 320 15.18 0.80 19.79
CA LEU A 320 15.99 1.97 20.14
C LEU A 320 15.17 3.22 19.83
N ILE A 321 15.11 4.15 20.79
CA ILE A 321 14.19 5.27 20.68
C ILE A 321 14.77 6.52 21.37
N SER A 322 14.09 7.65 21.23
CA SER A 322 14.37 8.85 22.02
C SER A 322 13.16 9.75 22.15
N ASP A 323 13.23 10.63 23.15
CA ASP A 323 12.11 11.48 23.56
C ASP A 323 11.88 12.66 22.62
N HIS A 324 12.97 13.26 22.16
CA HIS A 324 12.98 14.54 21.44
C HIS A 324 14.39 14.77 20.88
N GLY A 325 14.56 15.86 20.13
CA GLY A 325 15.86 16.23 19.62
C GLY A 325 16.55 17.29 20.46
N MET A 326 17.40 18.08 19.80
CA MET A 326 18.28 19.02 20.46
C MET A 326 18.55 20.21 19.53
N GLU A 327 18.35 21.42 20.04
CA GLU A 327 18.59 22.64 19.29
C GLU A 327 19.71 23.46 19.94
N GLN A 328 20.45 24.18 19.10
CA GLN A 328 21.54 25.05 19.56
C GLN A 328 21.03 26.32 20.24
N GLY A 329 21.63 26.63 21.38
CA GLY A 329 21.28 27.78 22.22
C GLY A 329 21.81 29.14 21.75
N SER A 330 21.29 30.17 22.38
CA SER A 330 21.09 31.47 21.76
C SER A 330 21.91 32.62 22.34
N CYS A 331 21.48 33.12 23.50
CA CYS A 331 21.86 34.44 24.06
C CYS A 331 21.42 35.60 23.17
N LYS A 332 21.91 35.62 21.93
CA LYS A 332 21.49 36.57 20.90
C LYS A 332 20.09 36.26 20.35
N LYS A 333 19.51 35.12 20.74
CA LYS A 333 18.15 34.73 20.31
C LYS A 333 17.25 34.28 21.50
N TYR A 334 17.06 35.16 22.46
CA TYR A 334 16.31 34.87 23.70
C TYR A 334 15.38 36.04 24.04
N VAL A 335 14.09 35.75 24.17
CA VAL A 335 13.09 36.78 24.46
C VAL A 335 12.93 36.99 25.96
N TYR A 336 13.09 38.25 26.39
CA TYR A 336 12.85 38.63 27.77
C TYR A 336 11.65 39.56 27.88
N LEU A 337 10.63 39.13 28.63
CA LEU A 337 9.39 39.90 28.80
C LEU A 337 9.46 41.09 29.78
N ASN A 338 10.64 41.33 30.37
CA ASN A 338 10.87 42.55 31.16
C ASN A 338 10.81 43.81 30.29
N LYS A 339 11.27 43.68 29.05
CA LYS A 339 11.27 44.76 28.05
C LYS A 339 9.89 45.30 27.73
N TYR A 340 8.88 44.44 27.90
CA TYR A 340 7.52 44.76 27.51
C TYR A 340 6.63 45.00 28.73
N LEU A 341 7.14 44.64 29.91
CA LEU A 341 6.37 44.70 31.18
C LEU A 341 7.03 45.46 32.35
N GLY A 342 8.30 45.84 32.20
CA GLY A 342 9.12 46.28 33.32
C GLY A 342 9.50 45.03 34.10
N ASP A 343 10.65 45.07 34.78
CA ASP A 343 11.11 43.90 35.55
C ASP A 343 10.25 43.65 36.81
N VAL A 344 9.01 43.22 36.57
CA VAL A 344 7.99 42.99 37.61
C VAL A 344 8.04 41.55 38.16
N ASN A 345 7.44 41.35 39.33
CA ASN A 345 7.38 40.02 39.96
C ASN A 345 5.96 39.65 40.45
N ASN A 346 5.00 39.73 39.53
CA ASN A 346 3.59 39.41 39.81
C ASN A 346 3.02 38.29 38.92
N VAL A 347 3.72 37.95 37.84
CA VAL A 347 3.42 36.78 37.01
C VAL A 347 4.60 35.83 36.95
N LYS A 348 4.34 34.53 37.16
CA LYS A 348 5.37 33.52 37.01
C LYS A 348 5.33 32.99 35.57
N VAL A 349 6.50 32.99 34.92
CA VAL A 349 6.63 32.62 33.51
C VAL A 349 7.62 31.48 33.34
N VAL A 350 7.14 30.37 32.78
CA VAL A 350 7.97 29.19 32.47
C VAL A 350 8.93 29.55 31.32
N TYR A 351 10.20 29.22 31.53
CA TYR A 351 11.27 29.60 30.61
C TYR A 351 11.52 28.54 29.52
N GLY A 352 12.34 28.91 28.53
CA GLY A 352 12.62 28.07 27.35
C GLY A 352 11.64 28.29 26.21
N PRO A 353 11.71 27.45 25.16
CA PRO A 353 10.86 27.56 23.95
C PRO A 353 9.40 27.10 24.16
N ALA A 354 9.12 26.52 25.31
CA ALA A 354 7.80 26.01 25.65
C ALA A 354 7.07 26.97 26.61
N ALA A 355 7.37 28.26 26.44
CA ALA A 355 7.02 29.30 27.43
C ALA A 355 5.53 29.46 27.71
N ARG A 356 5.20 29.49 29.00
CA ARG A 356 3.83 29.66 29.50
C ARG A 356 3.84 30.71 30.61
N LEU A 357 2.68 31.33 30.85
CA LEU A 357 2.54 32.42 31.83
C LEU A 357 1.30 32.27 32.71
N ARG A 358 1.50 32.50 34.01
CA ARG A 358 0.41 32.52 35.01
C ARG A 358 0.66 33.58 36.10
N PRO A 359 -0.42 34.04 36.78
CA PRO A 359 -0.27 34.92 37.95
C PRO A 359 0.48 34.30 39.14
N THR A 360 1.12 35.15 39.94
CA THR A 360 1.73 34.73 41.21
C THR A 360 0.63 34.41 42.23
N ASP A 361 -0.37 35.28 42.34
CA ASP A 361 -1.51 35.07 43.24
C ASP A 361 -2.40 33.92 42.76
N VAL A 362 -1.95 32.71 43.08
CA VAL A 362 -2.52 31.46 42.58
C VAL A 362 -2.68 30.49 43.77
N PRO A 363 -3.83 29.78 43.89
CA PRO A 363 -4.90 29.70 42.91
C PRO A 363 -6.04 30.71 43.11
N GLU A 364 -5.79 31.77 43.89
CA GLU A 364 -6.77 32.82 44.13
C GLU A 364 -7.21 33.53 42.84
N THR A 365 -6.24 33.91 42.00
CA THR A 365 -6.51 34.71 40.79
C THR A 365 -6.29 34.01 39.43
N TYR A 366 -6.22 32.67 39.44
CA TYR A 366 -5.93 31.88 38.23
C TYR A 366 -6.99 32.00 37.14
N TYR A 367 -8.24 31.72 37.49
CA TYR A 367 -9.36 31.81 36.56
C TYR A 367 -9.93 33.23 36.50
N SER A 368 -9.52 34.07 37.47
CA SER A 368 -9.90 35.48 37.53
C SER A 368 -9.11 36.30 36.50
N PHE A 369 -7.79 36.09 36.48
CA PHE A 369 -6.85 36.78 35.58
C PHE A 369 -7.40 36.92 34.17
N ASN A 370 -7.35 38.15 33.67
CA ASN A 370 -7.64 38.44 32.27
C ASN A 370 -6.35 38.33 31.44
N TYR A 371 -6.16 37.13 30.89
CA TYR A 371 -4.99 36.75 30.08
C TYR A 371 -5.04 37.41 28.71
N GLU A 372 -6.26 37.49 28.17
CA GLU A 372 -6.55 38.00 26.84
C GLU A 372 -5.89 39.34 26.54
N ALA A 373 -5.98 40.26 27.49
CA ALA A 373 -5.43 41.62 27.37
C ALA A 373 -3.91 41.65 27.41
N LEU A 374 -3.32 40.74 28.19
CA LEU A 374 -1.87 40.61 28.27
C LEU A 374 -1.27 40.10 26.96
N ALA A 375 -2.04 39.27 26.26
CA ALA A 375 -1.69 38.78 24.92
C ALA A 375 -1.71 39.89 23.87
N LYS A 376 -2.81 40.66 23.82
CA LYS A 376 -2.96 41.84 22.96
C LYS A 376 -1.85 42.86 23.22
N ASN A 377 -1.47 43.00 24.49
CA ASN A 377 -0.34 43.82 24.95
C ASN A 377 1.04 43.34 24.44
N LEU A 378 1.08 42.12 23.89
CA LEU A 378 2.35 41.48 23.52
C LEU A 378 2.51 41.01 22.06
N SER A 379 1.39 40.95 21.32
CA SER A 379 1.43 40.60 19.90
C SER A 379 1.79 41.84 19.06
N CYS A 380 2.50 41.61 17.95
CA CYS A 380 2.88 42.66 16.98
C CYS A 380 3.61 43.87 17.59
N ARG A 381 4.54 43.60 18.51
CA ARG A 381 5.28 44.64 19.25
C ARG A 381 6.70 44.90 18.74
N GLU A 382 7.10 44.22 17.68
CA GLU A 382 8.44 44.32 17.12
C GLU A 382 8.39 44.30 15.60
N PRO A 383 9.47 44.74 14.91
CA PRO A 383 9.49 44.58 13.44
C PRO A 383 9.43 43.11 13.04
N ASN A 384 10.40 42.32 13.52
CA ASN A 384 10.36 40.87 13.40
C ASN A 384 10.26 40.27 14.81
N GLN A 385 9.04 40.13 15.29
CA GLN A 385 8.76 39.58 16.61
C GLN A 385 8.91 38.06 16.55
N HIS A 386 10.01 37.57 17.13
CA HIS A 386 10.35 36.15 17.05
C HIS A 386 9.55 35.24 17.99
N PHE A 387 8.64 35.83 18.77
CA PHE A 387 7.74 35.06 19.63
C PHE A 387 6.30 35.46 19.38
N ARG A 388 5.35 34.66 19.84
CA ARG A 388 3.94 34.94 19.60
C ARG A 388 3.06 34.45 20.74
N PRO A 389 2.31 35.37 21.41
CA PRO A 389 1.31 35.00 22.41
C PRO A 389 0.18 34.18 21.82
N TYR A 390 -0.33 33.24 22.62
CA TYR A 390 -1.33 32.27 22.18
C TYR A 390 -2.12 31.77 23.38
N LEU A 391 -3.35 32.27 23.54
CA LEU A 391 -4.31 31.65 24.45
C LEU A 391 -4.48 30.19 24.07
N LYS A 392 -4.48 29.30 25.07
CA LYS A 392 -4.62 27.84 24.88
C LYS A 392 -5.41 27.35 23.64
N PRO A 393 -6.69 27.78 23.47
CA PRO A 393 -7.47 27.21 22.37
C PRO A 393 -7.03 27.66 20.97
N PHE A 394 -6.36 28.81 20.89
CA PHE A 394 -6.00 29.41 19.61
C PHE A 394 -4.63 28.99 19.08
N LEU A 395 -3.88 28.22 19.87
CA LEU A 395 -2.69 27.51 19.40
C LEU A 395 -3.06 26.58 18.24
N PRO A 396 -2.08 26.25 17.34
CA PRO A 396 -2.29 25.22 16.32
C PRO A 396 -2.75 23.90 16.95
N LYS A 397 -3.91 23.37 16.53
CA LYS A 397 -4.51 22.17 17.14
C LYS A 397 -3.66 20.90 16.99
N ARG A 398 -2.85 20.86 15.93
CA ARG A 398 -1.88 19.79 15.63
C ARG A 398 -0.91 19.46 16.77
N LEU A 399 -0.69 20.45 17.64
CA LEU A 399 0.16 20.34 18.83
C LEU A 399 -0.50 19.57 19.99
N HIS A 400 -1.83 19.71 20.09
CA HIS A 400 -2.66 19.09 21.12
C HIS A 400 -2.18 19.46 22.54
N PHE A 401 -2.35 20.74 22.85
CA PHE A 401 -1.79 21.34 24.06
C PHE A 401 -2.73 22.42 24.59
N ALA A 402 -3.86 21.99 25.15
CA ALA A 402 -4.91 22.88 25.69
C ALA A 402 -5.88 22.26 26.71
N LYS A 403 -6.15 20.96 26.62
CA LYS A 403 -7.19 20.33 27.46
C LYS A 403 -6.85 20.32 28.95
N SER A 404 -5.61 19.99 29.28
CA SER A 404 -5.15 19.95 30.66
C SER A 404 -5.17 21.33 31.32
N ASP A 405 -5.62 21.35 32.58
CA ASP A 405 -5.62 22.55 33.41
C ASP A 405 -4.23 22.90 33.95
N ARG A 406 -3.30 21.95 33.81
CA ARG A 406 -1.89 22.17 34.11
C ARG A 406 -1.24 23.09 33.08
N ILE A 407 -1.85 23.17 31.89
CA ILE A 407 -1.42 24.06 30.82
C ILE A 407 -1.93 25.47 31.11
N GLU A 408 -0.97 26.37 31.33
CA GLU A 408 -1.22 27.76 31.67
C GLU A 408 -1.92 28.47 30.50
N PRO A 409 -3.14 29.02 30.72
CA PRO A 409 -4.00 29.63 29.68
C PRO A 409 -3.33 30.63 28.73
N LEU A 410 -2.09 31.03 29.04
CA LEU A 410 -1.29 31.84 28.13
C LEU A 410 0.05 31.16 27.87
N THR A 411 0.23 30.76 26.61
CA THR A 411 1.47 30.15 26.11
C THR A 411 2.12 31.07 25.08
N PHE A 412 3.37 30.75 24.73
CA PHE A 412 4.08 31.45 23.68
C PHE A 412 4.63 30.45 22.68
N TYR A 413 4.17 30.56 21.43
CA TYR A 413 4.81 29.86 20.31
C TYR A 413 6.06 30.63 19.96
N LEU A 414 7.13 29.89 19.66
CA LEU A 414 8.42 30.49 19.33
C LEU A 414 9.03 29.98 18.03
N ASP A 415 9.93 30.79 17.47
CA ASP A 415 10.59 30.48 16.21
C ASP A 415 11.83 29.65 16.48
N PRO A 416 12.23 28.74 15.53
CA PRO A 416 13.39 27.87 15.74
C PRO A 416 14.60 28.61 16.32
N GLN A 417 15.23 27.96 17.31
CA GLN A 417 16.39 28.48 18.05
C GLN A 417 16.06 29.46 19.20
N TRP A 418 14.96 30.20 19.05
CA TRP A 418 14.57 31.22 20.03
C TRP A 418 13.95 30.64 21.28
N GLN A 419 14.34 31.18 22.44
CA GLN A 419 13.74 30.86 23.74
C GLN A 419 13.09 32.10 24.34
N LEU A 420 12.43 31.96 25.50
CA LEU A 420 11.79 33.08 26.20
C LEU A 420 11.76 32.90 27.72
N ALA A 421 12.08 33.97 28.45
CA ALA A 421 11.89 34.06 29.91
C ALA A 421 11.16 35.37 30.29
N LEU A 422 11.00 35.62 31.60
CA LEU A 422 10.51 36.90 32.09
C LEU A 422 11.66 37.91 32.28
N ASN A 423 12.80 37.42 32.74
CA ASN A 423 14.04 38.19 32.97
C ASN A 423 15.25 37.24 33.05
N PRO A 424 16.48 37.74 32.74
CA PRO A 424 17.66 36.85 32.87
C PRO A 424 17.94 36.48 34.32
N CYS A 430 22.07 31.08 28.63
CA CYS A 430 21.35 31.19 27.35
C CYS A 430 22.03 30.47 26.20
N GLY A 431 23.31 30.15 26.37
CA GLY A 431 24.10 29.56 25.27
C GLY A 431 24.16 28.04 25.29
N SER A 432 23.17 27.43 25.94
CA SER A 432 23.15 25.99 26.08
C SER A 432 22.35 25.34 24.99
N GLY A 433 22.71 24.10 24.67
CA GLY A 433 21.85 23.22 23.88
C GLY A 433 20.52 23.03 24.61
N PHE A 434 19.42 23.08 23.87
CA PHE A 434 18.08 23.01 24.44
C PHE A 434 17.09 22.25 23.55
N HIS A 435 15.88 22.08 24.06
CA HIS A 435 14.76 21.46 23.34
C HIS A 435 13.49 21.87 24.06
N GLY A 436 12.35 21.51 23.50
CA GLY A 436 11.05 21.94 24.00
C GLY A 436 10.25 22.65 22.94
N SER A 437 10.85 22.80 21.75
CA SER A 437 10.28 23.58 20.64
C SER A 437 9.07 22.90 19.96
N ASP A 438 8.64 23.44 18.82
CA ASP A 438 7.61 22.83 17.98
C ASP A 438 8.02 21.42 17.59
N ASN A 439 7.07 20.49 17.67
CA ASN A 439 7.33 19.08 17.35
C ASN A 439 7.54 18.82 15.86
N LEU A 440 7.28 19.83 15.04
CA LEU A 440 7.49 19.76 13.60
C LEU A 440 8.82 20.35 13.14
N PHE A 441 9.56 20.97 14.05
CA PHE A 441 10.91 21.46 13.72
C PHE A 441 11.83 20.28 13.47
N SER A 442 12.75 20.44 12.52
CA SER A 442 13.67 19.40 12.09
C SER A 442 14.55 18.85 13.22
N ASN A 443 15.06 19.75 14.06
CA ASN A 443 15.97 19.35 15.13
C ASN A 443 15.28 18.77 16.36
N MET A 444 13.95 18.87 16.43
CA MET A 444 13.20 18.29 17.53
C MET A 444 12.90 16.82 17.27
N GLN A 445 13.09 16.41 16.02
CA GLN A 445 12.83 15.04 15.57
C GLN A 445 13.71 14.03 16.28
N ALA A 446 13.11 12.90 16.60
CA ALA A 446 13.71 11.88 17.46
C ALA A 446 14.08 10.60 16.68
N LEU A 447 14.91 9.78 17.32
CA LEU A 447 15.33 8.48 16.79
C LEU A 447 14.28 7.38 17.02
N PHE A 448 14.11 6.50 16.02
CA PHE A 448 13.42 5.24 16.18
C PHE A 448 14.03 4.18 15.29
N ILE A 449 14.43 3.07 15.90
CA ILE A 449 14.85 1.89 15.17
C ILE A 449 14.20 0.68 15.85
N GLY A 450 13.73 -0.28 15.05
CA GLY A 450 13.19 -1.53 15.56
C GLY A 450 14.02 -2.68 15.03
N TYR A 451 14.72 -3.38 15.93
CA TYR A 451 15.43 -4.61 15.57
C TYR A 451 14.83 -5.85 16.21
N GLY A 452 15.03 -7.00 15.57
CA GLY A 452 14.59 -8.26 16.13
C GLY A 452 13.62 -9.00 15.22
N PRO A 453 13.12 -10.19 15.69
CA PRO A 453 12.31 -11.09 14.88
C PRO A 453 10.98 -10.49 14.39
N ALA A 454 10.40 -9.56 15.15
CA ALA A 454 9.13 -8.98 14.78
C ALA A 454 9.23 -7.96 13.67
N PHE A 455 10.34 -7.23 13.63
CA PHE A 455 10.54 -6.10 12.71
C PHE A 455 11.22 -6.50 11.40
N LYS A 456 10.95 -5.73 10.35
CA LYS A 456 11.53 -5.97 9.02
C LYS A 456 13.03 -5.65 8.96
N HIS A 457 13.75 -6.25 8.01
CA HIS A 457 15.20 -6.08 7.90
C HIS A 457 15.61 -5.13 6.78
N GLY A 458 15.99 -3.92 7.15
CA GLY A 458 16.44 -2.94 6.17
C GLY A 458 15.31 -2.16 5.54
N ALA A 459 14.26 -1.91 6.31
CA ALA A 459 13.12 -1.14 5.85
C ALA A 459 13.18 0.27 6.43
N GLU A 460 13.22 1.26 5.55
CA GLU A 460 12.99 2.64 5.96
C GLU A 460 11.51 2.94 5.78
N VAL A 461 10.85 3.28 6.88
CA VAL A 461 9.46 3.71 6.84
C VAL A 461 9.41 5.23 6.95
N ASP A 462 8.25 5.82 6.68
CA ASP A 462 8.05 7.27 6.78
C ASP A 462 8.06 7.74 8.23
N SER A 463 7.81 9.03 8.46
CA SER A 463 7.79 9.61 9.81
C SER A 463 6.48 9.37 10.53
N PHE A 464 6.56 9.12 11.84
CA PHE A 464 5.37 8.98 12.68
C PHE A 464 5.50 9.66 14.06
N GLU A 465 4.37 10.09 14.61
CA GLU A 465 4.27 10.54 16.01
C GLU A 465 4.65 9.38 16.95
N ASN A 466 5.36 9.67 18.04
CA ASN A 466 5.73 8.63 19.01
C ASN A 466 4.54 8.00 19.75
N ILE A 467 3.40 8.68 19.76
CA ILE A 467 2.16 8.14 20.35
C ILE A 467 1.61 6.88 19.65
N GLU A 468 2.13 6.60 18.47
CA GLU A 468 1.80 5.38 17.76
C GLU A 468 2.49 4.15 18.35
N VAL A 469 3.67 4.38 18.94
CA VAL A 469 4.54 3.33 19.51
C VAL A 469 3.86 2.42 20.53
N TYR A 470 3.02 3.00 21.41
CA TYR A 470 2.29 2.23 22.43
C TYR A 470 1.52 1.05 21.85
N ASN A 471 0.77 1.29 20.77
CA ASN A 471 0.00 0.24 20.10
C ASN A 471 0.87 -0.84 19.48
N LEU A 472 2.04 -0.45 18.97
CA LEU A 472 3.05 -1.39 18.46
C LEU A 472 3.58 -2.24 19.61
N MET A 473 3.84 -1.61 20.75
CA MET A 473 4.26 -2.31 21.97
C MET A 473 3.19 -3.26 22.55
N CYS A 474 1.93 -2.87 22.47
CA CYS A 474 0.83 -3.76 22.82
C CYS A 474 0.76 -4.98 21.90
N ASP A 475 0.95 -4.76 20.59
CA ASP A 475 0.96 -5.85 19.61
C ASP A 475 2.05 -6.87 19.92
N LEU A 476 3.25 -6.36 20.23
CA LEU A 476 4.45 -7.18 20.47
C LEU A 476 4.41 -8.00 21.76
N LEU A 477 3.55 -7.61 22.69
CA LEU A 477 3.40 -8.30 23.98
C LEU A 477 2.03 -8.94 24.10
N GLY A 478 1.36 -9.10 22.96
CA GLY A 478 0.02 -9.69 22.87
C GLY A 478 -1.00 -9.08 23.81
N LEU A 479 -0.94 -7.76 23.98
CA LEU A 479 -1.81 -7.02 24.89
C LEU A 479 -2.91 -6.29 24.14
N ILE A 480 -4.09 -6.24 24.75
CA ILE A 480 -5.16 -5.35 24.30
C ILE A 480 -4.85 -3.96 24.87
N PRO A 481 -4.60 -2.97 23.99
CA PRO A 481 -4.17 -1.63 24.42
C PRO A 481 -5.26 -0.86 25.16
N ALA A 482 -4.84 0.08 26.01
CA ALA A 482 -5.75 1.04 26.64
C ALA A 482 -6.22 2.05 25.60
N PRO A 483 -7.37 2.73 25.82
CA PRO A 483 -7.77 3.82 24.92
C PRO A 483 -6.67 4.91 24.82
N ASN A 484 -6.22 5.20 23.61
CA ASN A 484 -5.08 6.10 23.41
C ASN A 484 -5.17 6.89 22.10
N ASN A 485 -4.23 7.81 21.89
CA ASN A 485 -4.26 8.76 20.77
C ASN A 485 -3.60 8.26 19.50
N GLY A 486 -2.98 7.08 19.60
CA GLY A 486 -2.48 6.38 18.44
C GLY A 486 -3.64 5.90 17.60
N SER A 487 -3.44 5.89 16.28
CA SER A 487 -4.34 5.24 15.33
C SER A 487 -3.87 3.80 15.19
N HIS A 488 -4.54 2.89 15.90
CA HIS A 488 -4.06 1.51 16.06
C HIS A 488 -4.06 0.72 14.75
N GLY A 489 -2.85 0.39 14.30
CA GLY A 489 -2.66 -0.36 13.07
C GLY A 489 -1.85 0.38 12.04
N SER A 490 -1.65 1.67 12.27
CA SER A 490 -0.89 2.51 11.33
C SER A 490 0.59 2.11 11.24
N LEU A 491 1.09 1.40 12.24
CA LEU A 491 2.48 0.92 12.23
C LEU A 491 2.64 -0.54 11.79
N ASN A 492 1.56 -1.15 11.28
CA ASN A 492 1.57 -2.55 10.80
C ASN A 492 2.64 -2.84 9.75
N HIS A 493 2.99 -1.80 8.98
CA HIS A 493 4.03 -1.87 7.96
C HIS A 493 5.47 -2.00 8.53
N LEU A 494 5.65 -1.82 9.83
CA LEU A 494 6.94 -2.04 10.46
C LEU A 494 7.18 -3.54 10.68
N LEU A 495 6.07 -4.25 10.89
CA LEU A 495 6.07 -5.64 11.34
C LEU A 495 6.06 -6.68 10.22
N LYS A 496 6.79 -7.76 10.46
CA LYS A 496 6.81 -8.91 9.56
C LYS A 496 5.47 -9.64 9.69
N LYS A 497 5.06 -9.89 10.93
CA LYS A 497 3.78 -10.53 11.19
C LYS A 497 3.01 -9.58 12.11
N PRO A 498 2.20 -8.68 11.50
CA PRO A 498 1.39 -7.76 12.32
C PRO A 498 0.18 -8.47 12.86
N ILE A 499 -0.32 -7.99 13.99
CA ILE A 499 -1.38 -8.70 14.72
C ILE A 499 -2.75 -8.07 14.44
N TYR A 500 -2.85 -6.77 14.71
CA TYR A 500 -4.09 -6.03 14.58
C TYR A 500 -4.40 -5.74 13.12
N ASN A 501 -5.49 -6.32 12.60
CA ASN A 501 -5.95 -6.02 11.23
C ASN A 501 -7.08 -4.99 11.33
N PRO A 502 -6.76 -3.68 11.20
CA PRO A 502 -7.76 -2.65 11.53
C PRO A 502 -8.80 -2.49 10.45
N SER A 503 -9.98 -1.99 10.84
CA SER A 503 -11.03 -1.61 9.89
C SER A 503 -11.51 -0.19 10.17
N HIS A 504 -11.84 0.54 9.08
CA HIS A 504 -12.37 1.91 9.12
C HIS A 504 -13.47 2.12 10.15
N PRO A 505 -13.63 3.35 10.67
CA PRO A 505 -14.73 3.58 11.62
C PRO A 505 -16.08 3.58 10.90
N LYS A 506 -17.03 2.80 11.44
CA LYS A 506 -18.36 2.61 10.85
C LYS A 506 -19.11 3.92 10.93
N GLU A 507 -19.96 4.15 9.93
CA GLU A 507 -20.75 5.36 9.89
C GLU A 507 -21.90 5.29 10.89
N GLU A 508 -22.04 6.32 11.71
CA GLU A 508 -23.04 6.34 12.76
C GLU A 508 -24.11 7.43 12.56
N GLY A 509 -23.84 8.34 11.63
CA GLY A 509 -24.76 9.40 11.24
C GLY A 509 -25.98 8.89 10.51
N PHE A 510 -27.05 9.68 10.53
CA PHE A 510 -28.29 9.40 9.80
C PHE A 510 -28.31 10.16 8.48
N LEU A 511 -28.46 9.41 7.40
CA LEU A 511 -28.25 9.93 6.07
C LEU A 511 -29.47 9.74 5.18
N SER A 512 -30.51 10.55 5.40
CA SER A 512 -31.63 10.64 4.45
C SER A 512 -31.36 11.75 3.43
N GLN A 513 -31.88 11.58 2.22
CA GLN A 513 -31.67 12.53 1.12
C GLN A 513 -32.61 13.74 1.25
N CYS A 514 -32.23 14.85 0.61
CA CYS A 514 -33.01 16.09 0.65
C CYS A 514 -33.69 16.40 -0.70
N PRO A 515 -35.01 16.09 -0.82
CA PRO A 515 -35.75 16.49 -2.02
C PRO A 515 -36.15 17.97 -2.00
N ILE A 516 -36.78 18.44 -3.08
CA ILE A 516 -37.27 19.83 -3.18
C ILE A 516 -38.44 20.04 -2.19
N LYS A 517 -38.14 20.72 -1.08
CA LYS A 517 -39.11 20.90 0.02
C LYS A 517 -39.72 22.31 0.09
N SER A 518 -38.90 23.31 0.47
CA SER A 518 -39.38 24.67 0.73
C SER A 518 -39.70 25.50 -0.53
N THR A 519 -40.82 25.14 -1.16
CA THR A 519 -41.37 25.82 -2.34
C THR A 519 -42.11 27.10 -1.88
N SER A 520 -41.71 28.31 -2.28
CA SER A 520 -40.51 28.69 -3.07
C SER A 520 -40.32 30.20 -2.86
N ASN A 521 -39.18 30.59 -2.28
CA ASN A 521 -38.96 31.98 -1.84
C ASN A 521 -37.68 32.63 -2.37
N ASP A 522 -37.62 33.97 -2.35
CA ASP A 522 -36.41 34.72 -2.73
C ASP A 522 -35.88 35.68 -1.64
N LEU A 523 -34.57 35.97 -1.72
CA LEU A 523 -33.81 36.59 -0.64
C LEU A 523 -33.55 38.07 -0.90
N GLY A 524 -33.92 38.52 -2.11
CA GLY A 524 -33.77 39.91 -2.54
C GLY A 524 -32.35 40.45 -2.56
N CYS A 525 -31.42 39.70 -3.16
CA CYS A 525 -30.06 40.21 -3.45
C CYS A 525 -30.06 40.95 -4.78
N THR A 526 -29.12 41.89 -4.94
CA THR A 526 -29.03 42.69 -6.16
C THR A 526 -28.34 41.90 -7.30
N CYS A 527 -28.96 40.80 -7.69
CA CYS A 527 -28.44 39.92 -8.75
C CYS A 527 -28.89 40.40 -10.13
N GLU A 546 -24.94 9.50 -15.09
CA GLU A 546 -25.44 10.88 -15.06
C GLU A 546 -25.13 11.63 -13.73
N ASP A 547 -25.91 11.36 -12.69
CA ASP A 547 -25.63 11.80 -11.32
C ASP A 547 -24.42 11.07 -10.74
N ASP A 548 -24.36 9.76 -10.97
CA ASP A 548 -23.25 8.88 -10.58
C ASP A 548 -21.91 9.30 -11.20
N ASP A 549 -21.97 9.79 -12.44
CA ASP A 549 -20.81 10.35 -13.14
C ASP A 549 -20.39 11.68 -12.49
N ILE A 550 -21.38 12.44 -12.04
CA ILE A 550 -21.17 13.73 -11.39
C ILE A 550 -20.70 13.57 -9.93
N TYR A 551 -21.29 12.61 -9.21
CA TYR A 551 -20.92 12.29 -7.83
C TYR A 551 -19.49 11.80 -7.76
N HIS A 552 -19.16 10.78 -8.57
CA HIS A 552 -17.79 10.25 -8.60
C HIS A 552 -16.73 11.35 -8.79
N MET A 553 -17.06 12.35 -9.59
CA MET A 553 -16.14 13.46 -9.91
C MET A 553 -15.90 14.38 -8.73
N THR A 554 -16.96 14.65 -7.97
CA THR A 554 -16.90 15.52 -6.78
C THR A 554 -16.14 14.84 -5.64
N VAL A 555 -16.42 13.55 -5.41
CA VAL A 555 -15.77 12.78 -4.35
C VAL A 555 -15.02 11.58 -4.94
N PRO A 556 -13.88 11.82 -5.61
CA PRO A 556 -13.16 10.73 -6.28
C PRO A 556 -12.69 9.63 -5.34
N TYR A 557 -12.44 9.96 -4.08
CA TYR A 557 -11.92 9.01 -3.09
C TYR A 557 -13.00 8.38 -2.20
N GLY A 558 -14.25 8.62 -2.57
CA GLY A 558 -15.39 8.31 -1.72
C GLY A 558 -15.76 9.53 -0.90
N ARG A 559 -17.06 9.66 -0.59
CA ARG A 559 -17.57 10.75 0.23
C ARG A 559 -17.11 10.58 1.67
N PRO A 560 -16.95 11.70 2.41
CA PRO A 560 -16.66 11.54 3.82
C PRO A 560 -17.80 10.79 4.51
N ARG A 561 -17.44 10.01 5.52
CA ARG A 561 -18.38 9.21 6.27
C ARG A 561 -18.63 9.88 7.61
N ILE A 562 -19.92 10.07 7.92
CA ILE A 562 -20.34 10.83 9.09
C ILE A 562 -20.26 9.95 10.34
N LEU A 563 -19.18 10.13 11.08
CA LEU A 563 -18.98 9.38 12.32
C LEU A 563 -19.83 9.92 13.46
N LEU A 564 -20.48 11.07 13.23
CA LEU A 564 -21.29 11.77 14.22
C LEU A 564 -22.55 10.97 14.54
N LYS A 565 -22.48 10.23 15.64
CA LYS A 565 -23.63 9.47 16.18
C LYS A 565 -24.63 10.45 16.80
N GLN A 566 -25.92 10.39 16.46
CA GLN A 566 -26.48 9.79 15.24
C GLN A 566 -27.11 10.97 14.47
N HIS A 567 -26.20 11.82 14.01
CA HIS A 567 -26.47 13.13 13.39
C HIS A 567 -27.17 13.01 12.03
N ARG A 568 -28.15 13.90 11.79
CA ARG A 568 -28.96 13.84 10.56
C ARG A 568 -28.40 14.73 9.44
N VAL A 569 -27.83 14.09 8.42
CA VAL A 569 -27.08 14.77 7.37
C VAL A 569 -27.68 14.49 5.99
N CYS A 570 -27.76 15.54 5.17
CA CYS A 570 -28.18 15.48 3.77
C CYS A 570 -27.00 15.66 2.82
N LEU A 571 -26.91 14.76 1.84
CA LEU A 571 -25.96 14.92 0.74
C LEU A 571 -26.67 15.71 -0.35
N LEU A 572 -26.06 16.82 -0.75
CA LEU A 572 -26.64 17.68 -1.78
C LEU A 572 -25.76 17.71 -3.01
N GLN A 573 -26.32 17.20 -4.11
CA GLN A 573 -25.59 17.16 -5.36
C GLN A 573 -25.66 18.48 -6.13
N GLN A 574 -24.49 18.99 -6.50
CA GLN A 574 -24.35 20.08 -7.45
C GLN A 574 -23.47 19.55 -8.59
N GLN A 575 -23.24 20.36 -9.62
CA GLN A 575 -22.46 19.91 -10.77
C GLN A 575 -20.97 19.93 -10.50
N GLN A 576 -20.51 20.93 -9.77
CA GLN A 576 -19.08 21.13 -9.50
C GLN A 576 -18.62 20.63 -8.14
N PHE A 577 -19.55 20.48 -7.19
CA PHE A 577 -19.20 20.13 -5.82
C PHE A 577 -20.29 19.33 -5.10
N LEU A 578 -19.88 18.46 -4.18
CA LEU A 578 -20.82 17.79 -3.30
C LEU A 578 -20.70 18.36 -1.90
N THR A 579 -21.84 18.87 -1.42
CA THR A 579 -21.98 19.43 -0.08
C THR A 579 -22.62 18.38 0.83
N GLY A 580 -22.08 18.28 2.03
CA GLY A 580 -22.68 17.47 3.11
C GLY A 580 -23.30 18.40 4.13
N TYR A 581 -24.62 18.59 4.03
CA TYR A 581 -25.39 19.54 4.85
C TYR A 581 -25.95 18.89 6.11
N SER A 582 -25.81 19.59 7.24
CA SER A 582 -26.33 19.11 8.52
C SER A 582 -27.72 19.65 8.78
N LEU A 583 -28.67 18.73 8.93
CA LEU A 583 -30.06 19.09 9.25
C LEU A 583 -30.32 19.28 10.75
N ASP A 584 -29.34 18.86 11.55
CA ASP A 584 -29.35 19.05 13.00
C ASP A 584 -28.69 20.38 13.41
N LEU A 585 -28.07 21.05 12.43
CA LEU A 585 -27.40 22.35 12.63
C LEU A 585 -27.75 23.37 11.53
N LEU A 586 -28.57 22.96 10.57
CA LEU A 586 -28.92 23.73 9.36
C LEU A 586 -27.72 24.50 8.74
N MET A 587 -26.62 23.78 8.51
CA MET A 587 -25.41 24.30 7.85
C MET A 587 -24.58 23.16 7.23
N PRO A 588 -23.70 23.47 6.25
CA PRO A 588 -22.95 22.36 5.67
C PRO A 588 -21.83 21.89 6.61
N LEU A 589 -21.55 20.58 6.59
CA LEU A 589 -20.46 20.01 7.35
C LEU A 589 -19.18 19.96 6.53
N TRP A 590 -19.33 19.62 5.24
CA TRP A 590 -18.20 19.55 4.31
C TRP A 590 -18.66 19.87 2.90
N ALA A 591 -17.69 20.28 2.08
CA ALA A 591 -17.91 20.48 0.65
C ALA A 591 -16.70 19.98 -0.11
N SER A 592 -16.91 18.97 -0.95
CA SER A 592 -15.84 18.41 -1.76
C SER A 592 -16.01 18.79 -3.22
N TYR A 593 -14.92 19.26 -3.82
CA TYR A 593 -14.85 19.52 -5.26
C TYR A 593 -13.48 19.07 -5.79
N THR A 594 -13.42 18.67 -7.05
CA THR A 594 -12.13 18.44 -7.68
C THR A 594 -11.78 19.63 -8.56
N PHE A 595 -10.70 20.30 -8.19
CA PHE A 595 -10.24 21.47 -8.89
C PHE A 595 -9.13 21.02 -9.83
N LEU A 596 -9.49 20.75 -11.08
CA LEU A 596 -8.52 20.28 -12.09
C LEU A 596 -7.51 21.40 -12.43
N SER A 597 -6.47 21.07 -13.20
CA SER A 597 -5.36 22.01 -13.39
C SER A 597 -5.70 23.28 -14.20
N ASN A 598 -6.85 23.27 -14.88
CA ASN A 598 -7.23 24.33 -15.82
C ASN A 598 -8.63 24.95 -15.58
N ASP A 599 -8.76 25.70 -14.48
CA ASP A 599 -9.98 26.45 -14.12
C ASP A 599 -9.77 27.33 -12.88
N SER A 607 -20.18 37.99 -5.62
CA SER A 607 -20.19 39.40 -5.26
C SER A 607 -21.61 39.87 -4.91
N ASN A 608 -21.96 39.74 -3.62
CA ASN A 608 -23.28 40.15 -3.06
C ASN A 608 -24.54 39.62 -3.79
N CYS A 609 -24.57 38.30 -4.02
CA CYS A 609 -25.72 37.58 -4.61
C CYS A 609 -25.83 36.17 -4.02
N LEU A 610 -27.07 35.69 -3.82
CA LEU A 610 -27.34 34.35 -3.30
C LEU A 610 -28.65 33.78 -3.86
N TYR A 611 -28.75 32.45 -3.92
CA TYR A 611 -29.95 31.74 -4.40
C TYR A 611 -30.48 30.80 -3.35
N GLN A 612 -31.81 30.68 -3.28
CA GLN A 612 -32.45 29.75 -2.35
C GLN A 612 -32.26 28.32 -2.80
N ASP A 613 -31.74 27.49 -1.89
CA ASP A 613 -31.72 26.06 -2.11
C ASP A 613 -33.02 25.54 -1.54
N LEU A 614 -33.82 24.97 -2.44
CA LEU A 614 -35.17 24.53 -2.13
C LEU A 614 -35.22 23.22 -1.35
N ARG A 615 -34.05 22.59 -1.18
CA ARG A 615 -33.95 21.32 -0.44
C ARG A 615 -33.62 21.52 1.03
N ILE A 616 -33.09 22.69 1.38
CA ILE A 616 -32.78 23.04 2.77
C ILE A 616 -33.84 23.99 3.36
N PRO A 617 -34.24 23.78 4.64
CA PRO A 617 -35.12 24.72 5.35
C PRO A 617 -34.63 26.17 5.28
N LEU A 618 -35.55 27.09 5.06
CA LEU A 618 -35.23 28.52 4.94
C LEU A 618 -35.07 29.16 6.32
N SER A 619 -33.82 29.16 6.80
CA SER A 619 -33.42 29.88 8.02
C SER A 619 -33.20 31.36 7.64
N PRO A 620 -33.68 32.29 8.49
CA PRO A 620 -33.62 33.75 8.21
C PRO A 620 -32.24 34.31 7.81
N VAL A 621 -31.17 33.64 8.25
CA VAL A 621 -29.78 34.00 7.91
C VAL A 621 -29.41 33.89 6.42
N HIS A 622 -30.38 33.54 5.58
CA HIS A 622 -30.12 33.20 4.17
C HIS A 622 -30.13 34.38 3.20
N LYS A 623 -30.79 35.49 3.54
CA LYS A 623 -30.90 36.69 2.68
C LYS A 623 -29.67 37.61 2.79
N CYS A 624 -29.36 38.33 1.70
CA CYS A 624 -28.23 39.29 1.65
C CYS A 624 -28.39 40.46 2.62
N SER A 625 -29.64 40.88 2.82
CA SER A 625 -30.03 41.92 3.78
C SER A 625 -29.33 41.76 5.15
N TYR A 626 -29.37 40.53 5.67
CA TYR A 626 -28.64 40.14 6.87
C TYR A 626 -27.12 40.21 6.63
N LEU A 633 -18.76 39.90 11.21
CA LEU A 633 -19.45 38.64 10.92
C LEU A 633 -20.34 38.75 9.69
N SER A 634 -20.11 37.86 8.74
CA SER A 634 -20.77 37.87 7.43
C SER A 634 -21.18 36.46 7.01
N TYR A 635 -21.21 36.23 5.70
CA TYR A 635 -21.21 34.88 5.11
C TYR A 635 -19.88 34.65 4.40
N GLY A 636 -19.63 33.39 4.04
CA GLY A 636 -18.46 32.98 3.25
C GLY A 636 -18.79 31.69 2.52
N PHE A 637 -18.15 31.46 1.37
CA PHE A 637 -18.43 30.27 0.56
C PHE A 637 -17.48 29.12 0.87
N LEU A 638 -18.01 27.91 0.99
CA LEU A 638 -17.15 26.75 1.22
C LEU A 638 -16.43 26.33 -0.06
N THR A 639 -17.20 26.16 -1.13
CA THR A 639 -16.69 26.01 -2.49
C THR A 639 -16.69 27.40 -3.11
N PRO A 640 -15.52 27.88 -3.60
CA PRO A 640 -15.48 29.20 -4.24
C PRO A 640 -16.25 29.20 -5.57
N PRO A 641 -16.88 30.34 -5.94
CA PRO A 641 -17.61 30.40 -7.20
C PRO A 641 -16.75 30.52 -8.47
N ARG A 642 -15.57 31.14 -8.35
CA ARG A 642 -14.69 31.36 -9.51
C ARG A 642 -13.98 30.09 -10.00
N LEU A 643 -14.76 29.21 -10.64
CA LEU A 643 -14.25 27.98 -11.26
C LEU A 643 -14.52 27.93 -12.76
N GLU A 653 -24.30 28.30 -8.93
CA GLU A 653 -24.60 27.26 -7.94
C GLU A 653 -23.83 27.41 -6.62
N ALA A 654 -22.57 27.81 -6.74
CA ALA A 654 -21.71 28.07 -5.57
C ALA A 654 -22.29 29.18 -4.69
N LEU A 655 -23.21 29.95 -5.27
CA LEU A 655 -24.01 30.97 -4.58
C LEU A 655 -25.37 30.41 -4.14
N LEU A 656 -25.37 29.12 -3.76
CA LEU A 656 -26.50 28.53 -3.05
C LEU A 656 -26.37 28.78 -1.56
N THR A 657 -27.51 28.87 -0.89
CA THR A 657 -27.56 29.08 0.55
C THR A 657 -26.93 27.91 1.30
N SER A 658 -27.07 26.71 0.72
CA SER A 658 -26.44 25.50 1.24
C SER A 658 -24.90 25.46 1.10
N ASN A 659 -24.30 26.51 0.53
CA ASN A 659 -22.84 26.56 0.39
C ASN A 659 -22.18 27.63 1.26
N ILE A 660 -22.99 28.49 1.85
CA ILE A 660 -22.48 29.57 2.73
C ILE A 660 -22.26 29.13 4.18
N VAL A 661 -21.22 29.69 4.80
CA VAL A 661 -20.91 29.48 6.21
C VAL A 661 -20.71 30.82 6.92
N PRO A 662 -21.20 30.96 8.18
CA PRO A 662 -20.85 32.13 9.00
C PRO A 662 -19.34 32.36 9.06
N MET A 663 -18.91 33.58 8.72
CA MET A 663 -17.48 33.91 8.57
C MET A 663 -17.18 35.37 8.87
N TYR A 664 -16.11 35.60 9.62
CA TYR A 664 -15.65 36.96 9.92
C TYR A 664 -14.95 37.58 8.71
N GLN A 665 -14.96 38.90 8.69
CA GLN A 665 -14.31 39.70 7.64
C GLN A 665 -12.80 39.48 7.62
N SER A 666 -12.19 39.46 8.81
CA SER A 666 -10.76 39.25 8.95
C SER A 666 -10.35 37.83 8.58
N PHE A 667 -11.32 36.91 8.50
CA PHE A 667 -11.05 35.58 7.97
C PHE A 667 -11.21 35.52 6.46
N GLN A 668 -12.13 36.33 5.92
CA GLN A 668 -12.37 36.41 4.47
C GLN A 668 -11.13 36.81 3.66
N VAL A 669 -10.26 37.62 4.25
CA VAL A 669 -8.94 37.93 3.65
C VAL A 669 -8.08 36.67 3.50
N ILE A 670 -8.09 35.82 4.54
CA ILE A 670 -7.39 34.52 4.50
C ILE A 670 -8.05 33.60 3.47
N TRP A 671 -9.37 33.50 3.55
CA TRP A 671 -10.18 32.61 2.68
C TRP A 671 -10.16 32.95 1.20
N HIS A 672 -10.42 34.22 0.86
CA HIS A 672 -10.44 34.65 -0.54
C HIS A 672 -9.05 34.65 -1.18
N TYR A 673 -7.99 34.79 -0.39
CA TYR A 673 -6.62 34.66 -0.89
C TYR A 673 -6.24 33.19 -1.08
N LEU A 674 -6.71 32.35 -0.16
CA LEU A 674 -6.46 30.90 -0.18
C LEU A 674 -6.97 30.24 -1.45
N HIS A 675 -8.20 30.57 -1.85
CA HIS A 675 -8.86 29.96 -2.99
C HIS A 675 -8.54 30.64 -4.35
N ASP A 676 -8.24 31.95 -4.31
CA ASP A 676 -7.81 32.69 -5.50
C ASP A 676 -6.33 32.49 -5.77
N THR A 677 -5.49 33.13 -4.95
CA THR A 677 -4.04 33.14 -5.17
C THR A 677 -3.37 31.80 -4.83
N LEU A 678 -3.73 31.23 -3.67
CA LEU A 678 -3.00 30.08 -3.11
C LEU A 678 -3.39 28.71 -3.70
N LEU A 679 -4.69 28.40 -3.70
CA LEU A 679 -5.22 27.09 -4.16
C LEU A 679 -5.04 26.83 -5.65
N GLN A 680 -5.21 27.86 -6.47
CA GLN A 680 -5.00 27.77 -7.92
C GLN A 680 -3.51 27.53 -8.25
N ARG A 681 -2.63 28.12 -7.44
CA ARG A 681 -1.17 27.90 -7.54
C ARG A 681 -0.79 26.43 -7.32
N TYR A 682 -1.47 25.79 -6.35
CA TYR A 682 -1.28 24.37 -6.05
C TYR A 682 -1.79 23.45 -7.14
N ALA A 683 -2.97 23.77 -7.71
CA ALA A 683 -3.54 22.97 -8.79
C ALA A 683 -2.55 22.74 -9.91
N HIS A 684 -1.77 23.77 -10.27
CA HIS A 684 -0.72 23.65 -11.29
C HIS A 684 0.45 22.79 -10.84
N GLU A 685 0.93 23.05 -9.62
CA GLU A 685 2.04 22.28 -9.02
C GLU A 685 1.71 20.79 -8.94
N ARG A 686 0.51 20.48 -8.47
CA ARG A 686 0.10 19.10 -8.24
C ARG A 686 -0.56 18.42 -9.47
N ASN A 687 -0.93 19.20 -10.49
CA ASN A 687 -1.73 18.74 -11.66
C ASN A 687 -3.14 18.33 -11.21
N GLY A 688 -3.89 19.33 -10.74
CA GLY A 688 -5.18 19.12 -10.07
C GLY A 688 -5.03 18.81 -8.59
N ILE A 689 -5.96 19.33 -7.79
CA ILE A 689 -6.12 18.93 -6.38
C ILE A 689 -7.60 18.72 -6.07
N ASN A 690 -7.89 17.75 -5.21
CA ASN A 690 -9.23 17.59 -4.67
C ASN A 690 -9.29 18.21 -3.28
N VAL A 691 -10.35 18.98 -3.06
CA VAL A 691 -10.51 19.75 -1.84
C VAL A 691 -11.75 19.29 -1.09
N VAL A 692 -11.57 19.01 0.20
CA VAL A 692 -12.71 18.99 1.13
C VAL A 692 -12.49 20.05 2.20
N SER A 693 -13.52 20.85 2.43
CA SER A 693 -13.48 21.94 3.40
C SER A 693 -14.74 21.93 4.24
N GLY A 694 -14.66 22.53 5.43
CA GLY A 694 -15.85 22.76 6.25
C GLY A 694 -15.62 23.47 7.57
N PRO A 695 -16.72 23.76 8.30
CA PRO A 695 -16.64 24.33 9.64
C PRO A 695 -16.06 23.34 10.65
N VAL A 696 -15.45 23.89 11.69
CA VAL A 696 -15.05 23.11 12.86
C VAL A 696 -15.59 23.84 14.08
N PHE A 697 -16.30 23.10 14.93
CA PHE A 697 -16.74 23.63 16.21
C PHE A 697 -16.07 22.86 17.35
N ASP A 698 -14.94 23.37 17.84
CA ASP A 698 -14.30 22.84 19.05
C ASP A 698 -14.14 23.91 20.11
N PHE A 699 -15.22 24.08 20.88
CA PHE A 699 -15.32 25.09 21.92
C PHE A 699 -14.58 24.75 23.22
N ASP A 700 -14.54 23.46 23.57
CA ASP A 700 -13.83 23.00 24.76
C ASP A 700 -12.38 22.56 24.50
N TYR A 701 -11.87 22.89 23.31
CA TYR A 701 -10.45 22.78 22.94
C TYR A 701 -9.69 21.47 23.27
N ASP A 702 -10.39 20.35 23.23
CA ASP A 702 -9.74 19.02 23.31
C ASP A 702 -9.17 18.58 21.96
N GLY A 703 -9.81 19.00 20.88
CA GLY A 703 -9.38 18.62 19.54
C GLY A 703 -10.25 17.50 19.03
N ARG A 704 -11.40 17.32 19.66
CA ARG A 704 -12.42 16.40 19.18
C ARG A 704 -13.75 17.14 18.94
N TYR A 705 -14.66 16.50 18.20
CA TYR A 705 -15.95 17.12 17.89
C TYR A 705 -16.80 17.29 19.15
N ASP A 706 -17.48 18.43 19.24
CA ASP A 706 -18.28 18.78 20.41
C ASP A 706 -19.62 18.10 20.40
N SER A 707 -20.07 17.70 21.59
CA SER A 707 -21.43 17.22 21.81
C SER A 707 -22.41 18.34 21.54
N LEU A 708 -23.65 17.98 21.20
CA LEU A 708 -24.70 18.97 20.88
C LEU A 708 -25.02 19.87 22.07
N GLU A 709 -24.86 19.32 23.28
CA GLU A 709 -24.94 20.06 24.55
C GLU A 709 -24.15 21.38 24.49
N ILE A 710 -22.83 21.27 24.28
CA ILE A 710 -21.93 22.42 24.38
C ILE A 710 -22.00 23.26 23.09
N LEU A 711 -22.61 22.70 22.05
CA LEU A 711 -22.95 23.44 20.83
C LEU A 711 -24.06 24.46 21.09
N LYS A 712 -25.10 24.04 21.81
CA LYS A 712 -26.15 24.96 22.30
C LYS A 712 -25.54 26.05 23.18
N GLN A 713 -24.73 25.63 24.16
CA GLN A 713 -24.11 26.53 25.14
C GLN A 713 -23.04 27.51 24.60
N ASN A 714 -22.74 27.43 23.30
CA ASN A 714 -21.76 28.33 22.69
C ASN A 714 -22.27 29.08 21.44
N SER A 715 -23.56 28.97 21.16
CA SER A 715 -24.15 29.65 20.00
C SER A 715 -24.51 31.12 20.32
N ARG A 716 -23.55 32.02 20.05
CA ARG A 716 -23.72 33.48 20.23
C ARG A 716 -24.95 34.04 19.47
N VAL A 717 -25.44 35.22 19.88
CA VAL A 717 -26.71 35.77 19.34
C VAL A 717 -26.55 36.94 18.35
N GLN A 721 -30.02 36.96 15.43
CA GLN A 721 -30.18 35.54 15.11
C GLN A 721 -29.31 34.65 15.99
N GLU A 722 -29.80 33.44 16.28
CA GLU A 722 -29.08 32.47 17.12
C GLU A 722 -28.11 31.60 16.30
N ILE A 723 -27.07 32.24 15.78
CA ILE A 723 -26.02 31.61 14.97
C ILE A 723 -25.12 30.68 15.79
N LEU A 724 -24.81 29.52 15.24
CA LEU A 724 -23.68 28.71 15.70
C LEU A 724 -22.44 29.10 14.91
N ILE A 725 -21.38 29.47 15.63
CA ILE A 725 -20.25 30.20 15.03
C ILE A 725 -18.92 29.42 15.10
N PRO A 726 -18.37 29.01 13.93
CA PRO A 726 -17.20 28.12 13.79
C PRO A 726 -15.89 28.60 14.42
N THR A 727 -15.28 27.77 15.26
CA THR A 727 -13.99 28.09 15.89
C THR A 727 -12.85 27.94 14.90
N HIS A 728 -13.02 26.99 13.97
CA HIS A 728 -12.02 26.68 12.95
C HIS A 728 -12.68 26.34 11.62
N PHE A 729 -11.91 26.46 10.54
CA PHE A 729 -12.31 25.91 9.25
C PHE A 729 -11.26 24.93 8.78
N PHE A 730 -11.71 23.71 8.47
CA PHE A 730 -10.81 22.66 7.95
C PHE A 730 -10.73 22.68 6.44
N ILE A 731 -9.61 22.20 5.92
CA ILE A 731 -9.42 22.02 4.48
C ILE A 731 -8.41 20.88 4.26
N VAL A 732 -8.88 19.79 3.62
CA VAL A 732 -8.02 18.66 3.21
C VAL A 732 -7.74 18.73 1.71
N LEU A 733 -6.47 18.94 1.37
CA LEU A 733 -5.99 18.93 -0.01
C LEU A 733 -5.41 17.58 -0.39
N THR A 734 -5.99 16.98 -1.43
CA THR A 734 -5.61 15.65 -1.89
C THR A 734 -5.18 15.66 -3.35
N SER A 735 -3.95 15.23 -3.59
CA SER A 735 -3.33 15.16 -4.91
C SER A 735 -2.93 13.69 -5.18
N CYS A 736 -2.19 13.42 -6.25
CA CYS A 736 -1.52 12.12 -6.42
C CYS A 736 -0.03 12.32 -6.34
N LYS A 737 0.69 11.28 -5.91
CA LYS A 737 2.15 11.29 -5.86
C LYS A 737 2.71 11.31 -7.28
N GLN A 738 1.99 10.66 -8.18
CA GLN A 738 2.36 10.60 -9.59
C GLN A 738 1.77 11.82 -10.32
N LEU A 739 2.64 12.80 -10.62
CA LEU A 739 2.20 14.10 -11.17
C LEU A 739 1.42 14.01 -12.47
N SER A 740 1.75 13.02 -13.30
CA SER A 740 1.04 12.71 -14.54
C SER A 740 -0.44 12.35 -14.33
N GLU A 741 -0.77 11.78 -13.18
CA GLU A 741 -2.15 11.46 -12.80
C GLU A 741 -2.89 12.69 -12.26
N THR A 742 -4.17 12.82 -12.59
CA THR A 742 -5.04 13.86 -12.01
C THR A 742 -5.84 13.25 -10.85
N PRO A 743 -6.37 14.09 -9.93
CA PRO A 743 -7.09 13.57 -8.74
C PRO A 743 -8.20 12.57 -9.01
N LEU A 744 -8.70 12.54 -10.24
CA LEU A 744 -9.80 11.63 -10.62
C LEU A 744 -9.29 10.23 -10.95
N GLU A 745 -7.98 10.05 -10.92
CA GLU A 745 -7.28 8.87 -11.44
C GLU A 745 -5.89 8.72 -10.81
N CYS A 746 -5.83 8.79 -9.48
CA CYS A 746 -4.59 8.57 -8.72
C CYS A 746 -4.41 7.10 -8.41
N SER A 747 -3.17 6.63 -8.52
CA SER A 747 -2.80 5.33 -7.99
C SER A 747 -2.53 5.48 -6.49
N ALA A 748 -1.53 6.29 -6.15
CA ALA A 748 -1.20 6.58 -4.75
C ALA A 748 -1.68 7.98 -4.38
N LEU A 749 -2.04 8.17 -3.11
CA LEU A 749 -2.50 9.47 -2.62
C LEU A 749 -1.40 10.34 -2.05
N GLU A 750 -1.64 11.65 -2.15
CA GLU A 750 -0.81 12.67 -1.56
C GLU A 750 -1.80 13.55 -0.80
N SER A 751 -1.52 13.75 0.49
CA SER A 751 -2.45 14.53 1.30
C SER A 751 -1.77 15.58 2.14
N SER A 752 -2.49 16.70 2.28
CA SER A 752 -2.20 17.70 3.28
C SER A 752 -3.53 18.24 3.79
N ALA A 753 -3.57 18.62 5.06
CA ALA A 753 -4.79 19.16 5.67
C ALA A 753 -4.46 20.35 6.56
N TYR A 754 -5.47 21.20 6.78
CA TYR A 754 -5.29 22.42 7.57
C TYR A 754 -6.50 22.66 8.46
N ILE A 755 -6.24 22.75 9.76
CA ILE A 755 -7.21 23.29 10.70
C ILE A 755 -6.87 24.77 10.88
N LEU A 756 -7.61 25.63 10.18
CA LEU A 756 -7.39 27.08 10.20
C LEU A 756 -8.24 27.73 11.28
N PRO A 757 -7.60 28.58 12.14
CA PRO A 757 -8.32 29.26 13.23
C PRO A 757 -9.11 30.52 12.83
N HIS A 758 -10.40 30.51 13.19
CA HIS A 758 -11.38 31.52 12.82
C HIS A 758 -11.43 32.73 13.80
N ARG A 759 -10.30 33.41 13.95
CA ARG A 759 -10.16 34.58 14.84
C ARG A 759 -10.84 35.81 14.20
N PRO A 760 -11.51 36.67 15.01
CA PRO A 760 -12.22 37.81 14.42
C PRO A 760 -11.32 38.97 14.01
N ASP A 761 -10.04 38.91 14.39
CA ASP A 761 -9.01 39.81 13.90
C ASP A 761 -7.72 39.04 13.61
N ASN A 762 -6.91 39.57 12.70
CA ASN A 762 -5.64 38.92 12.34
C ASN A 762 -4.45 39.43 13.16
N ILE A 763 -4.66 39.49 14.48
CA ILE A 763 -3.61 39.83 15.45
C ILE A 763 -2.55 38.73 15.43
N GLU A 764 -3.03 37.49 15.27
CA GLU A 764 -2.20 36.30 15.18
C GLU A 764 -1.07 36.48 14.17
N SER A 765 -1.42 36.99 12.99
CA SER A 765 -0.49 37.08 11.87
C SER A 765 0.01 38.50 11.56
N CYS A 766 -0.43 39.46 12.38
CA CYS A 766 -0.20 40.92 12.20
C CYS A 766 -0.79 41.49 10.90
N SER A 773 0.47 39.03 0.79
CA SER A 773 0.94 37.80 0.17
C SER A 773 1.56 36.85 1.22
N SER A 774 2.77 37.18 1.67
CA SER A 774 3.62 36.31 2.52
C SER A 774 2.95 35.78 3.80
N TRP A 775 2.27 36.66 4.54
CA TRP A 775 1.69 36.29 5.84
C TRP A 775 0.56 35.24 5.77
N VAL A 776 -0.18 35.17 4.68
CA VAL A 776 -1.35 34.25 4.62
C VAL A 776 -0.93 32.80 4.44
N GLU A 777 0.09 32.56 3.61
CA GLU A 777 0.66 31.23 3.42
C GLU A 777 1.35 30.80 4.71
N GLU A 778 2.12 31.73 5.30
CA GLU A 778 2.84 31.48 6.56
C GLU A 778 1.93 31.05 7.71
N LEU A 779 0.68 31.51 7.68
CA LEU A 779 -0.35 31.09 8.63
C LEU A 779 -0.83 29.66 8.36
N LEU A 780 -0.98 29.33 7.08
CA LEU A 780 -1.41 28.01 6.62
C LEU A 780 -0.41 26.93 6.99
N THR A 781 0.88 27.16 6.67
CA THR A 781 1.92 26.21 7.02
C THR A 781 1.98 25.91 8.53
N LEU A 782 1.78 26.94 9.36
CA LEU A 782 1.77 26.79 10.82
C LEU A 782 0.56 25.99 11.28
N HIS A 783 -0.59 26.28 10.70
CA HIS A 783 -1.84 25.63 11.12
C HIS A 783 -2.20 24.40 10.28
N ARG A 784 -1.15 23.66 9.96
CA ARG A 784 -1.27 22.36 9.35
C ARG A 784 -1.81 21.38 10.39
N ALA A 785 -2.30 20.24 9.91
CA ALA A 785 -2.87 19.20 10.74
C ALA A 785 -2.79 17.89 9.99
N ARG A 786 -2.69 16.79 10.73
CA ARG A 786 -2.93 15.47 10.17
C ARG A 786 -4.38 15.41 9.68
N VAL A 787 -4.66 14.53 8.73
CA VAL A 787 -6.03 14.30 8.29
C VAL A 787 -6.85 13.70 9.46
N THR A 788 -6.18 12.87 10.27
CA THR A 788 -6.72 12.31 11.53
C THR A 788 -7.16 13.39 12.51
N ASP A 789 -6.35 14.45 12.62
CA ASP A 789 -6.68 15.63 13.44
C ASP A 789 -8.03 16.19 12.99
N VAL A 790 -8.20 16.31 11.67
CA VAL A 790 -9.45 16.79 11.06
C VAL A 790 -10.62 15.86 11.39
N GLU A 791 -10.43 14.56 11.12
CA GLU A 791 -11.44 13.53 11.42
C GLU A 791 -11.89 13.56 12.88
N LEU A 792 -10.91 13.69 13.79
CA LEU A 792 -11.15 13.75 15.23
C LEU A 792 -12.05 14.93 15.58
N ILE A 793 -11.73 16.09 15.01
CA ILE A 793 -12.40 17.34 15.33
C ILE A 793 -13.76 17.56 14.62
N THR A 794 -13.97 16.88 13.49
CA THR A 794 -15.18 17.05 12.68
C THR A 794 -16.15 15.87 12.75
N GLY A 795 -15.68 14.73 13.23
CA GLY A 795 -16.46 13.49 13.17
C GLY A 795 -16.75 13.03 11.75
N LEU A 796 -15.85 13.36 10.82
CA LEU A 796 -15.93 12.87 9.45
C LEU A 796 -14.81 11.85 9.23
N SER A 797 -14.99 10.99 8.22
CA SER A 797 -13.98 9.98 7.89
C SER A 797 -13.73 9.93 6.41
N PHE A 798 -12.52 10.33 6.02
CA PHE A 798 -12.17 10.44 4.59
C PHE A 798 -11.51 9.18 4.04
N TYR A 799 -11.69 8.98 2.73
CA TYR A 799 -10.99 7.95 1.94
C TYR A 799 -11.39 6.49 2.20
N GLN A 800 -12.61 6.24 2.66
CA GLN A 800 -12.99 4.85 2.95
C GLN A 800 -13.14 3.95 1.71
N ASP A 801 -13.23 4.55 0.52
CA ASP A 801 -13.52 3.84 -0.73
C ASP A 801 -12.29 3.75 -1.65
N ARG A 802 -11.14 3.68 -1.01
CA ARG A 802 -9.87 3.91 -1.65
C ARG A 802 -9.15 2.57 -1.80
N GLN A 803 -8.62 2.31 -3.00
CA GLN A 803 -7.79 1.14 -3.31
C GLN A 803 -6.93 0.66 -2.13
N GLU A 804 -6.17 1.58 -1.53
CA GLU A 804 -5.30 1.33 -0.37
C GLU A 804 -5.99 0.59 0.79
N SER A 805 -5.25 -0.28 1.47
CA SER A 805 -5.75 -1.00 2.67
C SER A 805 -6.01 -0.02 3.80
N VAL A 806 -6.79 -0.45 4.79
CA VAL A 806 -7.08 0.38 5.98
C VAL A 806 -5.81 0.87 6.70
N SER A 807 -4.83 -0.02 6.86
CA SER A 807 -3.52 0.29 7.49
C SER A 807 -2.70 1.34 6.73
N GLU A 808 -2.76 1.29 5.39
CA GLU A 808 -2.07 2.24 4.52
C GLU A 808 -2.69 3.62 4.60
N LEU A 809 -4.03 3.64 4.66
CA LEU A 809 -4.75 4.89 4.76
C LEU A 809 -4.50 5.56 6.10
N LEU A 810 -4.40 4.76 7.15
CA LEU A 810 -4.15 5.27 8.49
C LEU A 810 -2.82 5.99 8.55
N ARG A 811 -1.80 5.35 7.99
CA ARG A 811 -0.47 5.91 7.88
C ARG A 811 -0.50 7.23 7.07
N LEU A 812 -1.19 7.20 5.92
CA LEU A 812 -1.40 8.41 5.11
C LEU A 812 -2.02 9.54 5.93
N LYS A 813 -3.08 9.21 6.68
CA LYS A 813 -3.89 10.20 7.40
C LYS A 813 -3.22 10.74 8.65
N THR A 814 -2.13 10.11 9.08
CA THR A 814 -1.38 10.57 10.25
C THR A 814 -0.12 11.33 9.87
N HIS A 815 0.00 11.67 8.58
CA HIS A 815 1.16 12.41 8.09
C HIS A 815 1.12 13.90 8.44
N LEU A 816 2.24 14.39 8.98
CA LEU A 816 2.55 15.81 9.04
C LEU A 816 3.95 16.03 8.45
N PRO A 817 4.14 17.15 7.72
CA PRO A 817 5.47 17.40 7.15
C PRO A 817 6.39 18.20 8.08
N ILE A 818 7.68 17.97 7.93
CA ILE A 818 8.68 18.50 8.86
C ILE A 818 9.25 19.83 8.32
N PHE A 819 9.31 20.85 9.18
CA PHE A 819 9.83 22.19 8.83
C PHE A 819 11.37 22.22 8.91
N SER A 820 11.99 22.84 7.90
CA SER A 820 13.46 22.94 7.73
C SER A 820 14.17 21.59 7.78
N LYS B 88 -38.57 5.74 -9.63
CA LYS B 88 -37.14 5.87 -10.05
C LYS B 88 -36.45 4.51 -10.07
N SER B 89 -35.98 4.11 -11.25
CA SER B 89 -35.31 2.82 -11.46
C SER B 89 -33.81 2.95 -11.21
N TRP B 90 -33.18 1.82 -10.84
CA TRP B 90 -31.79 1.76 -10.33
C TRP B 90 -30.80 2.75 -10.98
N VAL B 91 -30.76 2.77 -12.31
CA VAL B 91 -29.87 3.64 -13.09
C VAL B 91 -30.05 5.16 -12.82
N GLU B 92 -31.28 5.58 -12.52
CA GLU B 92 -31.62 6.97 -12.26
C GLU B 92 -31.12 7.46 -10.90
N GLU B 93 -30.96 6.52 -9.96
CA GLU B 93 -30.43 6.84 -8.63
C GLU B 93 -28.93 7.13 -8.67
N THR B 94 -28.46 7.91 -7.70
CA THR B 94 -27.03 8.18 -7.55
C THR B 94 -26.33 7.00 -6.84
N CYS B 95 -25.02 7.09 -6.62
CA CYS B 95 -24.29 6.06 -5.85
C CYS B 95 -24.91 5.89 -4.46
N GLU B 96 -24.69 4.74 -3.84
CA GLU B 96 -25.36 4.42 -2.59
C GLU B 96 -24.49 3.56 -1.70
N SER B 97 -23.52 4.19 -1.04
CA SER B 97 -22.51 3.50 -0.25
C SER B 97 -23.09 2.39 0.63
N ILE B 98 -22.92 1.15 0.19
CA ILE B 98 -23.35 -0.02 0.93
C ILE B 98 -22.22 -0.42 1.89
N ASP B 99 -22.08 0.33 2.98
CA ASP B 99 -21.01 0.10 3.96
C ASP B 99 -21.22 -1.13 4.86
N THR B 100 -22.48 -1.56 4.99
CA THR B 100 -22.86 -2.87 5.53
C THR B 100 -23.94 -3.39 4.59
N PRO B 101 -24.10 -4.73 4.48
CA PRO B 101 -25.23 -5.20 3.66
C PRO B 101 -26.58 -4.90 4.30
N GLU B 102 -27.61 -4.76 3.48
CA GLU B 102 -29.00 -4.58 3.90
C GLU B 102 -29.83 -5.63 3.20
N CYS B 103 -30.11 -6.72 3.89
CA CYS B 103 -30.68 -7.91 3.28
C CYS B 103 -32.11 -8.22 3.73
N PRO B 104 -32.99 -8.66 2.79
CA PRO B 104 -34.36 -9.11 3.07
C PRO B 104 -34.49 -10.19 4.14
N ALA B 105 -35.72 -10.40 4.62
CA ALA B 105 -36.07 -11.37 5.67
C ALA B 105 -35.25 -12.66 5.71
N GLU B 106 -35.34 -13.45 4.64
CA GLU B 106 -34.74 -14.80 4.59
C GLU B 106 -33.33 -14.85 3.94
N PHE B 107 -32.48 -13.87 4.26
CA PHE B 107 -31.08 -13.81 3.75
C PHE B 107 -30.04 -13.74 4.87
N GLU B 108 -29.24 -14.80 5.00
CA GLU B 108 -28.22 -14.91 6.05
C GLU B 108 -26.99 -14.03 5.78
N SER B 109 -26.75 -13.74 4.50
CA SER B 109 -25.57 -13.03 4.00
C SER B 109 -25.79 -12.62 2.53
N PRO B 110 -24.93 -11.74 1.98
CA PRO B 110 -24.99 -11.44 0.55
C PRO B 110 -24.76 -12.64 -0.35
N PRO B 111 -25.50 -12.73 -1.47
CA PRO B 111 -25.13 -13.67 -2.53
C PRO B 111 -24.12 -13.05 -3.50
N THR B 112 -23.55 -13.89 -4.35
CA THR B 112 -22.67 -13.44 -5.43
C THR B 112 -23.32 -13.84 -6.75
N LEU B 113 -23.23 -12.94 -7.73
CA LEU B 113 -23.59 -13.26 -9.09
C LEU B 113 -22.39 -12.94 -9.98
N LEU B 114 -21.85 -13.98 -10.60
CA LEU B 114 -20.87 -13.83 -11.67
C LEU B 114 -21.63 -13.60 -12.99
N PHE B 115 -21.18 -12.63 -13.78
CA PHE B 115 -21.98 -12.16 -14.90
C PHE B 115 -21.07 -11.92 -16.11
N SER B 116 -21.16 -12.81 -17.09
CA SER B 116 -20.29 -12.80 -18.25
C SER B 116 -20.91 -12.19 -19.52
N LEU B 117 -20.24 -11.17 -20.06
CA LEU B 117 -20.65 -10.55 -21.31
C LEU B 117 -19.59 -10.84 -22.35
N ASP B 118 -19.79 -11.93 -23.10
CA ASP B 118 -18.74 -12.47 -23.97
C ASP B 118 -18.08 -11.42 -24.85
N GLY B 119 -16.75 -11.42 -24.86
CA GLY B 119 -15.95 -10.56 -25.74
C GLY B 119 -16.15 -9.07 -25.61
N PHE B 120 -16.53 -8.64 -24.41
CA PHE B 120 -16.65 -7.23 -24.05
C PHE B 120 -15.24 -6.76 -23.74
N ARG B 121 -14.59 -6.17 -24.75
CA ARG B 121 -13.21 -5.72 -24.56
C ARG B 121 -13.13 -4.47 -23.68
N ALA B 122 -11.95 -4.26 -23.09
CA ALA B 122 -11.72 -3.16 -22.15
C ALA B 122 -12.03 -1.83 -22.79
N GLU B 123 -11.55 -1.65 -24.03
CA GLU B 123 -11.76 -0.43 -24.81
C GLU B 123 -13.24 -0.07 -24.94
N TYR B 124 -14.13 -1.05 -24.93
CA TYR B 124 -15.56 -0.75 -25.06
C TYR B 124 -16.07 0.20 -23.96
N LEU B 125 -15.73 -0.08 -22.71
CA LEU B 125 -16.12 0.79 -21.61
C LEU B 125 -15.34 2.10 -21.61
N HIS B 126 -14.12 2.05 -22.13
CA HIS B 126 -13.26 3.23 -22.26
C HIS B 126 -13.87 4.28 -23.20
N THR B 127 -14.23 3.85 -24.41
CA THR B 127 -14.70 4.74 -25.48
C THR B 127 -16.20 4.96 -25.41
N TRP B 128 -16.96 3.88 -25.26
CA TRP B 128 -18.44 3.93 -25.26
C TRP B 128 -19.04 3.89 -23.85
N GLY B 129 -18.37 4.52 -22.90
CA GLY B 129 -18.86 4.67 -21.52
C GLY B 129 -20.14 5.49 -21.42
N GLY B 130 -20.14 6.67 -22.05
CA GLY B 130 -21.30 7.55 -22.16
C GLY B 130 -22.54 6.94 -22.81
N LEU B 131 -22.36 5.93 -23.67
CA LEU B 131 -23.48 5.24 -24.30
C LEU B 131 -24.12 4.18 -23.41
N LEU B 132 -23.43 3.78 -22.34
CA LEU B 132 -23.92 2.74 -21.45
C LEU B 132 -24.12 3.29 -20.04
N PRO B 133 -25.34 3.79 -19.73
CA PRO B 133 -25.60 4.48 -18.45
C PRO B 133 -25.61 3.56 -17.21
N VAL B 134 -26.09 2.33 -17.39
CA VAL B 134 -26.12 1.33 -16.32
C VAL B 134 -24.70 0.92 -15.95
N ILE B 135 -24.02 0.29 -16.92
CA ILE B 135 -22.67 -0.25 -16.74
C ILE B 135 -21.69 0.82 -16.19
N SER B 136 -21.82 2.06 -16.70
CA SER B 136 -21.05 3.20 -16.19
C SER B 136 -21.34 3.56 -14.73
N LYS B 137 -22.59 3.35 -14.28
CA LYS B 137 -22.91 3.53 -12.85
C LYS B 137 -22.20 2.48 -11.99
N LEU B 138 -22.11 1.26 -12.51
CA LEU B 138 -21.42 0.16 -11.85
C LEU B 138 -19.92 0.41 -11.77
N LYS B 139 -19.37 1.05 -12.80
CA LYS B 139 -17.97 1.50 -12.81
C LYS B 139 -17.73 2.50 -11.69
N ASN B 140 -18.71 3.40 -11.49
CA ASN B 140 -18.55 4.55 -10.60
C ASN B 140 -18.93 4.33 -9.13
N CYS B 141 -19.76 3.32 -8.87
CA CYS B 141 -20.12 2.95 -7.51
C CYS B 141 -19.52 1.59 -7.14
N GLY B 142 -18.68 1.06 -8.02
CA GLY B 142 -18.00 -0.22 -7.78
C GLY B 142 -16.48 -0.13 -7.80
N THR B 143 -15.85 -1.31 -7.73
CA THR B 143 -14.42 -1.44 -7.98
C THR B 143 -14.27 -1.91 -9.41
N TYR B 144 -13.35 -1.28 -10.12
CA TYR B 144 -13.19 -1.48 -11.54
C TYR B 144 -11.72 -1.43 -11.92
N THR B 145 -11.36 -2.09 -13.01
CA THR B 145 -10.01 -1.98 -13.57
C THR B 145 -10.06 -1.58 -15.04
N LYS B 146 -9.19 -0.64 -15.42
CA LYS B 146 -9.03 -0.20 -16.81
C LYS B 146 -8.86 -1.38 -17.79
N ASN B 147 -8.02 -2.35 -17.43
CA ASN B 147 -7.74 -3.52 -18.26
C ASN B 147 -7.67 -4.77 -17.41
N MET B 148 -8.53 -5.74 -17.66
CA MET B 148 -8.37 -7.07 -17.06
C MET B 148 -7.76 -8.04 -18.05
N ARG B 149 -6.65 -8.66 -17.64
CA ARG B 149 -5.93 -9.61 -18.47
C ARG B 149 -6.60 -10.98 -18.52
N PRO B 150 -6.89 -11.46 -19.75
CA PRO B 150 -7.38 -12.83 -19.94
C PRO B 150 -6.22 -13.81 -20.09
N MET B 151 -6.53 -15.11 -20.06
CA MET B 151 -5.51 -16.16 -20.22
C MET B 151 -5.22 -16.45 -21.69
N TYR B 152 -4.07 -17.07 -21.96
CA TYR B 152 -3.74 -17.47 -23.32
C TYR B 152 -4.07 -18.94 -23.60
N PRO B 153 -4.74 -19.24 -24.72
CA PRO B 153 -5.17 -18.24 -25.71
C PRO B 153 -6.48 -17.56 -25.34
N THR B 154 -6.73 -16.43 -26.00
CA THR B 154 -7.74 -15.47 -25.58
C THR B 154 -9.10 -15.80 -26.20
N LYS B 155 -9.57 -17.02 -25.91
CA LYS B 155 -10.75 -17.58 -26.57
C LYS B 155 -11.86 -17.79 -25.57
N THR B 156 -13.08 -17.91 -26.10
CA THR B 156 -14.32 -18.01 -25.32
C THR B 156 -14.28 -19.04 -24.17
N PHE B 157 -13.93 -20.28 -24.49
CA PHE B 157 -13.97 -21.41 -23.53
C PHE B 157 -12.81 -21.52 -22.49
N PRO B 158 -11.53 -21.38 -22.94
CA PRO B 158 -10.42 -21.43 -21.99
C PRO B 158 -10.58 -20.43 -20.84
N ASN B 159 -10.97 -19.20 -21.16
CA ASN B 159 -10.98 -18.12 -20.19
C ASN B 159 -12.15 -18.16 -19.23
N HIS B 160 -13.30 -18.60 -19.72
CA HIS B 160 -14.48 -18.79 -18.87
C HIS B 160 -14.21 -19.84 -17.81
N TYR B 161 -13.56 -20.93 -18.24
CA TYR B 161 -13.19 -22.00 -17.32
C TYR B 161 -12.12 -21.52 -16.32
N SER B 162 -11.15 -20.74 -16.82
CA SER B 162 -10.13 -20.09 -16.00
C SER B 162 -10.70 -19.16 -14.93
N ILE B 163 -11.73 -18.40 -15.28
CA ILE B 163 -12.41 -17.52 -14.32
C ILE B 163 -12.91 -18.34 -13.12
N VAL B 164 -13.59 -19.46 -13.41
CA VAL B 164 -14.24 -20.30 -12.38
C VAL B 164 -13.33 -21.31 -11.66
N THR B 165 -12.11 -21.52 -12.17
CA THR B 165 -11.15 -22.49 -11.62
C THR B 165 -9.91 -21.87 -10.98
N GLY B 166 -9.58 -20.65 -11.39
CA GLY B 166 -8.36 -19.97 -10.96
C GLY B 166 -7.11 -20.52 -11.61
N LEU B 167 -7.29 -21.37 -12.61
CA LEU B 167 -6.18 -22.11 -13.23
C LEU B 167 -5.86 -21.61 -14.64
N TYR B 168 -4.58 -21.70 -15.00
CA TYR B 168 -4.12 -21.47 -16.37
C TYR B 168 -4.78 -22.50 -17.28
N PRO B 169 -5.00 -22.16 -18.57
CA PRO B 169 -5.53 -23.14 -19.53
C PRO B 169 -4.75 -24.46 -19.58
N GLU B 170 -3.43 -24.38 -19.66
CA GLU B 170 -2.55 -25.56 -19.60
C GLU B 170 -2.78 -26.44 -18.36
N SER B 171 -3.39 -25.88 -17.32
CA SER B 171 -3.59 -26.61 -16.06
C SER B 171 -5.01 -27.19 -15.92
N HIS B 172 -6.01 -26.55 -16.53
CA HIS B 172 -7.40 -27.03 -16.44
C HIS B 172 -7.89 -27.78 -17.68
N GLY B 173 -6.98 -28.08 -18.61
CA GLY B 173 -7.30 -28.93 -19.75
C GLY B 173 -7.87 -28.18 -20.93
N ILE B 174 -8.77 -27.22 -20.67
CA ILE B 174 -9.48 -26.50 -21.73
C ILE B 174 -8.57 -25.48 -22.44
N ILE B 175 -8.02 -25.91 -23.57
CA ILE B 175 -7.05 -25.15 -24.33
C ILE B 175 -7.72 -24.28 -25.39
N ASP B 176 -8.81 -24.79 -25.96
CA ASP B 176 -9.54 -24.11 -27.04
C ASP B 176 -10.97 -24.62 -27.18
N ASN B 177 -11.73 -23.98 -28.08
CA ASN B 177 -13.05 -24.44 -28.52
C ASN B 177 -12.94 -25.77 -29.27
N LYS B 178 -11.87 -25.90 -30.06
CA LYS B 178 -11.51 -27.13 -30.76
C LYS B 178 -10.12 -27.60 -30.30
N MET B 179 -10.04 -28.86 -29.83
CA MET B 179 -8.80 -29.43 -29.27
C MET B 179 -8.68 -30.96 -29.39
N TYR B 180 -7.48 -31.44 -29.71
CA TYR B 180 -7.18 -32.88 -29.78
C TYR B 180 -6.23 -33.35 -28.68
N ASP B 181 -6.63 -34.41 -27.98
CA ASP B 181 -5.82 -35.07 -26.94
C ASP B 181 -5.22 -36.38 -27.46
N PRO B 182 -3.87 -36.52 -27.46
CA PRO B 182 -3.26 -37.75 -27.94
C PRO B 182 -3.37 -38.93 -26.97
N LYS B 183 -3.29 -38.66 -25.67
CA LYS B 183 -3.31 -39.71 -24.65
C LYS B 183 -4.65 -40.44 -24.59
N MET B 184 -5.75 -39.68 -24.56
CA MET B 184 -7.10 -40.25 -24.54
C MET B 184 -7.60 -40.66 -25.94
N ASN B 185 -6.83 -40.30 -26.97
CA ASN B 185 -7.22 -40.42 -28.40
C ASN B 185 -8.68 -40.02 -28.64
N ALA B 186 -8.95 -38.72 -28.46
CA ALA B 186 -10.29 -38.16 -28.62
C ALA B 186 -10.26 -36.76 -29.26
N SER B 187 -11.41 -36.30 -29.74
CA SER B 187 -11.56 -34.94 -30.25
C SER B 187 -12.59 -34.17 -29.41
N PHE B 188 -12.38 -32.86 -29.33
CA PHE B 188 -13.24 -31.96 -28.55
C PHE B 188 -13.79 -30.87 -29.45
N SER B 189 -14.97 -31.14 -30.00
CA SER B 189 -15.80 -30.11 -30.63
C SER B 189 -16.91 -29.76 -29.65
N LEU B 190 -17.34 -28.50 -29.68
CA LEU B 190 -18.47 -28.01 -28.88
C LEU B 190 -19.76 -28.66 -29.36
N LYS B 191 -19.91 -28.73 -30.69
CA LYS B 191 -20.92 -29.55 -31.35
C LYS B 191 -20.41 -30.99 -31.43
N SER B 192 -20.47 -31.68 -30.28
CA SER B 192 -19.99 -33.08 -30.12
C SER B 192 -20.40 -33.70 -28.80
N LYS B 193 -20.75 -34.99 -28.83
CA LYS B 193 -21.02 -35.79 -27.62
C LYS B 193 -19.95 -35.58 -26.54
N GLU B 194 -18.70 -35.44 -27.00
CA GLU B 194 -17.53 -35.33 -26.13
C GLU B 194 -17.45 -34.07 -25.27
N LYS B 195 -18.13 -32.99 -25.71
CA LYS B 195 -18.18 -31.72 -24.97
C LYS B 195 -18.81 -31.82 -23.57
N PHE B 196 -19.50 -32.93 -23.29
CA PHE B 196 -20.13 -33.17 -21.99
C PHE B 196 -19.36 -34.21 -21.17
N ASN B 197 -18.18 -34.60 -21.68
CA ASN B 197 -17.38 -35.66 -21.04
C ASN B 197 -16.51 -35.11 -19.89
N PRO B 198 -16.78 -35.56 -18.64
CA PRO B 198 -16.08 -35.10 -17.44
C PRO B 198 -14.55 -35.20 -17.44
N LEU B 199 -13.99 -35.98 -18.36
CA LEU B 199 -12.55 -36.26 -18.34
C LEU B 199 -11.70 -35.11 -18.88
N TRP B 200 -12.22 -34.39 -19.88
CA TRP B 200 -11.57 -33.20 -20.45
C TRP B 200 -11.29 -32.09 -19.43
N TYR B 201 -12.25 -31.87 -18.53
CA TYR B 201 -12.28 -30.70 -17.66
C TYR B 201 -11.50 -30.95 -16.39
N LYS B 202 -10.19 -30.76 -16.46
CA LYS B 202 -9.31 -30.89 -15.28
C LYS B 202 -9.49 -29.70 -14.31
N GLY B 203 -8.99 -29.87 -13.09
CA GLY B 203 -9.03 -28.84 -12.05
C GLY B 203 -10.42 -28.60 -11.47
N GLN B 204 -10.44 -28.10 -10.25
CA GLN B 204 -11.69 -27.83 -9.51
C GLN B 204 -12.27 -26.43 -9.83
N PRO B 205 -13.50 -26.39 -10.41
CA PRO B 205 -14.21 -25.12 -10.60
C PRO B 205 -14.96 -24.72 -9.35
N ILE B 206 -15.52 -23.50 -9.34
CA ILE B 206 -16.00 -22.89 -8.10
C ILE B 206 -17.23 -23.57 -7.50
N TRP B 207 -18.26 -23.84 -8.30
CA TRP B 207 -19.49 -24.48 -7.81
C TRP B 207 -19.23 -25.85 -7.20
N VAL B 208 -18.16 -26.51 -7.68
CA VAL B 208 -17.64 -27.74 -7.09
C VAL B 208 -17.06 -27.47 -5.69
N THR B 209 -16.19 -26.46 -5.58
CA THR B 209 -15.59 -26.06 -4.29
C THR B 209 -16.68 -25.71 -3.28
N ALA B 210 -17.67 -24.95 -3.75
CA ALA B 210 -18.85 -24.57 -3.00
C ALA B 210 -19.63 -25.79 -2.47
N ASN B 211 -19.78 -26.80 -3.33
CA ASN B 211 -20.50 -28.04 -3.01
C ASN B 211 -19.85 -28.82 -1.87
N HIS B 212 -18.51 -28.96 -1.94
CA HIS B 212 -17.71 -29.66 -0.92
C HIS B 212 -17.81 -28.99 0.45
N GLN B 213 -18.29 -27.74 0.45
CA GLN B 213 -18.45 -26.95 1.67
C GLN B 213 -19.88 -26.41 1.84
N GLU B 214 -20.85 -27.20 1.39
CA GLU B 214 -22.29 -26.93 1.58
C GLU B 214 -22.76 -25.55 1.10
N VAL B 215 -22.32 -25.13 -0.08
CA VAL B 215 -22.79 -23.87 -0.67
C VAL B 215 -23.54 -24.12 -1.97
N LYS B 216 -24.81 -23.76 -1.97
CA LYS B 216 -25.72 -23.96 -3.10
C LYS B 216 -25.33 -23.01 -4.23
N SER B 217 -25.28 -23.54 -5.46
CA SER B 217 -24.83 -22.79 -6.63
C SER B 217 -25.69 -23.00 -7.87
N GLY B 218 -26.44 -21.95 -8.23
CA GLY B 218 -27.26 -21.91 -9.46
C GLY B 218 -26.53 -21.23 -10.60
N THR B 219 -26.78 -21.68 -11.82
CA THR B 219 -25.94 -21.27 -12.96
C THR B 219 -26.62 -21.34 -14.34
N TYR B 220 -26.81 -20.15 -14.92
CA TYR B 220 -27.24 -20.02 -16.31
C TYR B 220 -26.05 -19.91 -17.28
N PHE B 221 -25.74 -21.03 -17.95
CA PHE B 221 -24.94 -21.05 -19.19
C PHE B 221 -23.41 -20.94 -19.09
N TRP B 222 -22.85 -21.10 -17.89
CA TRP B 222 -21.38 -21.06 -17.76
C TRP B 222 -20.73 -22.34 -18.33
N PRO B 223 -19.67 -22.18 -19.16
CA PRO B 223 -18.85 -23.31 -19.64
C PRO B 223 -18.36 -24.25 -18.51
N GLY B 224 -18.84 -25.49 -18.55
CA GLY B 224 -18.51 -26.49 -17.55
C GLY B 224 -19.60 -26.73 -16.52
N SER B 225 -20.60 -25.85 -16.49
CA SER B 225 -21.71 -25.97 -15.53
C SER B 225 -22.77 -26.99 -15.96
N ASP B 226 -22.76 -27.38 -17.24
CA ASP B 226 -23.59 -28.51 -17.73
C ASP B 226 -22.94 -29.89 -17.49
N VAL B 227 -21.60 -29.92 -17.40
CA VAL B 227 -20.80 -31.13 -17.22
C VAL B 227 -20.67 -31.51 -15.73
N GLU B 228 -20.70 -32.82 -15.46
CA GLU B 228 -20.52 -33.37 -14.10
C GLU B 228 -19.03 -33.59 -13.80
N ILE B 229 -18.33 -32.50 -13.46
CA ILE B 229 -16.90 -32.53 -13.18
C ILE B 229 -16.66 -32.85 -11.70
N ASP B 230 -15.62 -33.65 -11.43
CA ASP B 230 -15.25 -34.10 -10.06
C ASP B 230 -16.40 -34.83 -9.36
N GLY B 231 -17.28 -35.43 -10.19
CA GLY B 231 -18.53 -36.04 -9.74
C GLY B 231 -19.68 -35.05 -9.72
N ILE B 232 -19.42 -33.87 -9.17
CA ILE B 232 -20.44 -32.87 -8.84
C ILE B 232 -20.97 -32.12 -10.06
N LEU B 233 -22.24 -31.74 -9.96
CA LEU B 233 -22.96 -30.95 -10.93
C LEU B 233 -23.58 -29.79 -10.16
N PRO B 234 -23.72 -28.60 -10.80
CA PRO B 234 -24.33 -27.44 -10.10
C PRO B 234 -25.72 -27.74 -9.57
N ASP B 235 -26.02 -27.16 -8.40
CA ASP B 235 -27.30 -27.32 -7.69
C ASP B 235 -28.50 -27.02 -8.57
N ILE B 236 -28.37 -25.96 -9.38
CA ILE B 236 -29.30 -25.64 -10.46
C ILE B 236 -28.44 -25.17 -11.64
N TYR B 237 -28.31 -26.02 -12.66
CA TYR B 237 -27.68 -25.57 -13.90
C TYR B 237 -28.72 -25.39 -15.01
N LYS B 238 -28.27 -24.99 -16.19
CA LYS B 238 -29.10 -24.99 -17.38
C LYS B 238 -28.22 -25.35 -18.57
N VAL B 239 -28.55 -26.44 -19.26
CA VAL B 239 -27.90 -26.88 -20.50
C VAL B 239 -27.95 -25.72 -21.51
N TYR B 240 -26.81 -25.40 -22.11
CA TYR B 240 -26.69 -24.23 -22.98
C TYR B 240 -27.60 -24.34 -24.20
N ASN B 241 -28.65 -23.52 -24.22
CA ASN B 241 -29.50 -23.33 -25.41
C ASN B 241 -29.27 -21.89 -25.88
N GLY B 242 -28.39 -21.75 -26.88
CA GLY B 242 -28.00 -20.44 -27.42
C GLY B 242 -29.11 -19.55 -27.95
N SER B 243 -30.32 -20.09 -27.96
CA SER B 243 -31.53 -19.39 -28.41
C SER B 243 -32.29 -18.68 -27.31
N VAL B 244 -32.26 -19.26 -26.10
CA VAL B 244 -32.97 -18.70 -24.94
C VAL B 244 -32.73 -17.18 -24.88
N PRO B 245 -33.82 -16.37 -24.89
CA PRO B 245 -33.71 -14.91 -24.96
C PRO B 245 -33.16 -14.31 -23.68
N PHE B 246 -32.42 -13.20 -23.81
CA PHE B 246 -31.67 -12.63 -22.68
C PHE B 246 -32.58 -12.26 -21.50
N GLU B 247 -33.70 -11.60 -21.80
CA GLU B 247 -34.73 -11.24 -20.83
C GLU B 247 -35.12 -12.43 -19.96
N GLU B 248 -35.23 -13.60 -20.58
CA GLU B 248 -35.59 -14.83 -19.91
C GLU B 248 -34.46 -15.39 -19.07
N ARG B 249 -33.21 -15.12 -19.48
CA ARG B 249 -32.03 -15.53 -18.70
C ARG B 249 -31.99 -14.80 -17.36
N ILE B 250 -32.10 -13.46 -17.43
CA ILE B 250 -32.18 -12.58 -16.26
C ILE B 250 -33.36 -12.97 -15.36
N LEU B 251 -34.56 -13.06 -15.96
CA LEU B 251 -35.79 -13.43 -15.25
C LEU B 251 -35.72 -14.78 -14.51
N ALA B 252 -35.00 -15.74 -15.10
CA ALA B 252 -34.75 -17.03 -14.46
C ALA B 252 -33.89 -16.90 -13.20
N VAL B 253 -32.88 -16.03 -13.25
CA VAL B 253 -31.99 -15.79 -12.10
C VAL B 253 -32.75 -15.16 -10.95
N LEU B 254 -33.51 -14.10 -11.26
CA LEU B 254 -34.31 -13.35 -10.28
C LEU B 254 -35.42 -14.18 -9.63
N GLU B 255 -35.86 -15.22 -10.34
CA GLU B 255 -36.77 -16.22 -9.79
C GLU B 255 -36.06 -17.10 -8.76
N TRP B 256 -34.81 -17.49 -9.03
CA TRP B 256 -34.03 -18.30 -8.09
C TRP B 256 -33.58 -17.54 -6.84
N LEU B 257 -33.61 -16.21 -6.91
CA LEU B 257 -33.35 -15.36 -5.75
C LEU B 257 -34.58 -15.27 -4.83
N GLN B 258 -35.76 -15.46 -5.43
CA GLN B 258 -37.01 -15.52 -4.67
C GLN B 258 -37.18 -16.85 -3.94
N LEU B 259 -36.64 -17.92 -4.53
CA LEU B 259 -36.60 -19.30 -3.98
C LEU B 259 -36.50 -19.44 -2.43
N PRO B 260 -36.99 -20.58 -1.88
CA PRO B 260 -36.94 -20.81 -0.42
C PRO B 260 -35.53 -20.84 0.18
N SER B 261 -35.47 -20.53 1.47
CA SER B 261 -34.23 -20.28 2.21
C SER B 261 -33.27 -21.46 2.27
N HIS B 262 -33.80 -22.69 2.30
CA HIS B 262 -32.98 -23.91 2.35
C HIS B 262 -32.82 -24.58 0.98
N GLU B 263 -33.26 -23.90 -0.08
CA GLU B 263 -33.19 -24.44 -1.45
C GLU B 263 -32.63 -23.43 -2.48
N ARG B 264 -32.36 -22.20 -2.03
CA ARG B 264 -31.86 -21.11 -2.88
C ARG B 264 -30.33 -21.09 -2.97
N PRO B 265 -29.78 -20.84 -4.18
CA PRO B 265 -28.33 -20.71 -4.32
C PRO B 265 -27.73 -19.50 -3.60
N HIS B 266 -26.45 -19.63 -3.24
CA HIS B 266 -25.66 -18.52 -2.73
C HIS B 266 -24.79 -17.93 -3.84
N PHE B 267 -24.52 -18.71 -4.89
CA PHE B 267 -23.66 -18.31 -6.00
C PHE B 267 -24.31 -18.53 -7.35
N TYR B 268 -24.28 -17.50 -8.20
CA TYR B 268 -25.00 -17.50 -9.45
C TYR B 268 -24.10 -17.13 -10.59
N THR B 269 -24.43 -17.61 -11.78
CA THR B 269 -23.75 -17.16 -13.01
C THR B 269 -24.75 -16.70 -14.08
N LEU B 270 -24.32 -15.74 -14.87
CA LEU B 270 -24.98 -15.39 -16.10
C LEU B 270 -23.96 -15.38 -17.23
N TYR B 271 -24.46 -15.64 -18.44
CA TYR B 271 -23.65 -15.60 -19.64
C TYR B 271 -24.47 -14.97 -20.77
N LEU B 272 -23.83 -14.11 -21.54
CA LEU B 272 -24.44 -13.42 -22.68
C LEU B 272 -23.45 -13.43 -23.85
N GLU B 273 -23.89 -13.91 -25.01
CA GLU B 273 -23.02 -14.04 -26.21
C GLU B 273 -22.63 -12.71 -26.82
N GLU B 274 -23.44 -11.68 -26.58
CA GLU B 274 -23.09 -10.31 -26.93
C GLU B 274 -22.20 -9.71 -25.84
N PRO B 275 -21.24 -8.85 -26.20
CA PRO B 275 -21.08 -8.32 -27.56
C PRO B 275 -20.13 -9.10 -28.48
N ASP B 276 -19.76 -10.31 -28.09
CA ASP B 276 -18.83 -11.13 -28.88
C ASP B 276 -19.42 -11.49 -30.24
N SER B 277 -20.69 -11.92 -30.25
CA SER B 277 -21.37 -12.31 -31.48
C SER B 277 -21.33 -11.20 -32.55
N SER B 278 -21.99 -10.08 -32.28
CA SER B 278 -22.01 -8.91 -33.18
C SER B 278 -20.60 -8.34 -33.41
N GLY B 279 -19.70 -8.60 -32.46
CA GLY B 279 -18.29 -8.23 -32.61
C GLY B 279 -17.61 -8.98 -33.74
N HIS B 280 -17.85 -10.30 -33.77
CA HIS B 280 -17.30 -11.21 -34.79
C HIS B 280 -17.76 -10.80 -36.18
N SER B 281 -19.08 -10.76 -36.36
CA SER B 281 -19.72 -10.54 -37.67
C SER B 281 -19.57 -9.13 -38.25
N HIS B 282 -19.49 -8.11 -37.40
CA HIS B 282 -19.43 -6.71 -37.85
C HIS B 282 -18.16 -5.92 -37.52
N GLY B 283 -17.41 -6.38 -36.51
CA GLY B 283 -16.18 -5.72 -36.09
C GLY B 283 -16.28 -5.13 -34.70
N PRO B 284 -15.14 -4.75 -34.09
CA PRO B 284 -15.18 -4.13 -32.78
C PRO B 284 -15.63 -2.66 -32.82
N VAL B 285 -15.32 -1.97 -33.91
CA VAL B 285 -15.75 -0.59 -34.12
C VAL B 285 -16.83 -0.57 -35.18
N SER B 286 -18.05 -0.88 -34.75
CA SER B 286 -19.19 -1.06 -35.66
C SER B 286 -20.50 -0.52 -35.11
N SER B 287 -21.38 -0.13 -36.03
CA SER B 287 -22.73 0.32 -35.70
C SER B 287 -23.49 -0.73 -34.90
N GLU B 288 -23.26 -1.99 -35.21
CA GLU B 288 -23.96 -3.14 -34.60
C GLU B 288 -23.50 -3.46 -33.18
N VAL B 289 -22.20 -3.28 -32.89
CA VAL B 289 -21.71 -3.54 -31.52
C VAL B 289 -22.18 -2.49 -30.53
N ILE B 290 -22.21 -1.24 -30.98
CA ILE B 290 -22.73 -0.13 -30.17
C ILE B 290 -24.17 -0.46 -29.78
N LYS B 291 -24.98 -0.85 -30.78
CA LYS B 291 -26.33 -1.35 -30.55
C LYS B 291 -26.33 -2.57 -29.61
N ALA B 292 -25.36 -3.47 -29.79
CA ALA B 292 -25.25 -4.68 -28.96
C ALA B 292 -24.83 -4.34 -27.53
N LEU B 293 -23.86 -3.43 -27.42
CA LEU B 293 -23.43 -2.90 -26.13
C LEU B 293 -24.60 -2.24 -25.40
N GLN B 294 -25.32 -1.34 -26.09
CA GLN B 294 -26.54 -0.74 -25.58
C GLN B 294 -27.58 -1.80 -25.18
N LYS B 295 -27.71 -2.84 -26.01
CA LYS B 295 -28.61 -3.98 -25.74
C LYS B 295 -28.19 -4.73 -24.47
N VAL B 296 -26.89 -4.96 -24.32
CA VAL B 296 -26.35 -5.70 -23.19
C VAL B 296 -26.42 -4.87 -21.88
N ASP B 297 -26.24 -3.55 -22.02
CA ASP B 297 -26.32 -2.60 -20.91
C ASP B 297 -27.74 -2.50 -20.32
N ARG B 298 -28.74 -2.34 -21.19
CA ARG B 298 -30.15 -2.31 -20.79
C ARG B 298 -30.52 -3.59 -20.03
N LEU B 299 -29.98 -4.72 -20.47
CA LEU B 299 -30.23 -6.02 -19.84
C LEU B 299 -29.65 -6.14 -18.43
N VAL B 300 -28.42 -5.62 -18.25
CA VAL B 300 -27.83 -5.48 -16.91
C VAL B 300 -28.75 -4.58 -16.07
N GLY B 301 -29.25 -3.52 -16.71
CA GLY B 301 -30.23 -2.60 -16.13
C GLY B 301 -31.48 -3.24 -15.58
N MET B 302 -32.11 -4.12 -16.36
CA MET B 302 -33.33 -4.82 -15.88
C MET B 302 -33.03 -5.86 -14.80
N LEU B 303 -31.77 -6.27 -14.69
CA LEU B 303 -31.32 -7.08 -13.56
C LEU B 303 -31.30 -6.24 -12.28
N MET B 304 -30.73 -5.04 -12.37
CA MET B 304 -30.60 -4.15 -11.21
C MET B 304 -31.95 -3.67 -10.69
N ASP B 305 -32.86 -3.33 -11.62
CA ASP B 305 -34.23 -2.91 -11.29
C ASP B 305 -35.06 -4.03 -10.68
N GLY B 306 -34.82 -5.26 -11.17
CA GLY B 306 -35.43 -6.47 -10.63
C GLY B 306 -34.94 -6.77 -9.24
N LEU B 307 -33.61 -6.72 -9.06
CA LEU B 307 -32.95 -6.84 -7.76
C LEU B 307 -33.45 -5.80 -6.77
N LYS B 308 -33.63 -4.57 -7.26
CA LYS B 308 -34.21 -3.45 -6.52
C LYS B 308 -35.63 -3.78 -6.07
N ASP B 309 -36.43 -4.32 -7.00
CA ASP B 309 -37.80 -4.77 -6.73
C ASP B 309 -37.89 -5.96 -5.77
N LEU B 310 -36.76 -6.61 -5.48
CA LEU B 310 -36.67 -7.68 -4.47
C LEU B 310 -35.99 -7.21 -3.18
N GLY B 311 -35.65 -5.92 -3.13
CA GLY B 311 -34.96 -5.31 -1.98
C GLY B 311 -33.54 -5.80 -1.82
N LEU B 312 -32.91 -6.18 -2.93
CA LEU B 312 -31.61 -6.83 -2.91
C LEU B 312 -30.48 -5.98 -3.48
N ASP B 313 -30.80 -4.77 -3.94
CA ASP B 313 -29.80 -3.86 -4.54
C ASP B 313 -28.69 -3.44 -3.58
N LYS B 314 -28.99 -3.46 -2.29
CA LYS B 314 -28.01 -3.20 -1.22
C LYS B 314 -27.53 -4.51 -0.56
N CYS B 315 -27.86 -5.65 -1.17
CA CYS B 315 -27.54 -6.97 -0.60
C CYS B 315 -26.73 -7.89 -1.52
N LEU B 316 -26.94 -7.81 -2.83
CA LEU B 316 -26.20 -8.68 -3.77
C LEU B 316 -24.82 -8.12 -4.12
N ASN B 317 -23.84 -9.02 -4.20
CA ASN B 317 -22.53 -8.76 -4.82
C ASN B 317 -22.56 -9.12 -6.30
N LEU B 318 -22.08 -8.21 -7.14
CA LEU B 318 -22.04 -8.43 -8.57
C LEU B 318 -20.65 -8.20 -9.16
N ILE B 319 -20.09 -9.26 -9.75
CA ILE B 319 -18.94 -9.17 -10.64
C ILE B 319 -19.45 -9.27 -12.07
N LEU B 320 -19.30 -8.18 -12.82
CA LEU B 320 -19.62 -8.15 -14.23
C LEU B 320 -18.30 -8.28 -15.00
N ILE B 321 -18.03 -9.52 -15.41
CA ILE B 321 -16.76 -9.90 -16.02
C ILE B 321 -16.95 -10.19 -17.51
N SER B 322 -15.86 -10.22 -18.25
CA SER B 322 -15.83 -10.83 -19.58
C SER B 322 -14.59 -11.70 -19.73
N ASP B 323 -14.65 -12.59 -20.72
CA ASP B 323 -13.61 -13.59 -20.95
C ASP B 323 -12.40 -13.11 -21.77
N HIS B 324 -12.62 -12.21 -22.72
CA HIS B 324 -11.54 -11.75 -23.62
C HIS B 324 -11.91 -10.46 -24.35
N GLY B 325 -10.94 -9.89 -25.08
CA GLY B 325 -11.19 -8.72 -25.92
C GLY B 325 -11.72 -9.07 -27.29
N MET B 326 -11.53 -8.17 -28.26
CA MET B 326 -11.94 -8.38 -29.64
C MET B 326 -11.15 -7.51 -30.61
N GLU B 327 -10.40 -8.16 -31.48
CA GLU B 327 -9.58 -7.47 -32.49
C GLU B 327 -10.27 -7.52 -33.87
N GLN B 328 -9.98 -6.53 -34.72
CA GLN B 328 -10.47 -6.57 -36.11
C GLN B 328 -9.55 -7.38 -37.03
N GLY B 329 -10.10 -8.45 -37.57
CA GLY B 329 -9.41 -9.23 -38.62
C GLY B 329 -9.28 -8.47 -39.93
N SER B 330 -8.34 -8.92 -40.74
CA SER B 330 -8.11 -8.37 -42.07
C SER B 330 -7.61 -9.49 -42.97
N CYS B 331 -8.16 -9.56 -44.19
CA CYS B 331 -7.73 -10.56 -45.16
C CYS B 331 -6.33 -10.28 -45.68
N LYS B 332 -6.01 -8.99 -45.81
CA LYS B 332 -4.65 -8.51 -46.07
C LYS B 332 -3.66 -8.79 -44.91
N LYS B 333 -4.20 -9.25 -43.77
CA LYS B 333 -3.44 -9.66 -42.59
C LYS B 333 -3.77 -11.11 -42.17
N TYR B 334 -3.44 -12.06 -43.05
CA TYR B 334 -3.61 -13.48 -42.77
C TYR B 334 -2.45 -14.27 -43.37
N VAL B 335 -1.83 -15.13 -42.56
CA VAL B 335 -0.71 -15.96 -43.02
C VAL B 335 -1.19 -17.38 -43.34
N TYR B 336 -1.01 -17.77 -44.60
CA TYR B 336 -1.36 -19.10 -45.05
C TYR B 336 -0.11 -19.93 -45.21
N LEU B 337 -0.09 -21.05 -44.50
CA LEU B 337 1.09 -21.92 -44.39
C LEU B 337 1.52 -22.57 -45.71
N ASN B 338 0.54 -22.99 -46.53
CA ASN B 338 0.82 -23.61 -47.83
C ASN B 338 1.76 -22.78 -48.72
N LYS B 339 1.66 -21.45 -48.61
CA LYS B 339 2.52 -20.49 -49.32
C LYS B 339 4.02 -20.62 -48.98
N TYR B 340 4.35 -21.55 -48.09
CA TYR B 340 5.74 -21.79 -47.67
C TYR B 340 6.14 -23.27 -47.72
N LEU B 341 5.18 -24.16 -47.51
CA LEU B 341 5.43 -25.61 -47.41
C LEU B 341 4.52 -26.51 -48.27
N GLY B 342 3.85 -25.92 -49.26
CA GLY B 342 2.93 -26.63 -50.15
C GLY B 342 1.61 -27.02 -49.49
N ASP B 343 0.58 -27.21 -50.31
CA ASP B 343 -0.76 -27.61 -49.80
C ASP B 343 -0.78 -29.09 -49.40
N VAL B 344 0.05 -29.44 -48.42
CA VAL B 344 0.31 -30.83 -48.01
C VAL B 344 -0.83 -31.40 -47.15
N ASN B 345 -0.91 -32.74 -47.10
CA ASN B 345 -2.01 -33.42 -46.40
C ASN B 345 -1.64 -33.92 -44.99
N ASN B 346 -0.34 -33.99 -44.71
CA ASN B 346 0.17 -34.63 -43.49
C ASN B 346 0.01 -33.84 -42.17
N VAL B 347 -0.31 -32.55 -42.27
CA VAL B 347 -0.33 -31.63 -41.10
C VAL B 347 -1.60 -30.79 -40.94
N LYS B 348 -2.39 -31.10 -39.91
CA LYS B 348 -3.55 -30.30 -39.54
C LYS B 348 -3.11 -29.05 -38.77
N VAL B 349 -3.78 -27.93 -39.03
CA VAL B 349 -3.47 -26.62 -38.41
C VAL B 349 -4.73 -26.02 -37.79
N VAL B 350 -4.59 -25.53 -36.56
CA VAL B 350 -5.65 -24.76 -35.91
C VAL B 350 -5.53 -23.30 -36.36
N TYR B 351 -6.49 -22.88 -37.18
CA TYR B 351 -6.51 -21.51 -37.71
C TYR B 351 -6.82 -20.51 -36.61
N GLY B 352 -6.36 -19.27 -36.80
CA GLY B 352 -6.57 -18.20 -35.83
C GLY B 352 -5.26 -17.66 -35.30
N PRO B 353 -5.32 -16.65 -34.40
CA PRO B 353 -4.08 -16.14 -33.78
C PRO B 353 -3.49 -17.12 -32.76
N ALA B 354 -4.34 -17.98 -32.20
CA ALA B 354 -3.94 -18.99 -31.20
C ALA B 354 -3.34 -20.24 -31.87
N ALA B 355 -2.65 -20.02 -32.98
CA ALA B 355 -2.30 -21.07 -33.94
C ALA B 355 -1.48 -22.21 -33.36
N ARG B 356 -1.87 -23.43 -33.75
CA ARG B 356 -1.19 -24.69 -33.37
C ARG B 356 -1.09 -25.62 -34.58
N LEU B 357 -0.32 -26.70 -34.44
CA LEU B 357 -0.07 -27.66 -35.53
C LEU B 357 0.25 -29.07 -35.04
N ARG B 358 -0.61 -30.02 -35.42
CA ARG B 358 -0.37 -31.44 -35.18
C ARG B 358 -0.28 -32.22 -36.51
N PRO B 359 0.28 -33.45 -36.49
CA PRO B 359 0.21 -34.28 -37.71
C PRO B 359 -1.17 -34.93 -37.96
N THR B 360 -1.35 -35.48 -39.17
CA THR B 360 -2.55 -36.24 -39.56
C THR B 360 -2.48 -37.69 -39.07
N ASP B 361 -1.32 -38.33 -39.24
CA ASP B 361 -1.07 -39.72 -38.82
C ASP B 361 -1.04 -39.81 -37.28
N VAL B 362 -2.24 -39.80 -36.72
CA VAL B 362 -2.49 -39.54 -35.30
C VAL B 362 -3.33 -40.68 -34.69
N PRO B 363 -3.02 -41.16 -33.47
CA PRO B 363 -1.95 -40.64 -32.60
C PRO B 363 -0.56 -41.22 -32.87
N GLU B 364 -0.44 -42.05 -33.91
CA GLU B 364 0.77 -42.83 -34.22
C GLU B 364 2.03 -41.97 -34.26
N THR B 365 2.02 -40.96 -35.13
CA THR B 365 3.19 -40.11 -35.35
C THR B 365 3.18 -38.82 -34.51
N TYR B 366 2.35 -38.76 -33.47
CA TYR B 366 2.27 -37.57 -32.60
C TYR B 366 3.63 -37.25 -31.95
N TYR B 367 4.33 -38.28 -31.53
CA TYR B 367 5.68 -38.12 -30.96
C TYR B 367 6.75 -38.43 -31.99
N SER B 368 6.51 -39.46 -32.81
CA SER B 368 7.44 -39.89 -33.88
C SER B 368 7.72 -38.81 -34.94
N PHE B 369 6.79 -37.87 -35.11
CA PHE B 369 6.99 -36.69 -35.97
C PHE B 369 7.98 -35.76 -35.28
N ASN B 370 9.01 -35.33 -36.02
CA ASN B 370 9.91 -34.30 -35.53
C ASN B 370 9.38 -32.92 -35.93
N TYR B 371 9.31 -32.03 -34.94
CA TYR B 371 8.71 -30.72 -35.13
C TYR B 371 9.75 -29.66 -35.40
N GLU B 372 10.97 -29.87 -34.87
CA GLU B 372 12.04 -28.89 -34.89
C GLU B 372 12.53 -28.55 -36.29
N ALA B 373 12.55 -29.56 -37.17
CA ALA B 373 12.89 -29.39 -38.59
C ALA B 373 11.88 -28.49 -39.32
N LEU B 374 10.60 -28.69 -39.02
CA LEU B 374 9.52 -27.84 -39.54
C LEU B 374 9.57 -26.44 -38.93
N ALA B 375 9.87 -26.37 -37.62
CA ALA B 375 10.05 -25.12 -36.89
C ALA B 375 11.16 -24.25 -37.48
N LYS B 376 12.29 -24.88 -37.83
CA LYS B 376 13.39 -24.19 -38.52
C LYS B 376 13.01 -23.80 -39.97
N ASN B 377 12.17 -24.62 -40.60
CA ASN B 377 11.76 -24.45 -42.01
C ASN B 377 10.94 -23.18 -42.21
N LEU B 378 10.19 -22.77 -41.18
CA LEU B 378 9.29 -21.62 -41.25
C LEU B 378 9.82 -20.36 -40.54
N SER B 379 10.98 -20.49 -39.89
CA SER B 379 11.65 -19.38 -39.23
C SER B 379 12.46 -18.56 -40.22
N CYS B 380 12.33 -17.23 -40.11
CA CYS B 380 13.09 -16.23 -40.88
C CYS B 380 13.02 -16.41 -42.42
N ARG B 381 11.79 -16.29 -42.95
CA ARG B 381 11.47 -16.52 -44.37
C ARG B 381 11.06 -15.25 -45.11
N GLU B 382 9.96 -14.63 -44.69
CA GLU B 382 9.46 -13.35 -45.23
C GLU B 382 10.38 -12.18 -44.80
N PRO B 383 10.20 -10.96 -45.39
CA PRO B 383 10.99 -9.81 -44.91
C PRO B 383 10.66 -9.42 -43.45
N ASN B 384 9.53 -8.76 -43.24
CA ASN B 384 9.00 -8.52 -41.90
C ASN B 384 7.92 -9.56 -41.67
N GLN B 385 8.35 -10.73 -41.20
CA GLN B 385 7.46 -11.88 -40.97
C GLN B 385 6.54 -11.63 -39.77
N HIS B 386 5.26 -11.94 -39.93
CA HIS B 386 4.22 -11.60 -38.93
C HIS B 386 3.73 -12.77 -38.07
N PHE B 387 4.44 -13.89 -38.16
CA PHE B 387 4.19 -15.07 -37.35
C PHE B 387 5.54 -15.66 -36.97
N ARG B 388 5.57 -16.51 -35.95
CA ARG B 388 6.82 -17.18 -35.58
C ARG B 388 6.60 -18.58 -35.03
N PRO B 389 7.27 -19.59 -35.64
CA PRO B 389 7.13 -20.98 -35.16
C PRO B 389 7.82 -21.17 -33.81
N TYR B 390 7.09 -21.77 -32.89
CA TYR B 390 7.50 -21.85 -31.51
C TYR B 390 7.16 -23.23 -31.00
N LEU B 391 8.19 -24.03 -30.76
CA LEU B 391 7.98 -25.27 -30.03
C LEU B 391 7.51 -24.85 -28.65
N LYS B 392 6.44 -25.48 -28.18
CA LYS B 392 5.78 -25.09 -26.93
C LYS B 392 6.66 -24.70 -25.71
N PRO B 393 7.81 -25.38 -25.46
CA PRO B 393 8.61 -24.96 -24.29
C PRO B 393 9.37 -23.65 -24.51
N PHE B 394 9.54 -23.26 -25.77
CA PHE B 394 10.20 -22.00 -26.12
C PHE B 394 9.29 -20.79 -26.11
N LEU B 395 7.98 -21.02 -26.01
CA LEU B 395 6.97 -19.95 -25.90
C LEU B 395 7.25 -19.08 -24.68
N PRO B 396 6.97 -17.76 -24.78
CA PRO B 396 7.14 -16.84 -23.63
C PRO B 396 6.44 -17.37 -22.38
N LYS B 397 7.19 -17.43 -21.27
CA LYS B 397 6.76 -18.13 -20.07
C LYS B 397 5.50 -17.54 -19.44
N ARG B 398 5.35 -16.22 -19.62
CA ARG B 398 4.19 -15.44 -19.14
C ARG B 398 2.84 -15.92 -19.70
N LEU B 399 2.88 -16.52 -20.90
CA LEU B 399 1.70 -17.11 -21.54
C LEU B 399 1.22 -18.38 -20.85
N HIS B 400 2.14 -19.09 -20.19
CA HIS B 400 1.88 -20.35 -19.49
C HIS B 400 1.11 -21.34 -20.36
N PHE B 401 1.73 -21.71 -21.48
CA PHE B 401 1.05 -22.49 -22.51
C PHE B 401 1.95 -23.61 -23.07
N ALA B 402 2.19 -24.63 -22.23
CA ALA B 402 3.04 -25.78 -22.61
C ALA B 402 2.82 -27.08 -21.81
N LYS B 403 2.38 -26.99 -20.55
CA LYS B 403 2.26 -28.18 -19.68
C LYS B 403 0.92 -28.93 -19.82
N SER B 404 0.41 -29.03 -21.05
CA SER B 404 -0.76 -29.87 -21.36
C SER B 404 -0.61 -30.61 -22.69
N ASP B 405 -0.93 -31.91 -22.67
CA ASP B 405 -0.83 -32.80 -23.84
C ASP B 405 -1.66 -32.30 -25.01
N ARG B 406 -2.70 -31.55 -24.69
CA ARG B 406 -3.65 -31.01 -25.65
C ARG B 406 -3.12 -29.78 -26.39
N ILE B 407 -2.09 -29.15 -25.83
CA ILE B 407 -1.31 -28.15 -26.57
C ILE B 407 -0.44 -28.91 -27.57
N GLU B 408 -0.63 -28.58 -28.83
CA GLU B 408 0.12 -29.16 -29.95
C GLU B 408 1.58 -28.67 -29.89
N PRO B 409 2.58 -29.58 -30.03
CA PRO B 409 3.99 -29.24 -29.84
C PRO B 409 4.61 -28.20 -30.79
N LEU B 410 3.94 -27.89 -31.90
CA LEU B 410 4.31 -26.72 -32.70
C LEU B 410 3.20 -25.68 -32.64
N THR B 411 3.50 -24.56 -31.99
CA THR B 411 2.57 -23.43 -31.91
C THR B 411 3.13 -22.19 -32.58
N PHE B 412 2.24 -21.32 -33.04
CA PHE B 412 2.62 -20.09 -33.71
C PHE B 412 2.25 -18.89 -32.85
N TYR B 413 3.23 -18.02 -32.64
CA TYR B 413 3.00 -16.69 -32.13
C TYR B 413 2.78 -15.78 -33.32
N LEU B 414 1.90 -14.79 -33.14
CA LEU B 414 1.48 -13.93 -34.23
C LEU B 414 1.45 -12.47 -33.81
N ASP B 415 1.77 -11.59 -34.76
CA ASP B 415 1.68 -10.14 -34.58
C ASP B 415 0.24 -9.71 -34.26
N PRO B 416 0.08 -8.56 -33.58
CA PRO B 416 -1.28 -8.06 -33.35
C PRO B 416 -1.98 -7.79 -34.68
N GLN B 417 -3.27 -8.16 -34.73
CA GLN B 417 -4.14 -8.08 -35.92
C GLN B 417 -3.98 -9.23 -36.95
N TRP B 418 -2.80 -9.83 -36.97
CA TRP B 418 -2.50 -10.94 -37.89
C TRP B 418 -3.06 -12.29 -37.45
N GLN B 419 -3.30 -13.16 -38.44
CA GLN B 419 -3.83 -14.51 -38.19
C GLN B 419 -3.11 -15.57 -39.03
N LEU B 420 -3.46 -16.83 -38.83
CA LEU B 420 -2.81 -17.95 -39.56
C LEU B 420 -3.74 -19.13 -39.83
N ALA B 421 -3.52 -19.78 -40.98
CA ALA B 421 -4.15 -21.07 -41.36
C ALA B 421 -3.23 -21.88 -42.30
N LEU B 422 -3.65 -23.10 -42.64
CA LEU B 422 -2.90 -23.94 -43.60
C LEU B 422 -3.15 -23.45 -45.04
N ASN B 423 -4.39 -23.59 -45.50
CA ASN B 423 -4.86 -23.07 -46.78
C ASN B 423 -5.84 -21.92 -46.49
N PRO B 424 -6.14 -21.07 -47.51
CA PRO B 424 -7.33 -20.19 -47.44
C PRO B 424 -8.67 -20.92 -47.18
N SER B 425 -8.66 -22.26 -47.28
CA SER B 425 -9.76 -23.18 -46.90
C SER B 425 -11.13 -22.56 -46.54
N TYR B 429 -14.23 -16.91 -42.15
CA TYR B 429 -14.13 -15.76 -43.04
C TYR B 429 -13.16 -14.73 -42.47
N CYS B 430 -12.15 -14.38 -43.28
CA CYS B 430 -11.01 -13.55 -42.86
C CYS B 430 -11.30 -12.07 -42.52
N GLY B 431 -12.44 -11.56 -42.95
CA GLY B 431 -12.82 -10.18 -42.68
C GLY B 431 -13.54 -9.97 -41.35
N SER B 432 -13.80 -11.08 -40.64
CA SER B 432 -14.45 -11.06 -39.33
C SER B 432 -13.59 -10.45 -38.23
N GLY B 433 -14.27 -9.92 -37.21
CA GLY B 433 -13.62 -9.60 -35.94
C GLY B 433 -13.19 -10.88 -35.24
N PHE B 434 -11.88 -11.06 -35.12
CA PHE B 434 -11.30 -12.22 -34.45
C PHE B 434 -10.88 -11.94 -33.02
N HIS B 435 -10.52 -13.01 -32.31
CA HIS B 435 -9.83 -12.91 -31.01
C HIS B 435 -9.05 -14.18 -30.67
N GLY B 436 -8.06 -14.05 -29.80
CA GLY B 436 -7.31 -15.19 -29.29
C GLY B 436 -5.82 -15.00 -29.21
N SER B 437 -5.35 -13.79 -29.52
CA SER B 437 -3.91 -13.48 -29.65
C SER B 437 -3.23 -13.28 -28.30
N ASP B 438 -1.96 -12.84 -28.31
CA ASP B 438 -1.19 -12.54 -27.10
C ASP B 438 -2.02 -11.74 -26.10
N ASN B 439 -2.15 -12.26 -24.89
CA ASN B 439 -3.07 -11.72 -23.89
C ASN B 439 -2.63 -10.40 -23.25
N LEU B 440 -1.41 -9.96 -23.57
CA LEU B 440 -0.95 -8.61 -23.25
C LEU B 440 -1.23 -7.61 -24.41
N PHE B 441 -2.06 -8.02 -25.37
CA PHE B 441 -2.49 -7.09 -26.40
C PHE B 441 -3.58 -6.18 -25.87
N SER B 442 -3.41 -4.90 -26.15
CA SER B 442 -4.36 -3.86 -25.79
C SER B 442 -5.81 -4.27 -26.06
N ASN B 443 -6.13 -4.62 -27.31
CA ASN B 443 -7.51 -4.96 -27.69
C ASN B 443 -7.95 -6.37 -27.31
N MET B 444 -7.10 -7.11 -26.61
CA MET B 444 -7.47 -8.42 -26.09
C MET B 444 -7.97 -8.36 -24.64
N GLN B 445 -7.85 -7.19 -24.02
CA GLN B 445 -8.17 -6.98 -22.60
C GLN B 445 -9.66 -7.08 -22.30
N ALA B 446 -9.98 -7.39 -21.05
CA ALA B 446 -11.36 -7.70 -20.63
C ALA B 446 -11.95 -6.73 -19.60
N LEU B 447 -13.27 -6.81 -19.46
CA LEU B 447 -14.02 -6.01 -18.49
C LEU B 447 -14.08 -6.69 -17.12
N PHE B 448 -13.64 -5.98 -16.08
CA PHE B 448 -13.98 -6.35 -14.72
C PHE B 448 -14.56 -5.15 -13.97
N ILE B 449 -15.85 -5.26 -13.66
CA ILE B 449 -16.52 -4.37 -12.72
C ILE B 449 -16.96 -5.25 -11.56
N GLY B 450 -16.81 -4.74 -10.35
CA GLY B 450 -17.20 -5.47 -9.15
C GLY B 450 -17.93 -4.49 -8.27
N TYR B 451 -19.23 -4.72 -8.11
CA TYR B 451 -20.09 -3.82 -7.36
C TYR B 451 -20.93 -4.56 -6.29
N GLY B 452 -21.07 -3.94 -5.13
CA GLY B 452 -21.94 -4.46 -4.06
C GLY B 452 -21.41 -4.16 -2.66
N PRO B 453 -22.07 -4.72 -1.61
CA PRO B 453 -21.65 -4.55 -0.20
C PRO B 453 -20.21 -4.96 0.11
N ALA B 454 -19.67 -5.93 -0.63
CA ALA B 454 -18.31 -6.41 -0.40
C ALA B 454 -17.28 -5.55 -1.09
N PHE B 455 -17.68 -4.89 -2.18
CA PHE B 455 -16.77 -4.10 -3.00
C PHE B 455 -16.72 -2.61 -2.67
N LYS B 456 -15.52 -2.04 -2.72
CA LYS B 456 -15.33 -0.60 -2.52
C LYS B 456 -16.05 0.24 -3.59
N HIS B 457 -16.37 1.50 -3.28
CA HIS B 457 -17.22 2.32 -4.16
C HIS B 457 -16.45 3.36 -4.94
N GLY B 458 -16.42 3.20 -6.27
CA GLY B 458 -15.69 4.11 -7.15
C GLY B 458 -14.20 3.97 -6.97
N ALA B 459 -13.74 2.72 -7.05
CA ALA B 459 -12.34 2.39 -6.91
C ALA B 459 -11.82 1.93 -8.26
N GLU B 460 -10.66 2.44 -8.63
CA GLU B 460 -9.98 2.04 -9.84
C GLU B 460 -8.65 1.45 -9.46
N VAL B 461 -8.49 0.17 -9.75
CA VAL B 461 -7.29 -0.57 -9.35
C VAL B 461 -6.54 -1.05 -10.59
N ASP B 462 -5.24 -1.23 -10.45
CA ASP B 462 -4.37 -1.69 -11.55
C ASP B 462 -4.82 -3.05 -12.09
N SER B 463 -4.39 -3.37 -13.31
CA SER B 463 -4.78 -4.60 -14.00
C SER B 463 -4.50 -5.85 -13.19
N PHE B 464 -5.27 -6.90 -13.45
CA PHE B 464 -5.03 -8.22 -12.89
C PHE B 464 -5.54 -9.28 -13.84
N GLU B 465 -4.88 -10.44 -13.83
CA GLU B 465 -5.26 -11.61 -14.64
C GLU B 465 -6.57 -12.20 -14.16
N ASN B 466 -7.35 -12.80 -15.06
CA ASN B 466 -8.68 -13.32 -14.67
C ASN B 466 -8.66 -14.53 -13.73
N ILE B 467 -7.54 -15.25 -13.72
CA ILE B 467 -7.32 -16.36 -12.80
C ILE B 467 -7.46 -15.94 -11.34
N GLU B 468 -7.28 -14.64 -11.11
CA GLU B 468 -7.28 -14.07 -9.77
C GLU B 468 -8.67 -14.00 -9.14
N VAL B 469 -9.71 -13.99 -9.97
CA VAL B 469 -11.11 -13.88 -9.52
C VAL B 469 -11.57 -15.09 -8.70
N TYR B 470 -11.12 -16.30 -9.08
CA TYR B 470 -11.54 -17.53 -8.38
C TYR B 470 -11.30 -17.44 -6.87
N ASN B 471 -10.07 -17.09 -6.49
CA ASN B 471 -9.76 -16.82 -5.11
C ASN B 471 -10.65 -15.76 -4.46
N LEU B 472 -10.98 -14.71 -5.22
CA LEU B 472 -11.83 -13.61 -4.74
C LEU B 472 -13.27 -14.04 -4.53
N MET B 473 -13.77 -14.90 -5.42
CA MET B 473 -15.11 -15.44 -5.30
C MET B 473 -15.23 -16.39 -4.11
N CYS B 474 -14.14 -17.11 -3.81
CA CYS B 474 -14.09 -17.93 -2.61
C CYS B 474 -14.20 -17.09 -1.35
N ASP B 475 -13.61 -15.89 -1.38
CA ASP B 475 -13.69 -14.93 -0.28
C ASP B 475 -15.09 -14.32 -0.14
N LEU B 476 -15.77 -14.07 -1.26
CA LEU B 476 -17.15 -13.58 -1.23
C LEU B 476 -18.11 -14.63 -0.70
N LEU B 477 -17.83 -15.90 -0.99
CA LEU B 477 -18.73 -17.00 -0.67
C LEU B 477 -18.36 -17.77 0.59
N GLY B 478 -17.24 -17.40 1.21
CA GLY B 478 -16.73 -18.10 2.39
C GLY B 478 -16.38 -19.55 2.08
N LEU B 479 -15.41 -19.73 1.19
CA LEU B 479 -14.96 -21.05 0.78
C LEU B 479 -13.46 -21.13 0.88
N ILE B 480 -12.99 -22.23 1.46
CA ILE B 480 -11.57 -22.57 1.44
C ILE B 480 -11.26 -23.04 0.01
N PRO B 481 -10.51 -22.22 -0.75
CA PRO B 481 -10.30 -22.45 -2.18
C PRO B 481 -9.43 -23.65 -2.55
N ALA B 482 -9.63 -24.16 -3.75
CA ALA B 482 -8.81 -25.25 -4.30
C ALA B 482 -7.41 -24.74 -4.71
N PRO B 483 -6.42 -25.65 -4.88
CA PRO B 483 -5.12 -25.25 -5.42
C PRO B 483 -5.25 -24.56 -6.80
N ASN B 484 -5.05 -23.25 -6.81
CA ASN B 484 -5.12 -22.46 -8.05
C ASN B 484 -3.84 -21.64 -8.28
N ASN B 485 -3.78 -20.92 -9.40
CA ASN B 485 -2.63 -20.10 -9.78
C ASN B 485 -2.75 -18.63 -9.39
N GLY B 486 -3.89 -18.26 -8.82
CA GLY B 486 -4.05 -16.92 -8.27
C GLY B 486 -3.17 -16.72 -7.04
N SER B 487 -2.50 -15.57 -6.99
CA SER B 487 -1.94 -15.03 -5.74
C SER B 487 -3.12 -14.75 -4.82
N HIS B 488 -3.26 -15.54 -3.75
CA HIS B 488 -4.39 -15.38 -2.84
C HIS B 488 -4.19 -14.13 -1.97
N GLY B 489 -5.18 -13.25 -1.99
CA GLY B 489 -5.13 -11.97 -1.28
C GLY B 489 -4.58 -10.82 -2.09
N SER B 490 -4.23 -11.07 -3.36
CA SER B 490 -3.76 -10.01 -4.24
C SER B 490 -4.91 -9.06 -4.64
N LEU B 491 -6.13 -9.59 -4.70
CA LEU B 491 -7.31 -8.76 -4.98
C LEU B 491 -8.02 -8.27 -3.71
N ASN B 492 -7.27 -8.16 -2.61
CA ASN B 492 -7.81 -7.65 -1.34
C ASN B 492 -8.22 -6.18 -1.43
N HIS B 493 -7.49 -5.44 -2.26
CA HIS B 493 -7.71 -4.02 -2.47
C HIS B 493 -9.06 -3.67 -3.12
N LEU B 494 -9.73 -4.66 -3.70
CA LEU B 494 -11.10 -4.53 -4.20
C LEU B 494 -12.11 -4.56 -3.06
N LEU B 495 -11.81 -5.32 -2.02
CA LEU B 495 -12.75 -5.58 -0.95
C LEU B 495 -12.75 -4.52 0.14
N LYS B 496 -13.94 -4.25 0.69
CA LYS B 496 -14.11 -3.39 1.86
C LYS B 496 -13.49 -4.06 3.07
N LYS B 497 -13.87 -5.32 3.26
CA LYS B 497 -13.41 -6.13 4.37
C LYS B 497 -12.69 -7.39 3.81
N PRO B 498 -11.35 -7.33 3.67
CA PRO B 498 -10.56 -8.49 3.24
C PRO B 498 -10.67 -9.70 4.19
N ILE B 499 -11.20 -10.79 3.66
CA ILE B 499 -11.46 -12.03 4.43
C ILE B 499 -10.16 -12.82 4.75
N TYR B 500 -9.38 -13.10 3.71
CA TYR B 500 -8.11 -13.83 3.83
C TYR B 500 -6.94 -12.85 3.95
N ASN B 501 -6.12 -13.02 4.98
CA ASN B 501 -5.04 -12.08 5.30
C ASN B 501 -3.67 -12.79 5.11
N PRO B 502 -3.10 -12.70 3.88
CA PRO B 502 -1.99 -13.54 3.40
C PRO B 502 -0.63 -13.34 4.07
N SER B 503 0.25 -14.33 3.92
CA SER B 503 1.63 -14.28 4.43
C SER B 503 2.62 -14.48 3.30
N HIS B 504 3.84 -13.99 3.51
CA HIS B 504 4.96 -14.32 2.63
C HIS B 504 5.25 -15.81 2.78
N PRO B 505 5.74 -16.46 1.70
CA PRO B 505 6.00 -17.90 1.81
C PRO B 505 7.20 -18.15 2.73
N LYS B 506 7.14 -19.25 3.50
CA LYS B 506 8.18 -19.60 4.44
C LYS B 506 9.44 -19.98 3.68
N GLU B 507 10.58 -19.54 4.22
CA GLU B 507 11.88 -19.92 3.69
C GLU B 507 12.13 -21.40 3.98
N GLU B 508 12.30 -22.19 2.92
CA GLU B 508 12.44 -23.64 3.04
C GLU B 508 13.87 -24.10 2.76
N GLY B 509 14.72 -23.19 2.32
CA GLY B 509 16.12 -23.51 1.97
C GLY B 509 16.96 -23.80 3.20
N PHE B 510 18.07 -24.50 2.99
CA PHE B 510 19.07 -24.73 4.04
C PHE B 510 20.20 -23.72 3.89
N LEU B 511 19.98 -22.53 4.44
CA LEU B 511 20.97 -21.47 4.40
C LEU B 511 22.15 -21.86 5.29
N SER B 512 23.35 -21.70 4.74
CA SER B 512 24.59 -22.07 5.44
C SER B 512 25.74 -21.11 5.11
N GLN B 513 26.81 -21.18 5.90
CA GLN B 513 27.93 -20.24 5.79
C GLN B 513 29.05 -20.72 4.87
N CYS B 514 29.72 -19.76 4.23
CA CYS B 514 30.89 -20.00 3.36
C CYS B 514 32.10 -19.14 3.80
N PRO B 515 32.84 -19.57 4.86
CA PRO B 515 34.21 -19.05 5.04
C PRO B 515 35.21 -19.87 4.21
N ILE B 516 36.44 -19.37 4.10
CA ILE B 516 37.44 -19.84 3.11
C ILE B 516 37.84 -21.33 3.26
N LYS B 517 37.14 -22.19 2.52
CA LYS B 517 37.33 -23.65 2.61
C LYS B 517 38.37 -24.17 1.62
N SER B 518 38.34 -23.65 0.39
CA SER B 518 39.20 -24.12 -0.70
C SER B 518 40.65 -23.63 -0.61
N THR B 519 41.55 -24.35 -1.29
CA THR B 519 42.97 -24.02 -1.38
C THR B 519 43.26 -23.40 -2.75
N SER B 520 44.01 -22.29 -2.74
CA SER B 520 44.28 -21.49 -3.93
C SER B 520 44.93 -22.29 -5.07
N ASN B 521 44.12 -22.64 -6.07
CA ASN B 521 44.52 -23.46 -7.22
C ASN B 521 44.80 -22.59 -8.46
N ASP B 522 45.24 -23.21 -9.56
CA ASP B 522 45.57 -22.53 -10.82
C ASP B 522 44.57 -22.83 -11.94
N LEU B 523 43.85 -21.78 -12.37
CA LEU B 523 42.90 -21.86 -13.49
C LEU B 523 43.57 -21.43 -14.80
N GLY B 524 44.46 -20.43 -14.70
CA GLY B 524 45.35 -19.98 -15.80
C GLY B 524 44.66 -19.32 -16.98
N CYS B 525 44.75 -17.99 -17.06
CA CYS B 525 44.21 -17.22 -18.19
C CYS B 525 45.17 -16.09 -18.65
N ASP B 547 30.58 -3.09 6.50
CA ASP B 547 30.29 -4.49 6.27
C ASP B 547 28.78 -4.72 6.13
N ASP B 548 28.04 -4.43 7.20
CA ASP B 548 26.57 -4.40 7.25
C ASP B 548 25.94 -3.50 6.18
N ASP B 549 26.63 -2.38 5.89
CA ASP B 549 26.17 -1.33 4.99
C ASP B 549 26.20 -1.76 3.52
N ILE B 550 27.24 -2.48 3.13
CA ILE B 550 27.37 -2.94 1.75
C ILE B 550 26.42 -4.10 1.41
N TYR B 551 25.99 -4.83 2.44
CA TYR B 551 24.93 -5.84 2.29
C TYR B 551 23.62 -5.14 1.89
N HIS B 552 23.21 -4.17 2.69
CA HIS B 552 21.99 -3.40 2.46
C HIS B 552 22.01 -2.64 1.13
N MET B 553 23.20 -2.41 0.58
CA MET B 553 23.34 -1.76 -0.71
C MET B 553 23.10 -2.73 -1.86
N THR B 554 23.45 -3.99 -1.65
CA THR B 554 23.30 -5.01 -2.68
C THR B 554 21.86 -5.55 -2.77
N VAL B 555 21.23 -5.74 -1.61
CA VAL B 555 19.83 -6.20 -1.53
C VAL B 555 18.96 -5.21 -0.70
N PRO B 556 18.67 -4.00 -1.27
CA PRO B 556 17.97 -2.96 -0.49
C PRO B 556 16.47 -3.19 -0.29
N TYR B 557 15.93 -4.24 -0.90
CA TYR B 557 14.52 -4.58 -0.73
C TYR B 557 14.37 -5.87 0.04
N GLY B 558 15.50 -6.35 0.55
CA GLY B 558 15.58 -7.62 1.23
C GLY B 558 16.35 -8.62 0.40
N ARG B 559 16.90 -9.59 1.10
CA ARG B 559 17.51 -10.75 0.52
C ARG B 559 16.42 -11.54 -0.21
N PRO B 560 16.73 -12.08 -1.41
CA PRO B 560 15.82 -13.10 -1.95
C PRO B 560 15.79 -14.32 -1.02
N ARG B 561 14.59 -14.74 -0.64
CA ARG B 561 14.42 -15.97 0.15
C ARG B 561 14.49 -17.21 -0.74
N ILE B 562 14.67 -18.37 -0.11
CA ILE B 562 14.82 -19.61 -0.84
C ILE B 562 13.63 -20.52 -0.52
N LEU B 563 12.67 -20.57 -1.43
CA LEU B 563 11.52 -21.50 -1.29
C LEU B 563 11.90 -22.93 -1.69
N LEU B 564 13.14 -23.07 -2.15
CA LEU B 564 13.67 -24.34 -2.62
C LEU B 564 13.85 -25.31 -1.45
N LYS B 565 12.79 -26.12 -1.26
CA LYS B 565 12.69 -27.15 -0.23
C LYS B 565 14.01 -27.90 0.03
N GLN B 566 14.64 -27.55 1.15
CA GLN B 566 15.90 -28.17 1.65
C GLN B 566 17.16 -27.96 0.79
N HIS B 567 17.06 -27.17 -0.28
CA HIS B 567 18.21 -26.80 -1.11
C HIS B 567 19.24 -26.03 -0.27
N ARG B 568 20.50 -26.45 -0.38
CA ARG B 568 21.59 -25.85 0.41
C ARG B 568 22.24 -24.67 -0.31
N VAL B 569 22.09 -23.48 0.30
CA VAL B 569 22.48 -22.19 -0.31
C VAL B 569 23.47 -21.43 0.58
N CYS B 570 24.56 -20.97 -0.05
CA CYS B 570 25.55 -20.07 0.55
C CYS B 570 25.29 -18.63 0.11
N LEU B 571 25.32 -17.70 1.05
CA LEU B 571 25.19 -16.27 0.73
C LEU B 571 26.56 -15.61 0.64
N LEU B 572 27.03 -15.38 -0.58
CA LEU B 572 28.37 -14.83 -0.79
C LEU B 572 28.37 -13.31 -0.96
N GLN B 573 28.93 -12.60 0.02
CA GLN B 573 29.01 -11.13 -0.02
C GLN B 573 30.23 -10.67 -0.80
N GLN B 574 30.05 -9.58 -1.55
CA GLN B 574 31.09 -8.93 -2.32
C GLN B 574 30.88 -7.43 -2.17
N GLN B 575 31.84 -6.62 -2.63
CA GLN B 575 31.80 -5.16 -2.43
C GLN B 575 30.79 -4.44 -3.34
N GLN B 576 30.28 -5.15 -4.35
CA GLN B 576 29.40 -4.55 -5.34
C GLN B 576 28.10 -5.34 -5.56
N PHE B 577 28.14 -6.65 -5.30
CA PHE B 577 26.98 -7.53 -5.42
C PHE B 577 26.90 -8.55 -4.29
N LEU B 578 25.69 -9.05 -4.03
CA LEU B 578 25.46 -10.23 -3.18
C LEU B 578 24.94 -11.39 -4.03
N THR B 579 25.58 -12.56 -3.90
CA THR B 579 25.15 -13.75 -4.64
C THR B 579 24.79 -14.94 -3.76
N GLY B 580 23.78 -15.67 -4.20
CA GLY B 580 23.28 -16.87 -3.51
C GLY B 580 23.73 -18.12 -4.24
N TYR B 581 24.86 -18.66 -3.81
CA TYR B 581 25.45 -19.86 -4.41
C TYR B 581 24.77 -21.13 -3.90
N SER B 582 24.53 -22.06 -4.81
CA SER B 582 23.96 -23.38 -4.51
C SER B 582 25.08 -24.39 -4.34
N LEU B 583 25.13 -25.04 -3.18
CA LEU B 583 26.06 -26.15 -2.96
C LEU B 583 25.59 -27.36 -3.76
N ASP B 584 24.31 -27.69 -3.60
CA ASP B 584 23.59 -28.75 -4.35
C ASP B 584 23.83 -28.76 -5.85
N LEU B 585 24.01 -27.57 -6.44
CA LEU B 585 24.22 -27.42 -7.89
C LEU B 585 25.63 -27.02 -8.31
N LEU B 586 26.40 -26.43 -7.38
CA LEU B 586 27.69 -25.78 -7.68
C LEU B 586 27.60 -24.78 -8.85
N MET B 587 26.63 -23.86 -8.72
CA MET B 587 26.49 -22.66 -9.56
C MET B 587 25.63 -21.60 -8.84
N PRO B 588 25.70 -20.32 -9.28
CA PRO B 588 24.92 -19.31 -8.57
C PRO B 588 23.42 -19.34 -8.94
N LEU B 589 22.56 -19.22 -7.93
CA LEU B 589 21.10 -19.18 -8.11
C LEU B 589 20.58 -17.80 -8.51
N TRP B 590 21.09 -16.77 -7.82
CA TRP B 590 20.76 -15.38 -8.04
C TRP B 590 21.95 -14.52 -7.65
N ALA B 591 22.07 -13.37 -8.29
CA ALA B 591 23.03 -12.35 -7.87
C ALA B 591 22.33 -11.01 -7.92
N SER B 592 22.42 -10.28 -6.82
CA SER B 592 21.73 -9.01 -6.66
C SER B 592 22.72 -7.85 -6.49
N TYR B 593 22.61 -6.86 -7.39
CA TYR B 593 23.43 -5.65 -7.34
C TYR B 593 22.61 -4.39 -7.62
N THR B 594 23.10 -3.25 -7.16
CA THR B 594 22.43 -1.96 -7.39
C THR B 594 23.26 -1.08 -8.32
N PHE B 595 22.61 -0.60 -9.37
CA PHE B 595 23.24 0.16 -10.43
C PHE B 595 22.64 1.58 -10.48
N LEU B 596 23.36 2.55 -9.91
CA LEU B 596 22.89 3.94 -9.81
C LEU B 596 23.04 4.71 -11.14
N SER B 597 22.46 5.91 -11.20
CA SER B 597 22.38 6.75 -12.42
C SER B 597 23.68 6.92 -13.20
N ASN B 598 24.79 7.07 -12.48
CA ASN B 598 26.08 7.37 -13.08
C ASN B 598 27.16 6.31 -12.79
N ASP B 599 27.19 5.29 -13.65
CA ASP B 599 28.30 4.32 -13.83
C ASP B 599 28.02 3.36 -15.00
N LEU B 610 39.33 -15.12 -14.89
CA LEU B 610 38.64 -15.89 -13.85
C LEU B 610 39.51 -16.17 -12.62
N TYR B 611 39.04 -15.72 -11.46
CA TYR B 611 39.74 -15.88 -10.19
C TYR B 611 39.06 -16.89 -9.29
N GLN B 612 39.87 -17.76 -8.67
CA GLN B 612 39.38 -18.83 -7.80
C GLN B 612 38.71 -18.28 -6.53
N ASP B 613 37.37 -18.30 -6.50
CA ASP B 613 36.62 -17.96 -5.29
C ASP B 613 36.91 -19.04 -4.24
N LEU B 614 37.49 -18.60 -3.13
CA LEU B 614 38.06 -19.51 -2.14
C LEU B 614 37.03 -20.00 -1.12
N ARG B 615 35.80 -19.48 -1.21
CA ARG B 615 34.69 -19.87 -0.33
C ARG B 615 33.88 -21.02 -0.91
N ILE B 616 34.08 -21.29 -2.20
CA ILE B 616 33.39 -22.39 -2.89
C ILE B 616 34.34 -23.56 -3.20
N PRO B 617 33.82 -24.81 -3.14
CA PRO B 617 34.64 -25.92 -3.61
C PRO B 617 34.88 -25.77 -5.11
N LEU B 618 36.12 -26.02 -5.52
CA LEU B 618 36.49 -25.97 -6.92
C LEU B 618 35.87 -27.14 -7.70
N SER B 619 35.56 -26.88 -8.96
CA SER B 619 35.03 -27.89 -9.87
C SER B 619 35.73 -27.69 -11.22
N PRO B 620 35.89 -28.77 -12.02
CA PRO B 620 36.59 -28.64 -13.32
C PRO B 620 36.09 -27.50 -14.22
N VAL B 621 34.80 -27.16 -14.10
CA VAL B 621 34.16 -26.10 -14.90
C VAL B 621 34.62 -24.67 -14.57
N HIS B 622 35.13 -24.47 -13.35
CA HIS B 622 35.61 -23.17 -12.86
C HIS B 622 36.95 -22.74 -13.51
N LYS B 623 37.66 -23.72 -14.09
CA LYS B 623 38.96 -23.48 -14.73
C LYS B 623 38.80 -22.87 -16.12
N CYS B 624 39.67 -21.89 -16.43
CA CYS B 624 39.71 -21.21 -17.73
C CYS B 624 39.94 -22.18 -18.88
N SER B 625 40.83 -23.14 -18.66
CA SER B 625 41.19 -24.15 -19.66
C SER B 625 40.06 -25.12 -20.05
N TYR B 626 39.03 -25.24 -19.20
CA TYR B 626 37.83 -26.04 -19.51
C TYR B 626 37.05 -25.46 -20.72
N TYR B 627 37.02 -24.13 -20.81
CA TYR B 627 36.16 -23.43 -21.77
C TYR B 627 36.82 -23.08 -23.11
N LEU B 633 29.07 -23.29 -26.35
CA LEU B 633 28.71 -23.19 -24.94
C LEU B 633 29.88 -22.68 -24.06
N SER B 634 29.80 -21.42 -23.65
CA SER B 634 30.82 -20.78 -22.81
C SER B 634 30.34 -20.57 -21.36
N TYR B 635 30.98 -19.64 -20.67
CA TYR B 635 30.51 -19.13 -19.38
C TYR B 635 30.02 -17.70 -19.55
N GLY B 636 29.12 -17.27 -18.67
CA GLY B 636 28.67 -15.88 -18.61
C GLY B 636 28.67 -15.35 -17.19
N PHE B 637 28.60 -14.04 -17.06
CA PHE B 637 28.52 -13.38 -15.75
C PHE B 637 27.10 -12.98 -15.38
N LEU B 638 26.73 -13.19 -14.11
CA LEU B 638 25.46 -12.65 -13.59
C LEU B 638 25.58 -11.16 -13.30
N THR B 639 26.72 -10.78 -12.70
CA THR B 639 27.09 -9.40 -12.46
C THR B 639 28.18 -9.02 -13.47
N PRO B 640 27.92 -7.98 -14.30
CA PRO B 640 28.95 -7.62 -15.27
C PRO B 640 30.22 -7.10 -14.59
N PRO B 641 31.40 -7.43 -15.13
CA PRO B 641 32.63 -6.85 -14.58
C PRO B 641 32.79 -5.38 -14.96
N ARG B 642 32.15 -4.96 -16.06
CA ARG B 642 32.14 -3.55 -16.47
C ARG B 642 31.27 -2.69 -15.52
N LEU B 643 31.84 -2.47 -14.32
CA LEU B 643 31.17 -1.80 -13.20
C LEU B 643 32.20 -0.93 -12.45
N ASN B 644 31.88 0.35 -12.29
CA ASN B 644 32.77 1.37 -11.69
C ASN B 644 34.16 1.41 -12.34
N SER B 652 36.37 -6.10 -10.19
CA SER B 652 37.30 -7.24 -10.29
C SER B 652 36.78 -8.54 -9.64
N GLU B 653 36.07 -8.40 -8.52
CA GLU B 653 35.43 -9.54 -7.84
C GLU B 653 34.26 -10.13 -8.64
N ALA B 654 33.81 -9.39 -9.65
CA ALA B 654 32.80 -9.84 -10.61
C ALA B 654 33.35 -10.90 -11.58
N LEU B 655 34.61 -11.30 -11.37
CA LEU B 655 35.26 -12.38 -12.11
C LEU B 655 35.52 -13.61 -11.24
N LEU B 656 34.93 -13.63 -10.04
CA LEU B 656 34.96 -14.81 -9.16
C LEU B 656 34.19 -15.97 -9.78
N THR B 657 34.71 -17.19 -9.64
CA THR B 657 34.12 -18.41 -10.26
C THR B 657 32.73 -18.74 -9.69
N SER B 658 32.36 -18.03 -8.62
CA SER B 658 31.00 -18.07 -8.07
C SER B 658 30.02 -17.16 -8.83
N ASN B 659 30.54 -16.37 -9.76
CA ASN B 659 29.73 -15.47 -10.57
C ASN B 659 29.59 -15.94 -12.04
N ILE B 660 29.88 -17.22 -12.30
CA ILE B 660 29.75 -17.75 -13.66
C ILE B 660 28.72 -18.86 -13.85
N VAL B 661 28.05 -18.82 -15.01
CA VAL B 661 26.98 -19.75 -15.38
C VAL B 661 27.23 -20.33 -16.78
N PRO B 662 26.72 -21.56 -17.07
CA PRO B 662 26.85 -22.06 -18.44
C PRO B 662 26.01 -21.21 -19.39
N MET B 663 26.62 -20.74 -20.47
CA MET B 663 25.97 -19.77 -21.35
C MET B 663 26.47 -19.88 -22.78
N TYR B 664 25.56 -20.28 -23.68
CA TYR B 664 25.83 -20.30 -25.12
C TYR B 664 26.32 -18.95 -25.65
N GLN B 665 27.09 -18.98 -26.73
CA GLN B 665 27.61 -17.75 -27.35
C GLN B 665 26.53 -16.88 -27.99
N SER B 666 25.48 -17.52 -28.51
CA SER B 666 24.36 -16.80 -29.13
C SER B 666 23.64 -15.97 -28.08
N PHE B 667 23.47 -16.55 -26.90
CA PHE B 667 22.87 -15.86 -25.77
C PHE B 667 23.80 -14.79 -25.19
N GLN B 668 25.11 -14.96 -25.37
CA GLN B 668 26.11 -13.96 -24.96
C GLN B 668 25.97 -12.62 -25.69
N VAL B 669 25.46 -12.66 -26.93
CA VAL B 669 25.17 -11.46 -27.74
C VAL B 669 24.07 -10.62 -27.06
N ILE B 670 23.02 -11.31 -26.61
CA ILE B 670 21.89 -10.72 -25.89
C ILE B 670 22.34 -10.17 -24.53
N TRP B 671 23.15 -10.97 -23.82
CA TRP B 671 23.59 -10.69 -22.45
C TRP B 671 24.60 -9.54 -22.35
N HIS B 672 25.57 -9.51 -23.26
CA HIS B 672 26.56 -8.43 -23.31
C HIS B 672 25.89 -7.12 -23.72
N TYR B 673 24.87 -7.20 -24.57
CA TYR B 673 24.08 -6.03 -25.01
C TYR B 673 23.17 -5.51 -23.90
N LEU B 674 22.55 -6.43 -23.16
CA LEU B 674 21.68 -6.11 -22.04
C LEU B 674 22.42 -5.28 -20.99
N HIS B 675 23.61 -5.75 -20.61
CA HIS B 675 24.42 -5.13 -19.56
C HIS B 675 25.37 -4.00 -20.03
N ASP B 676 25.50 -3.80 -21.34
CA ASP B 676 26.32 -2.69 -21.87
C ASP B 676 25.48 -1.49 -22.31
N THR B 677 24.36 -1.73 -22.97
CA THR B 677 23.51 -0.67 -23.48
C THR B 677 22.25 -0.46 -22.63
N LEU B 678 21.46 -1.52 -22.45
CA LEU B 678 20.11 -1.40 -21.91
C LEU B 678 20.07 -1.03 -20.43
N LEU B 679 20.67 -1.85 -19.57
CA LEU B 679 20.67 -1.61 -18.11
C LEU B 679 21.25 -0.25 -17.74
N GLN B 680 22.29 0.17 -18.45
CA GLN B 680 22.92 1.48 -18.26
C GLN B 680 21.99 2.61 -18.71
N ARG B 681 21.17 2.36 -19.73
CA ARG B 681 20.16 3.32 -20.17
C ARG B 681 19.06 3.45 -19.14
N TYR B 682 18.59 2.31 -18.64
CA TYR B 682 17.55 2.25 -17.60
C TYR B 682 18.02 2.88 -16.28
N ALA B 683 19.32 2.89 -16.07
CA ALA B 683 19.95 3.63 -14.98
C ALA B 683 19.80 5.15 -15.12
N HIS B 684 19.97 5.68 -16.32
CA HIS B 684 19.70 7.10 -16.60
C HIS B 684 18.19 7.37 -16.61
N GLU B 685 17.43 6.49 -17.27
CA GLU B 685 15.98 6.65 -17.42
C GLU B 685 15.19 6.55 -16.11
N ARG B 686 15.65 5.71 -15.18
CA ARG B 686 14.90 5.43 -13.96
C ARG B 686 15.61 5.85 -12.66
N ASN B 687 16.65 6.68 -12.78
CA ASN B 687 17.49 7.14 -11.65
C ASN B 687 18.10 5.97 -10.85
N GLY B 688 18.83 5.09 -11.55
CA GLY B 688 19.37 3.86 -10.98
C GLY B 688 18.38 2.71 -10.94
N ILE B 689 18.83 1.50 -11.26
CA ILE B 689 18.01 0.29 -11.05
C ILE B 689 18.74 -0.74 -10.20
N ASN B 690 17.96 -1.46 -9.40
CA ASN B 690 18.46 -2.64 -8.72
C ASN B 690 18.21 -3.86 -9.61
N VAL B 691 19.18 -4.77 -9.62
CA VAL B 691 19.14 -5.96 -10.48
C VAL B 691 19.33 -7.23 -9.64
N VAL B 692 18.42 -8.19 -9.84
CA VAL B 692 18.61 -9.57 -9.43
C VAL B 692 18.47 -10.38 -10.70
N SER B 693 19.53 -11.10 -11.05
CA SER B 693 19.48 -12.04 -12.17
C SER B 693 20.12 -13.36 -11.81
N GLY B 694 19.71 -14.41 -12.52
CA GLY B 694 20.28 -15.75 -12.38
C GLY B 694 19.77 -16.78 -13.38
N PRO B 695 20.27 -18.03 -13.26
CA PRO B 695 19.82 -19.12 -14.13
C PRO B 695 18.42 -19.58 -13.80
N VAL B 696 17.78 -20.23 -14.76
CA VAL B 696 16.46 -20.84 -14.59
C VAL B 696 16.52 -22.27 -15.15
N PHE B 697 16.10 -23.24 -14.34
CA PHE B 697 16.05 -24.64 -14.77
C PHE B 697 14.63 -25.14 -14.83
N ASP B 698 14.07 -25.15 -16.04
CA ASP B 698 12.73 -25.69 -16.26
C ASP B 698 12.65 -26.55 -17.50
N PHE B 699 12.84 -27.85 -17.29
CA PHE B 699 12.99 -28.81 -18.37
C PHE B 699 11.66 -29.48 -18.72
N ASP B 700 10.84 -29.73 -17.70
CA ASP B 700 9.49 -30.27 -17.86
C ASP B 700 8.47 -29.20 -18.26
N TYR B 701 8.96 -27.98 -18.48
CA TYR B 701 8.19 -26.84 -19.01
C TYR B 701 6.79 -26.63 -18.39
N ASP B 702 6.73 -26.67 -17.06
CA ASP B 702 5.48 -26.35 -16.34
C ASP B 702 5.44 -24.91 -15.80
N GLY B 703 6.60 -24.25 -15.83
CA GLY B 703 6.72 -22.90 -15.31
C GLY B 703 7.09 -22.84 -13.85
N ARG B 704 7.29 -24.02 -13.24
CA ARG B 704 7.75 -24.11 -11.86
C ARG B 704 9.19 -24.64 -11.82
N TYR B 705 9.86 -24.51 -10.66
CA TYR B 705 11.25 -24.97 -10.54
C TYR B 705 11.34 -26.48 -10.48
N ASP B 706 12.41 -27.01 -11.07
CA ASP B 706 12.59 -28.45 -11.20
C ASP B 706 13.06 -29.10 -9.90
N SER B 707 12.41 -30.20 -9.51
CA SER B 707 12.80 -31.00 -8.35
C SER B 707 14.18 -31.63 -8.59
N LEU B 708 14.98 -31.71 -7.52
CA LEU B 708 16.38 -32.21 -7.57
C LEU B 708 16.52 -33.50 -8.39
N GLU B 709 15.47 -34.31 -8.37
CA GLU B 709 15.35 -35.54 -9.14
C GLU B 709 15.28 -35.34 -10.67
N ILE B 710 14.55 -34.32 -11.14
CA ILE B 710 14.41 -34.09 -12.60
C ILE B 710 15.52 -33.19 -13.17
N LEU B 711 16.24 -32.51 -12.28
CA LEU B 711 17.44 -31.77 -12.63
C LEU B 711 18.51 -32.69 -13.18
N LYS B 712 18.76 -33.79 -12.46
CA LYS B 712 19.76 -34.81 -12.82
C LYS B 712 19.43 -35.47 -14.16
N GLN B 713 18.20 -35.95 -14.31
CA GLN B 713 17.71 -36.55 -15.55
C GLN B 713 18.02 -35.75 -16.84
N ASN B 714 18.28 -34.44 -16.68
CA ASN B 714 18.60 -33.53 -17.80
C ASN B 714 20.07 -33.07 -17.89
N SER B 715 20.89 -33.51 -16.94
CA SER B 715 22.28 -33.04 -16.80
C SER B 715 23.22 -33.58 -17.91
N ARG B 716 23.15 -32.95 -19.08
CA ARG B 716 23.91 -33.37 -20.27
C ARG B 716 25.44 -33.16 -20.15
N VAL B 717 26.21 -34.13 -20.66
CA VAL B 717 27.67 -34.17 -20.54
C VAL B 717 28.42 -33.55 -21.73
N ILE B 718 29.33 -32.64 -21.40
CA ILE B 718 30.11 -31.90 -22.39
C ILE B 718 31.52 -31.66 -21.83
N ARG B 719 32.53 -31.92 -22.66
CA ARG B 719 33.95 -31.93 -22.27
C ARG B 719 34.20 -32.77 -21.00
N SER B 720 33.66 -34.00 -21.03
CA SER B 720 33.77 -35.02 -19.97
C SER B 720 33.43 -34.58 -18.52
N GLN B 721 32.61 -33.53 -18.39
CA GLN B 721 32.08 -33.10 -17.08
C GLN B 721 30.56 -32.96 -17.13
N GLU B 722 29.89 -33.47 -16.09
CA GLU B 722 28.43 -33.42 -16.00
C GLU B 722 28.02 -31.99 -15.66
N ILE B 723 27.74 -31.21 -16.70
CA ILE B 723 27.27 -29.82 -16.56
C ILE B 723 25.74 -29.79 -16.60
N LEU B 724 25.16 -28.68 -16.12
CA LEU B 724 23.73 -28.46 -16.21
C LEU B 724 23.50 -27.09 -16.81
N ILE B 725 23.13 -27.06 -18.10
CA ILE B 725 22.83 -25.79 -18.80
C ILE B 725 21.46 -25.25 -18.35
N PRO B 726 21.35 -23.91 -18.14
CA PRO B 726 20.06 -23.32 -17.81
C PRO B 726 19.15 -23.25 -19.04
N THR B 727 17.86 -23.42 -18.79
CA THR B 727 16.85 -23.34 -19.84
C THR B 727 16.54 -21.89 -20.18
N HIS B 728 16.53 -21.05 -19.14
CA HIS B 728 16.25 -19.62 -19.26
C HIS B 728 17.17 -18.84 -18.32
N PHE B 729 17.29 -17.54 -18.58
CA PHE B 729 17.88 -16.62 -17.61
C PHE B 729 16.89 -15.56 -17.15
N PHE B 730 16.64 -15.52 -15.83
CA PHE B 730 15.76 -14.51 -15.24
C PHE B 730 16.53 -13.26 -14.88
N ILE B 731 15.86 -12.12 -15.08
CA ILE B 731 16.36 -10.82 -14.62
C ILE B 731 15.19 -9.98 -14.11
N VAL B 732 15.32 -9.51 -12.87
CA VAL B 732 14.30 -8.70 -12.20
C VAL B 732 14.86 -7.30 -11.89
N LEU B 733 14.39 -6.33 -12.67
CA LEU B 733 14.79 -4.93 -12.54
C LEU B 733 13.83 -4.22 -11.59
N THR B 734 14.38 -3.39 -10.71
CA THR B 734 13.59 -2.71 -9.68
C THR B 734 14.09 -1.30 -9.36
N SER B 735 13.17 -0.34 -9.50
CA SER B 735 13.43 1.09 -9.35
C SER B 735 12.31 1.77 -8.55
N CYS B 736 12.41 3.09 -8.39
CA CYS B 736 11.43 3.85 -7.60
C CYS B 736 10.38 4.45 -8.49
N LYS B 737 9.16 4.50 -7.98
CA LYS B 737 8.03 5.10 -8.66
C LYS B 737 8.25 6.60 -8.75
N GLN B 738 8.99 7.13 -7.78
CA GLN B 738 9.39 8.53 -7.73
C GLN B 738 10.84 8.66 -8.22
N LEU B 739 10.99 9.19 -9.44
CA LEU B 739 12.30 9.32 -10.11
C LEU B 739 13.32 10.16 -9.34
N SER B 740 12.84 10.98 -8.42
CA SER B 740 13.68 11.77 -7.50
C SER B 740 14.34 10.95 -6.38
N GLU B 741 14.17 9.62 -6.46
CA GLU B 741 14.72 8.69 -5.47
C GLU B 741 15.53 7.59 -6.15
N THR B 742 16.72 7.31 -5.60
CA THR B 742 17.54 6.16 -6.03
C THR B 742 17.02 4.85 -5.40
N PRO B 743 17.31 3.67 -6.03
CA PRO B 743 16.86 2.36 -5.51
C PRO B 743 17.10 2.07 -4.03
N LEU B 744 18.10 2.71 -3.44
CA LEU B 744 18.40 2.55 -2.01
C LEU B 744 17.38 3.26 -1.10
N GLU B 745 16.65 4.23 -1.64
CA GLU B 745 15.72 5.03 -0.86
C GLU B 745 14.35 5.18 -1.55
N CYS B 746 13.77 4.05 -1.96
CA CYS B 746 12.43 4.04 -2.59
C CYS B 746 11.32 4.18 -1.56
N SER B 747 10.18 4.69 -2.03
CA SER B 747 8.96 4.82 -1.23
C SER B 747 7.90 3.85 -1.73
N ALA B 748 7.96 3.58 -3.04
CA ALA B 748 7.18 2.55 -3.74
C ALA B 748 8.04 1.99 -4.88
N LEU B 749 7.67 0.79 -5.35
CA LEU B 749 8.50 0.05 -6.31
C LEU B 749 7.98 -0.02 -7.73
N GLU B 750 8.89 0.21 -8.67
CA GLU B 750 8.68 -0.11 -10.06
C GLU B 750 9.46 -1.40 -10.32
N SER B 751 8.75 -2.49 -10.64
CA SER B 751 9.39 -3.77 -10.94
C SER B 751 9.12 -4.23 -12.34
N SER B 752 10.13 -4.78 -12.99
CA SER B 752 9.95 -5.46 -14.28
C SER B 752 10.85 -6.68 -14.39
N ALA B 753 10.22 -7.84 -14.61
CA ALA B 753 10.91 -9.12 -14.64
C ALA B 753 10.88 -9.74 -16.02
N TYR B 754 11.98 -10.43 -16.35
CA TYR B 754 12.15 -11.06 -17.65
C TYR B 754 12.70 -12.45 -17.47
N ILE B 755 12.09 -13.42 -18.15
CA ILE B 755 12.60 -14.79 -18.23
C ILE B 755 13.03 -15.04 -19.68
N LEU B 756 14.30 -14.71 -19.95
CA LEU B 756 14.94 -14.85 -21.27
C LEU B 756 15.27 -16.31 -21.54
N PRO B 757 14.86 -16.85 -22.71
CA PRO B 757 15.14 -18.26 -22.98
C PRO B 757 16.59 -18.51 -23.43
N HIS B 758 17.19 -19.58 -22.92
CA HIS B 758 18.58 -19.91 -23.20
C HIS B 758 18.71 -20.88 -24.40
N ARG B 759 18.46 -20.33 -25.58
CA ARG B 759 18.55 -21.04 -26.85
C ARG B 759 19.99 -20.94 -27.35
N PRO B 760 20.54 -22.04 -27.93
CA PRO B 760 21.92 -22.02 -28.43
C PRO B 760 22.09 -21.35 -29.80
N ASP B 761 20.98 -21.10 -30.48
CA ASP B 761 20.96 -20.30 -31.72
C ASP B 761 19.95 -19.15 -31.60
N ASN B 762 20.17 -18.09 -32.37
CA ASN B 762 19.28 -16.93 -32.38
C ASN B 762 18.25 -16.97 -33.52
N ILE B 763 17.63 -18.15 -33.70
CA ILE B 763 16.65 -18.38 -34.78
C ILE B 763 15.32 -17.64 -34.52
N GLU B 764 14.93 -17.55 -33.24
CA GLU B 764 13.71 -16.85 -32.81
C GLU B 764 13.71 -15.37 -33.19
N SER B 765 14.88 -14.78 -33.29
CA SER B 765 15.02 -13.35 -33.51
C SER B 765 15.45 -12.97 -34.93
N CYS B 766 16.03 -13.92 -35.66
CA CYS B 766 16.74 -13.67 -36.92
C CYS B 766 17.96 -12.74 -36.66
N SER B 773 20.98 -4.49 -32.36
CA SER B 773 20.33 -3.47 -31.51
C SER B 773 18.82 -3.70 -31.40
N SER B 774 18.10 -3.63 -32.55
CA SER B 774 16.63 -3.69 -32.60
C SER B 774 16.06 -5.01 -32.06
N TRP B 775 16.70 -6.13 -32.45
CA TRP B 775 16.18 -7.47 -32.14
C TRP B 775 16.28 -7.90 -30.68
N VAL B 776 17.28 -7.38 -29.94
CA VAL B 776 17.45 -7.75 -28.51
C VAL B 776 16.35 -7.16 -27.62
N GLU B 777 16.15 -5.84 -27.72
CA GLU B 777 15.11 -5.12 -26.98
C GLU B 777 13.71 -5.67 -27.29
N GLU B 778 13.46 -6.01 -28.56
CA GLU B 778 12.23 -6.69 -28.99
C GLU B 778 12.08 -8.06 -28.33
N LEU B 779 13.18 -8.81 -28.23
CA LEU B 779 13.19 -10.10 -27.55
C LEU B 779 12.86 -9.95 -26.06
N LEU B 780 13.56 -9.03 -25.39
CA LEU B 780 13.28 -8.65 -24.01
C LEU B 780 11.78 -8.44 -23.78
N THR B 781 11.21 -7.48 -24.51
CA THR B 781 9.83 -7.06 -24.33
C THR B 781 8.83 -8.22 -24.47
N LEU B 782 9.04 -9.08 -25.46
CA LEU B 782 8.18 -10.26 -25.68
C LEU B 782 8.24 -11.23 -24.49
N HIS B 783 9.45 -11.46 -23.99
CA HIS B 783 9.68 -12.39 -22.89
C HIS B 783 9.57 -11.77 -21.50
N ARG B 784 8.77 -10.70 -21.40
CA ARG B 784 8.31 -10.14 -20.13
C ARG B 784 7.73 -11.26 -19.28
N ALA B 785 7.68 -11.02 -17.97
CA ALA B 785 7.11 -11.98 -17.05
C ALA B 785 6.72 -11.23 -15.82
N ARG B 786 5.74 -11.74 -15.10
CA ARG B 786 5.45 -11.26 -13.75
C ARG B 786 6.66 -11.56 -12.85
N VAL B 787 6.76 -10.91 -11.70
CA VAL B 787 7.80 -11.25 -10.74
C VAL B 787 7.43 -12.61 -10.11
N THR B 788 6.12 -12.85 -9.95
CA THR B 788 5.59 -14.16 -9.51
C THR B 788 6.03 -15.28 -10.48
N ASP B 789 5.96 -15.01 -11.78
CA ASP B 789 6.40 -15.95 -12.80
C ASP B 789 7.83 -16.41 -12.56
N VAL B 790 8.69 -15.46 -12.17
CA VAL B 790 10.07 -15.72 -11.77
C VAL B 790 10.10 -16.49 -10.46
N GLU B 791 9.41 -15.98 -9.44
CA GLU B 791 9.31 -16.63 -8.13
C GLU B 791 8.90 -18.11 -8.24
N LEU B 792 7.90 -18.39 -9.07
CA LEU B 792 7.45 -19.76 -9.37
C LEU B 792 8.55 -20.61 -10.01
N ILE B 793 9.23 -20.07 -11.02
CA ILE B 793 10.19 -20.84 -11.83
C ILE B 793 11.59 -21.00 -11.20
N THR B 794 11.82 -20.39 -10.04
CA THR B 794 13.17 -20.35 -9.44
C THR B 794 13.22 -20.73 -7.96
N GLY B 795 12.07 -20.70 -7.30
CA GLY B 795 11.99 -20.97 -5.86
C GLY B 795 12.58 -19.87 -5.02
N LEU B 796 12.58 -18.65 -5.59
CA LEU B 796 13.01 -17.44 -4.90
C LEU B 796 11.79 -16.59 -4.50
N SER B 797 11.93 -15.83 -3.41
CA SER B 797 10.86 -14.97 -2.96
C SER B 797 11.40 -13.58 -2.70
N PHE B 798 10.97 -12.63 -3.53
CA PHE B 798 11.49 -11.27 -3.52
C PHE B 798 10.79 -10.31 -2.56
N TYR B 799 11.45 -9.18 -2.29
CA TYR B 799 10.87 -8.01 -1.59
C TYR B 799 10.23 -8.27 -0.22
N GLN B 800 10.63 -9.36 0.44
CA GLN B 800 10.01 -9.72 1.69
C GLN B 800 10.16 -8.65 2.76
N ASP B 801 11.36 -8.05 2.82
CA ASP B 801 11.69 -7.02 3.81
C ASP B 801 11.19 -5.63 3.47
N ARG B 802 10.71 -5.48 2.23
CA ARG B 802 10.09 -4.27 1.75
C ARG B 802 8.95 -3.84 2.68
N GLN B 803 8.88 -2.55 2.96
CA GLN B 803 7.94 -1.99 3.95
C GLN B 803 6.43 -2.10 3.60
N GLU B 804 6.11 -2.41 2.35
CA GLU B 804 4.73 -2.68 1.92
C GLU B 804 4.13 -3.91 2.62
N SER B 805 2.81 -3.97 2.77
CA SER B 805 2.14 -5.19 3.27
C SER B 805 2.24 -6.32 2.23
N VAL B 806 1.96 -7.57 2.64
CA VAL B 806 2.04 -8.74 1.75
C VAL B 806 1.12 -8.56 0.54
N SER B 807 -0.12 -8.18 0.85
CA SER B 807 -1.15 -7.94 -0.14
C SER B 807 -0.66 -6.99 -1.25
N GLU B 808 -0.11 -5.83 -0.84
CA GLU B 808 0.54 -4.84 -1.73
C GLU B 808 1.64 -5.44 -2.61
N LEU B 809 2.53 -6.21 -1.99
CA LEU B 809 3.64 -6.81 -2.70
C LEU B 809 3.15 -7.86 -3.70
N LEU B 810 2.11 -8.60 -3.32
CA LEU B 810 1.48 -9.58 -4.21
C LEU B 810 0.90 -8.97 -5.48
N ARG B 811 0.35 -7.76 -5.37
CA ARG B 811 -0.08 -6.97 -6.53
C ARG B 811 1.10 -6.55 -7.41
N LEU B 812 2.13 -5.99 -6.78
CA LEU B 812 3.37 -5.59 -7.47
C LEU B 812 3.99 -6.74 -8.23
N LYS B 813 4.06 -7.90 -7.58
CA LYS B 813 4.69 -9.08 -8.16
C LYS B 813 3.87 -9.74 -9.26
N THR B 814 2.60 -9.36 -9.39
CA THR B 814 1.74 -9.93 -10.43
C THR B 814 1.41 -8.96 -11.58
N HIS B 815 2.20 -7.90 -11.73
CA HIS B 815 1.93 -6.89 -12.76
C HIS B 815 2.64 -7.17 -14.09
N LEU B 816 1.88 -7.23 -15.17
CA LEU B 816 2.42 -7.16 -16.53
C LEU B 816 1.79 -6.00 -17.29
N PRO B 817 2.62 -5.14 -17.91
CA PRO B 817 2.06 -4.06 -18.72
C PRO B 817 1.48 -4.52 -20.05
N ILE B 818 0.49 -3.78 -20.51
CA ILE B 818 -0.20 -4.08 -21.75
C ILE B 818 0.59 -3.48 -22.92
N PHE B 819 0.81 -4.28 -23.98
CA PHE B 819 1.40 -3.75 -25.21
C PHE B 819 0.32 -3.00 -25.99
N SER B 820 0.72 -1.89 -26.62
CA SER B 820 -0.17 -0.95 -27.35
C SER B 820 -1.24 -0.34 -26.45
C1 NAG C . -6.65 11.06 23.29
C2 NAG C . -7.82 11.88 22.81
C3 NAG C . -8.79 12.13 23.97
C4 NAG C . -9.04 10.93 24.91
C5 NAG C . -7.84 9.97 25.02
C6 NAG C . -8.14 8.56 25.53
C7 NAG C . -7.61 13.56 21.05
C8 NAG C . -6.97 14.88 20.68
N2 NAG C . -7.31 13.13 22.27
O3 NAG C . -10.03 12.63 23.44
O4 NAG C . -9.27 11.44 26.23
O5 NAG C . -7.20 9.85 23.76
O6 NAG C . -9.39 8.07 25.01
O7 NAG C . -8.33 12.96 20.28
C1 NAG C . -10.44 10.88 26.83
C2 NAG C . -10.27 10.89 28.34
C3 NAG C . -11.55 10.37 28.98
C4 NAG C . -12.73 11.27 28.58
C5 NAG C . -12.86 11.31 27.04
C6 NAG C . -13.87 12.36 26.55
C7 NAG C . -7.91 10.76 29.10
C8 NAG C . -6.80 9.85 29.54
N2 NAG C . -9.08 10.17 28.79
O3 NAG C . -11.44 10.32 30.40
O4 NAG C . -13.93 10.79 29.20
O5 NAG C . -11.61 11.63 26.43
O6 NAG C . -13.33 13.68 26.68
O7 NAG C . -7.71 11.97 29.04
C1 BMA C . -14.46 11.79 30.08
C2 BMA C . -15.92 11.98 29.72
C3 BMA C . -16.58 13.06 30.58
C4 BMA C . -16.18 13.00 32.07
C5 BMA C . -14.77 12.46 32.38
C6 BMA C . -14.70 11.91 33.82
O2 BMA C . -16.62 10.75 29.90
O3 BMA C . -18.01 12.93 30.51
O4 BMA C . -16.30 14.30 32.65
O5 BMA C . -14.35 11.43 31.46
O6 BMA C . -13.41 11.35 34.12
C1 MAN C . -18.60 13.45 29.29
C2 MAN C . -19.92 14.19 29.60
C3 MAN C . -21.13 13.23 29.67
C4 MAN C . -21.14 12.16 28.57
C5 MAN C . -19.78 11.46 28.47
C6 MAN C . -19.79 10.38 27.38
O2 MAN C . -20.13 15.21 28.61
O3 MAN C . -22.36 13.96 29.62
O4 MAN C . -22.18 11.20 28.81
O5 MAN C . -18.75 12.45 28.27
O6 MAN C . -18.67 10.52 26.51
C1 NAG D . -1.18 -23.79 -11.42
C2 NAG D . 0.27 -24.25 -11.38
C3 NAG D . 0.35 -25.78 -11.53
C4 NAG D . -0.58 -26.57 -10.59
C5 NAG D . -1.96 -25.89 -10.41
C6 NAG D . -2.70 -26.35 -9.16
C7 NAG D . 2.01 -22.66 -12.12
C8 NAG D . 2.80 -22.19 -13.30
N2 NAG D . 1.12 -23.64 -12.39
O3 NAG D . 1.70 -26.16 -11.27
O4 NAG D . -0.76 -27.89 -11.11
O5 NAG D . -1.84 -24.46 -10.34
O6 NAG D . -1.98 -25.96 -7.98
O7 NAG D . 2.16 -22.16 -11.02
C1 NAG D . -0.51 -28.91 -10.11
C2 NAG D . -1.40 -30.11 -10.43
C3 NAG D . -1.04 -31.33 -9.59
C4 NAG D . 0.47 -31.65 -9.65
C5 NAG D . 1.25 -30.39 -9.22
C6 NAG D . 2.77 -30.52 -9.34
C7 NAG D . -3.62 -29.45 -11.29
C8 NAG D . -5.03 -29.12 -10.87
N2 NAG D . -2.80 -29.75 -10.27
O3 NAG D . -1.79 -32.48 -10.02
O4 NAG D . 0.76 -32.84 -8.88
O5 NAG D . 0.87 -29.26 -10.02
O6 NAG D . 3.14 -30.32 -10.71
O7 NAG D . -3.28 -29.42 -12.46
C1 BMA D . 1.42 -33.84 -9.72
C2 BMA D . 2.55 -34.53 -8.95
C3 BMA D . 3.26 -35.61 -9.80
C4 BMA D . 2.28 -36.50 -10.59
C5 BMA D . 1.22 -35.66 -11.30
C6 BMA D . 0.19 -36.50 -12.08
O2 BMA D . 2.06 -35.06 -7.71
O3 BMA D . 4.15 -36.44 -9.03
O4 BMA D . 3.01 -37.33 -11.51
O5 BMA D . 0.55 -34.81 -10.36
O6 BMA D . -0.66 -37.24 -11.20
C1 MAN D . 5.43 -35.81 -8.78
C2 MAN D . 6.63 -36.70 -9.19
C3 MAN D . 7.18 -37.59 -8.06
C4 MAN D . 7.16 -36.92 -6.67
C5 MAN D . 5.79 -36.26 -6.42
C6 MAN D . 5.69 -35.58 -5.05
O2 MAN D . 7.68 -35.87 -9.72
O3 MAN D . 8.53 -38.00 -8.34
O4 MAN D . 7.45 -37.92 -5.68
O5 MAN D . 5.54 -35.29 -7.44
O6 MAN D . 4.29 -35.36 -4.77
C1 NAG E . -1.60 26.53 48.14
C2 NAG E . -2.13 27.29 49.37
C3 NAG E . -1.07 28.20 50.00
C4 NAG E . 0.38 27.71 49.98
C5 NAG E . 0.73 26.99 48.67
C6 NAG E . 2.11 26.32 48.71
C7 NAG E . -4.49 27.93 48.90
C8 NAG E . -5.34 29.13 48.59
N2 NAG E . -3.21 28.22 49.05
O3 NAG E . -1.46 28.53 51.34
O4 NAG E . 1.25 28.85 50.15
O5 NAG E . -0.27 26.01 48.38
O6 NAG E . 2.07 25.16 49.54
O7 NAG E . -4.97 26.80 49.01
C1 NAG F . 23.57 5.38 42.96
C2 NAG F . 23.84 5.49 44.47
C3 NAG F . 25.37 5.54 44.72
C4 NAG F . 26.09 4.34 44.08
C5 NAG F . 25.68 4.17 42.60
C6 NAG F . 26.23 2.89 41.97
C7 NAG F . 22.02 6.54 45.75
C8 NAG F . 21.47 7.84 46.27
N2 NAG F . 23.17 6.64 45.05
O3 NAG F . 25.67 5.63 46.12
O4 NAG F . 27.52 4.45 44.25
O5 NAG F . 24.25 4.22 42.43
O6 NAG F . 25.57 1.74 42.53
O7 NAG F . 21.46 5.47 45.94
ZN ZN G . 14.95 14.48 27.27
ZN ZN H . 17.17 17.45 27.74
CA CA I . -14.90 18.94 21.78
CL CL J . 10.82 6.25 2.67
O27 IJE K . 15.67 18.72 29.28
P24 IJE K . 15.42 17.26 29.62
O25 IJE K . 14.00 17.31 30.14
O26 IJE K . 15.53 16.25 28.44
C23 IJE K . 16.53 16.83 30.99
C22 IJE K . 16.77 15.32 31.10
C19 IJE K . 16.60 14.80 32.53
C18 IJE K . 15.12 14.54 32.78
C17 IJE K . 14.86 13.76 34.06
C20 IJE K . 17.45 13.53 32.67
C21 IJE K . 17.09 12.67 33.90
N16 IJE K . 15.64 12.55 33.94
C11 IJE K . 14.99 11.30 33.85
C2 IJE K . 14.22 10.74 34.98
N12 IJE K . 15.05 10.57 32.72
C13 IJE K . 14.45 9.37 32.61
N14 IJE K . 13.74 8.79 33.57
C3 IJE K . 13.58 9.42 34.74
C4 IJE K . 12.84 8.81 35.72
C5 IJE K . 12.70 9.45 36.93
O9 IJE K . 11.94 8.79 37.84
C10 IJE K . 10.90 8.03 37.20
C6 IJE K . 13.32 10.79 37.18
C1 IJE K . 14.07 11.40 36.17
O7 IJE K . 13.18 11.41 38.39
C8 IJE K . 13.97 12.57 38.64
ZN ZN L . -15.70 -15.29 -25.59
ZN ZN M . -15.70 -15.26 -29.67
CA CA N . 9.50 -27.63 -13.37
#